data_8HZV
#
_entry.id   8HZV
#
_cell.length_a   69.186
_cell.length_b   140.790
_cell.length_c   116.021
_cell.angle_alpha   90.000
_cell.angle_beta   96.279
_cell.angle_gamma   90.000
#
_symmetry.space_group_name_H-M   'P 1 21 1'
#
loop_
_entity.id
_entity.type
_entity.pdbx_description
1 polymer 'Radical S-Adenosyl-L-methionine Enzyme DesII'
2 non-polymer 'IRON/SULFUR CLUSTER'
3 non-polymer S-ADENOSYLMETHIONINE
4 non-polymer METHIONINE
5 non-polymer 'SULFATE ION'
6 non-polymer GLYCEROL
7 non-polymer 'SODIUM ION'
8 water water
#
_entity_poly.entity_id   1
_entity_poly.type   'polypeptide(L)'
_entity_poly.pdbx_seq_one_letter_code
;MTAPALSATAPAERCAHPGADLGAAVHAVGQTLAAGGLVPPDEAGTTARHLVRLAVRYGNSPFTPLEEARHDLGVDRDAF
RRLLALFGQVPELRTAVETGPAGAYWKNTLLPLEQRGVFDAALARKPVFPYSVGLYPGPTCMFRCHFCVRVTGARYDPSA
LDAGNAMFRSVIDEIPAGNPSAMYFSGGLEPLTNPGLGSLAAHATDHGLRPTVYTNSFALTERTLERQPGLWGLHAIRTS
LYGLNDEEYEQTTGKKAAFRRVRENLRRFQQLRAERESPINLGFAYIVLPGRASRLLDLVDFIADLNDAGQGRTIDFVNI
REDYSGRDDGKLPQEERAELQEALNAFEERVRERTPGLHIDYGYALNSLRTGADAELLRIKPATMRPTAHPQVAVQVDLL
GDVYLYREAGFPDLDGATRYIAGRVTPDTSLTEVVRDFVERGGEVAAVDGDEYFMDGFDQVVTARLNQLERDAADGWEEA
RGFLRLEHHHHHH
;
_entity_poly.pdbx_strand_id   A,B,C,D
#
loop_
_chem_comp.id
_chem_comp.type
_chem_comp.name
_chem_comp.formula
GOL non-polymer GLYCEROL 'C3 H8 O3'
NA non-polymer 'SODIUM ION' 'Na 1'
SAM non-polymer S-ADENOSYLMETHIONINE 'C15 H22 N6 O5 S'
SF4 non-polymer 'IRON/SULFUR CLUSTER' 'Fe4 S4'
SO4 non-polymer 'SULFATE ION' 'O4 S -2'
#
# COMPACT_ATOMS: atom_id res chain seq x y z
N ALA A 8 5.42 1.91 8.08
CA ALA A 8 6.70 1.65 7.41
C ALA A 8 7.57 2.90 7.44
N THR A 9 8.55 2.90 8.35
CA THR A 9 9.38 4.07 8.59
C THR A 9 10.84 3.68 8.62
N ALA A 10 11.70 4.65 8.32
CA ALA A 10 13.13 4.43 8.39
C ALA A 10 13.56 4.26 9.85
N PRO A 11 14.49 3.35 10.14
CA PRO A 11 14.90 3.15 11.54
C PRO A 11 15.50 4.39 12.18
N ALA A 12 16.39 5.09 11.48
CA ALA A 12 17.08 6.23 12.09
C ALA A 12 16.14 7.40 12.37
N GLU A 13 14.98 7.47 11.70
CA GLU A 13 14.03 8.55 11.93
C GLU A 13 13.15 8.31 13.15
N ARG A 14 13.10 7.08 13.66
CA ARG A 14 12.27 6.73 14.81
C ARG A 14 13.10 6.41 16.06
N CYS A 15 14.39 6.74 16.04
CA CYS A 15 15.33 6.23 17.04
C CYS A 15 15.20 6.91 18.40
N ALA A 16 14.25 7.83 18.59
CA ALA A 16 14.08 8.49 19.87
C ALA A 16 12.88 7.97 20.66
N HIS A 17 12.00 7.19 20.05
CA HIS A 17 10.81 6.71 20.73
C HIS A 17 11.13 5.47 21.58
N PRO A 18 10.31 5.18 22.58
CA PRO A 18 10.57 4.01 23.44
C PRO A 18 10.57 2.72 22.63
N GLY A 19 11.51 1.84 22.99
CA GLY A 19 11.60 0.54 22.33
C GLY A 19 12.15 0.55 20.92
N ALA A 20 12.89 1.59 20.55
CA ALA A 20 13.46 1.66 19.21
C ALA A 20 14.77 0.89 19.12
N ASP A 21 14.95 0.18 18.02
CA ASP A 21 16.18 -0.57 17.77
C ASP A 21 17.32 0.41 17.51
N LEU A 22 18.09 0.72 18.55
CA LEU A 22 19.19 1.66 18.39
C LEU A 22 20.29 1.10 17.51
N GLY A 23 20.47 -0.22 17.50
CA GLY A 23 21.48 -0.81 16.64
C GLY A 23 21.18 -0.64 15.16
N ALA A 24 19.92 -0.85 14.78
CA ALA A 24 19.54 -0.64 13.39
C ALA A 24 19.69 0.82 12.98
N ALA A 25 19.54 1.75 13.93
CA ALA A 25 19.68 3.16 13.62
C ALA A 25 21.15 3.56 13.48
N VAL A 26 22.01 3.07 14.37
CA VAL A 26 23.44 3.36 14.26
C VAL A 26 23.99 2.82 12.95
N HIS A 27 23.48 1.67 12.51
CA HIS A 27 23.93 1.08 11.25
C HIS A 27 23.52 1.96 10.06
N ALA A 28 22.26 2.37 10.01
CA ALA A 28 21.80 3.20 8.91
C ALA A 28 22.50 4.55 8.90
N VAL A 29 22.72 5.14 10.09
CA VAL A 29 23.46 6.40 10.16
C VAL A 29 24.90 6.20 9.74
N GLY A 30 25.54 5.12 10.20
CA GLY A 30 26.92 4.88 9.83
C GLY A 30 27.12 4.74 8.33
N GLN A 31 26.15 4.13 7.65
CA GLN A 31 26.22 4.01 6.20
C GLN A 31 26.04 5.37 5.53
N THR A 32 25.17 6.23 6.09
CA THR A 32 24.99 7.57 5.54
C THR A 32 26.29 8.36 5.63
N LEU A 33 26.99 8.27 6.76
CA LEU A 33 28.25 9.00 6.92
C LEU A 33 29.32 8.45 5.99
N ALA A 34 29.39 7.13 5.83
CA ALA A 34 30.43 6.54 4.99
C ALA A 34 30.16 6.82 3.52
N ALA A 35 28.93 6.60 3.07
CA ALA A 35 28.60 6.81 1.66
C ALA A 35 28.78 8.28 1.27
N GLY A 36 28.41 9.20 2.18
CA GLY A 36 28.60 10.61 1.92
C GLY A 36 30.02 11.11 2.04
N GLY A 37 30.97 10.24 2.41
CA GLY A 37 32.34 10.68 2.57
C GLY A 37 32.60 11.55 3.78
N LEU A 38 31.60 11.72 4.65
CA LEU A 38 31.76 12.62 5.80
C LEU A 38 32.73 12.05 6.82
N VAL A 39 32.67 10.74 7.07
CA VAL A 39 33.54 10.07 8.03
C VAL A 39 34.22 8.92 7.30
N PRO A 40 35.53 8.74 7.43
CA PRO A 40 36.19 7.58 6.83
C PRO A 40 35.56 6.28 7.32
N PRO A 41 35.46 5.27 6.45
CA PRO A 41 34.60 4.11 6.77
C PRO A 41 34.94 3.40 8.08
N ASP A 42 36.20 3.42 8.52
CA ASP A 42 36.56 2.69 9.72
C ASP A 42 36.00 3.35 10.98
N GLU A 43 35.74 4.65 10.95
CA GLU A 43 35.18 5.36 12.10
C GLU A 43 33.71 5.67 11.93
N ALA A 44 33.08 5.23 10.85
CA ALA A 44 31.65 5.48 10.65
C ALA A 44 30.82 4.90 11.79
N GLY A 45 31.21 3.72 12.29
CA GLY A 45 30.44 3.11 13.36
C GLY A 45 30.55 3.85 14.67
N THR A 46 31.74 4.34 15.00
CA THR A 46 31.93 5.04 16.27
C THR A 46 31.11 6.32 16.32
N THR A 47 31.29 7.21 15.34
CA THR A 47 30.61 8.50 15.37
C THR A 47 29.10 8.33 15.19
N ALA A 48 28.67 7.33 14.41
CA ALA A 48 27.24 7.08 14.27
C ALA A 48 26.58 6.76 15.60
N ARG A 49 27.36 6.18 16.53
CA ARG A 49 26.82 5.90 17.86
C ARG A 49 26.68 7.19 18.67
N HIS A 50 27.67 8.07 18.59
CA HIS A 50 27.55 9.37 19.24
C HIS A 50 26.40 10.17 18.66
N LEU A 51 26.25 10.17 17.33
CA LEU A 51 25.21 10.95 16.68
C LEU A 51 23.82 10.43 17.06
N VAL A 52 23.65 9.11 17.11
CA VAL A 52 22.35 8.55 17.48
C VAL A 52 22.03 8.87 18.93
N ARG A 53 23.03 8.83 19.82
CA ARG A 53 22.80 9.15 21.21
C ARG A 53 22.34 10.60 21.38
N LEU A 54 22.92 11.52 20.61
CA LEU A 54 22.50 12.91 20.66
C LEU A 54 21.05 13.06 20.21
N ALA A 55 20.64 12.30 19.18
CA ALA A 55 19.28 12.40 18.68
C ALA A 55 18.28 11.80 19.66
N VAL A 56 18.66 10.75 20.38
CA VAL A 56 17.80 10.19 21.41
C VAL A 56 17.56 11.21 22.52
N ARG A 57 18.63 11.90 22.94
CA ARG A 57 18.53 12.82 24.06
C ARG A 57 17.64 14.02 23.72
N TYR A 58 17.93 14.71 22.61
CA TYR A 58 17.17 15.90 22.26
C TYR A 58 15.82 15.58 21.66
N GLY A 59 15.61 14.34 21.21
CA GLY A 59 14.28 13.88 20.87
C GLY A 59 13.38 13.62 22.07
N ASN A 60 13.90 13.77 23.29
CA ASN A 60 13.15 13.55 24.52
C ASN A 60 13.26 14.72 25.48
N SER A 61 14.43 15.33 25.61
CA SER A 61 14.67 16.48 26.48
C SER A 61 15.24 17.61 25.64
N PRO A 62 14.38 18.43 25.01
CA PRO A 62 14.88 19.43 24.06
C PRO A 62 15.68 20.56 24.70
N PHE A 63 15.61 20.75 26.01
CA PHE A 63 16.27 21.87 26.66
C PHE A 63 17.61 21.50 27.28
N THR A 64 18.11 20.29 27.03
CA THR A 64 19.34 19.83 27.68
C THR A 64 20.52 20.71 27.27
N PRO A 65 21.24 21.30 28.22
CA PRO A 65 22.42 22.10 27.86
C PRO A 65 23.47 21.25 27.15
N LEU A 66 24.18 21.88 26.22
CA LEU A 66 25.12 21.15 25.38
C LEU A 66 26.22 20.50 26.21
N GLU A 67 26.66 21.18 27.28
CA GLU A 67 27.72 20.64 28.11
C GLU A 67 27.29 19.35 28.81
N GLU A 68 26.01 19.24 29.16
CA GLU A 68 25.52 18.00 29.74
C GLU A 68 25.51 16.86 28.72
N ALA A 69 25.12 17.17 27.48
CA ALA A 69 25.15 16.15 26.44
C ALA A 69 26.57 15.74 26.07
N ARG A 70 27.52 16.67 26.16
CA ARG A 70 28.92 16.32 25.92
C ARG A 70 29.46 15.46 27.06
N HIS A 71 29.12 15.80 28.31
CA HIS A 71 29.54 14.98 29.43
C HIS A 71 29.01 13.55 29.29
N ASP A 72 27.77 13.40 28.85
CA ASP A 72 27.20 12.06 28.67
C ASP A 72 27.93 11.29 27.58
N LEU A 73 28.44 11.99 26.55
CA LEU A 73 29.25 11.34 25.54
C LEU A 73 30.67 11.10 26.02
N GLY A 74 31.12 11.82 27.05
CA GLY A 74 32.48 11.69 27.55
C GLY A 74 33.49 11.99 26.47
N VAL A 75 33.42 13.19 25.90
CA VAL A 75 34.10 13.52 24.66
C VAL A 75 34.68 14.92 24.76
N ASP A 76 35.83 15.12 24.10
CA ASP A 76 36.52 16.40 24.08
C ASP A 76 35.65 17.48 23.42
N ARG A 77 35.95 18.74 23.75
CA ARG A 77 35.21 19.86 23.15
C ARG A 77 35.35 19.88 21.64
N ASP A 78 36.57 19.71 21.13
CA ASP A 78 36.79 19.72 19.68
C ASP A 78 36.02 18.58 19.01
N ALA A 79 36.00 17.41 19.63
CA ALA A 79 35.27 16.28 19.05
C ALA A 79 33.77 16.46 19.15
N PHE A 80 33.29 17.18 20.16
CA PHE A 80 31.88 17.53 20.22
C PHE A 80 31.53 18.54 19.12
N ARG A 81 32.42 19.50 18.86
CA ARG A 81 32.19 20.44 17.78
C ARG A 81 32.08 19.73 16.43
N ARG A 82 32.89 18.68 16.24
CA ARG A 82 32.82 17.90 15.00
C ARG A 82 31.50 17.11 14.93
N LEU A 83 31.03 16.61 16.07
CA LEU A 83 29.78 15.85 16.07
C LEU A 83 28.58 16.77 15.80
N LEU A 84 28.61 17.98 16.35
CA LEU A 84 27.54 18.93 16.06
C LEU A 84 27.47 19.27 14.58
N ALA A 85 28.63 19.49 13.95
CA ALA A 85 28.66 19.73 12.52
C ALA A 85 28.21 18.49 11.74
N LEU A 86 28.72 17.32 12.13
CA LEU A 86 28.31 16.08 11.47
C LEU A 86 26.82 15.82 11.63
N PHE A 87 26.24 16.19 12.78
CA PHE A 87 24.81 15.99 12.99
C PHE A 87 23.99 16.71 11.93
N GLY A 88 24.45 17.88 11.49
CA GLY A 88 23.74 18.64 10.47
C GLY A 88 23.72 17.97 9.10
N GLN A 89 24.64 17.04 8.85
CA GLN A 89 24.71 16.36 7.56
C GLN A 89 23.87 15.08 7.51
N VAL A 90 23.21 14.72 8.60
CA VAL A 90 22.43 13.48 8.66
C VAL A 90 20.96 13.82 8.84
N PRO A 91 20.23 14.10 7.76
CA PRO A 91 18.85 14.60 7.90
C PRO A 91 17.91 13.64 8.59
N GLU A 92 18.21 12.35 8.64
CA GLU A 92 17.32 11.41 9.33
C GLU A 92 17.35 11.61 10.83
N LEU A 93 18.48 12.06 11.37
CA LEU A 93 18.58 12.30 12.80
C LEU A 93 17.87 13.59 13.20
N ARG A 94 17.92 14.61 12.34
CA ARG A 94 17.11 15.80 12.56
C ARG A 94 15.63 15.43 12.60
N THR A 95 15.20 14.55 11.71
CA THR A 95 13.83 14.06 11.72
C THR A 95 13.52 13.32 13.01
N ALA A 96 14.47 12.52 13.51
CA ALA A 96 14.26 11.78 14.75
C ALA A 96 14.05 12.72 15.93
N VAL A 97 14.74 13.87 15.93
CA VAL A 97 14.56 14.84 17.00
C VAL A 97 13.22 15.56 16.84
N GLU A 98 12.97 16.11 15.65
CA GLU A 98 11.79 16.93 15.42
C GLU A 98 10.51 16.11 15.55
N THR A 99 10.57 14.81 15.32
CA THR A 99 9.39 13.96 15.37
C THR A 99 9.44 12.95 16.50
N GLY A 100 10.42 13.05 17.39
CA GLY A 100 10.51 12.18 18.54
C GLY A 100 9.42 12.47 19.56
N PRO A 101 9.53 11.85 20.74
CA PRO A 101 8.53 12.12 21.80
C PRO A 101 8.37 13.60 22.13
N ALA A 102 9.49 14.34 22.20
CA ALA A 102 9.44 15.76 22.50
C ALA A 102 9.30 16.62 21.24
N GLY A 103 8.76 16.06 20.16
CA GLY A 103 8.74 16.76 18.89
C GLY A 103 7.81 17.95 18.86
N ALA A 104 6.77 17.93 19.71
CA ALA A 104 5.87 19.08 19.75
C ALA A 104 6.61 20.35 20.15
N TYR A 105 7.59 20.21 21.06
CA TYR A 105 8.43 21.36 21.42
C TYR A 105 9.11 21.95 20.19
N TRP A 106 9.76 21.11 19.39
CA TRP A 106 10.55 21.60 18.27
C TRP A 106 9.67 22.19 17.19
N LYS A 107 8.64 21.45 16.76
CA LYS A 107 7.88 21.84 15.58
C LYS A 107 6.87 22.96 15.85
N ASN A 108 6.31 23.01 17.06
CA ASN A 108 5.25 23.97 17.34
C ASN A 108 5.78 25.31 17.85
N THR A 109 6.90 25.32 18.57
CA THR A 109 7.33 26.55 19.23
C THR A 109 8.80 26.87 19.00
N LEU A 110 9.68 25.91 19.24
CA LEU A 110 11.12 26.19 19.28
C LEU A 110 11.65 26.61 17.93
N LEU A 111 11.50 25.75 16.92
CA LEU A 111 12.05 26.04 15.59
C LEU A 111 11.32 27.18 14.87
N PRO A 112 9.98 27.24 14.91
CA PRO A 112 9.31 28.39 14.27
C PRO A 112 9.76 29.73 14.83
N LEU A 113 9.98 29.81 16.14
CA LEU A 113 10.42 31.07 16.74
C LEU A 113 11.89 31.33 16.46
N GLU A 114 12.73 30.29 16.49
CA GLU A 114 14.16 30.47 16.21
C GLU A 114 14.36 30.97 14.79
N GLN A 115 13.63 30.39 13.83
CA GLN A 115 13.83 30.75 12.42
C GLN A 115 13.45 32.20 12.16
N ARG A 116 12.41 32.69 12.83
CA ARG A 116 12.00 34.08 12.68
C ARG A 116 12.87 35.06 13.48
N GLY A 117 13.88 34.56 14.19
CA GLY A 117 14.76 35.42 14.96
C GLY A 117 14.19 35.93 16.26
N VAL A 118 13.05 35.40 16.70
CA VAL A 118 12.41 35.91 17.91
C VAL A 118 13.25 35.63 19.14
N PHE A 119 13.79 34.40 19.26
CA PHE A 119 14.64 34.08 20.40
C PHE A 119 15.92 34.91 20.40
N ASP A 120 16.46 35.20 19.21
CA ASP A 120 17.66 36.03 19.13
C ASP A 120 17.40 37.43 19.67
N ALA A 121 16.24 38.01 19.31
CA ALA A 121 15.95 39.37 19.76
C ALA A 121 15.83 39.44 21.28
N ALA A 122 15.26 38.41 21.90
CA ALA A 122 15.16 38.38 23.35
C ALA A 122 16.50 38.04 23.99
N LEU A 123 17.27 37.16 23.35
CA LEU A 123 18.57 36.77 23.87
C LEU A 123 19.53 37.96 23.91
N ALA A 124 19.39 38.90 22.99
CA ALA A 124 20.25 40.08 22.93
C ALA A 124 19.67 41.28 23.67
N ARG A 125 18.52 41.13 24.31
CA ARG A 125 17.91 42.18 25.12
C ARG A 125 17.72 43.47 24.31
N LYS A 126 17.34 43.31 23.04
CA LYS A 126 17.18 44.42 22.11
C LYS A 126 15.72 44.84 22.01
N PRO A 127 15.47 46.15 21.84
CA PRO A 127 14.07 46.63 21.77
C PRO A 127 13.44 46.38 20.40
N VAL A 128 12.59 45.36 20.33
CA VAL A 128 11.91 44.99 19.10
C VAL A 128 10.41 44.91 19.38
N PHE A 129 9.61 44.95 18.33
CA PHE A 129 8.18 44.83 18.51
C PHE A 129 7.82 43.38 18.87
N PRO A 130 6.93 43.18 19.85
CA PRO A 130 6.60 41.81 20.29
C PRO A 130 6.11 40.94 19.13
N TYR A 131 6.60 39.70 19.09
CA TYR A 131 6.23 38.80 18.01
C TYR A 131 4.79 38.32 18.15
N SER A 132 4.29 38.20 19.38
CA SER A 132 2.93 37.77 19.64
C SER A 132 2.29 38.75 20.61
N VAL A 133 1.32 39.52 20.13
CA VAL A 133 0.62 40.49 20.95
C VAL A 133 -0.76 39.91 21.29
N GLY A 134 -1.04 39.78 22.58
CA GLY A 134 -2.32 39.30 23.04
C GLY A 134 -3.18 40.44 23.55
N LEU A 135 -4.39 40.53 23.02
CA LEU A 135 -5.34 41.57 23.38
C LEU A 135 -6.42 40.95 24.24
N TYR A 136 -6.61 41.50 25.44
CA TYR A 136 -7.57 40.97 26.41
C TYR A 136 -8.76 41.92 26.53
N PRO A 137 -9.77 41.82 25.66
CA PRO A 137 -10.83 42.82 25.62
C PRO A 137 -11.98 42.58 26.59
N GLY A 138 -12.06 41.42 27.22
CA GLY A 138 -13.20 41.09 28.04
C GLY A 138 -13.17 41.78 29.39
N PRO A 139 -14.29 42.43 29.75
CA PRO A 139 -14.38 43.05 31.07
C PRO A 139 -14.79 42.09 32.18
N THR A 140 -15.43 40.96 31.86
CA THR A 140 -15.91 40.04 32.89
C THR A 140 -15.93 38.63 32.33
N CYS A 141 -16.39 37.70 33.16
CA CYS A 141 -16.61 36.33 32.74
C CYS A 141 -17.69 35.71 33.61
N MET A 142 -18.47 34.79 33.03
CA MET A 142 -19.56 34.13 33.74
C MET A 142 -19.23 32.70 34.13
N PHE A 143 -18.00 32.25 33.93
CA PHE A 143 -17.53 30.97 34.41
C PHE A 143 -16.59 31.17 35.60
N ARG A 144 -16.43 30.10 36.39
CA ARG A 144 -15.49 30.09 37.51
C ARG A 144 -14.72 28.76 37.43
N CYS A 145 -13.87 28.66 36.42
CA CYS A 145 -13.09 27.43 36.19
C CYS A 145 -12.09 27.25 37.32
N HIS A 146 -12.01 26.03 37.86
CA HIS A 146 -11.13 25.79 39.00
C HIS A 146 -9.66 25.94 38.64
N PHE A 147 -9.29 25.79 37.38
CA PHE A 147 -7.90 25.91 36.95
C PHE A 147 -7.52 27.32 36.51
N CYS A 148 -8.47 28.25 36.43
CA CYS A 148 -8.17 29.61 36.03
C CYS A 148 -7.76 30.45 37.25
N VAL A 149 -6.81 31.37 37.02
CA VAL A 149 -6.31 32.22 38.10
C VAL A 149 -7.14 33.47 38.32
N ARG A 150 -8.21 33.66 37.55
CA ARG A 150 -9.06 34.84 37.73
C ARG A 150 -9.71 34.82 39.12
N VAL A 151 -9.87 36.01 39.68
CA VAL A 151 -10.44 36.17 41.01
C VAL A 151 -11.95 36.33 40.88
N THR A 152 -12.70 35.48 41.58
CA THR A 152 -14.15 35.54 41.54
C THR A 152 -14.65 36.93 41.90
N GLY A 153 -15.53 37.48 41.08
CA GLY A 153 -16.11 38.79 41.29
C GLY A 153 -15.38 39.94 40.63
N ALA A 154 -14.07 39.80 40.41
CA ALA A 154 -13.28 40.90 39.88
C ALA A 154 -13.63 41.17 38.42
N ARG A 155 -13.83 42.44 38.08
CA ARG A 155 -14.28 42.84 36.75
C ARG A 155 -13.73 44.21 36.43
N TYR A 156 -13.74 44.54 35.13
CA TYR A 156 -13.39 45.89 34.69
C TYR A 156 -14.61 46.79 34.72
N ASP A 157 -14.36 48.09 34.86
CA ASP A 157 -15.45 49.06 34.89
C ASP A 157 -16.21 49.04 33.57
N PRO A 158 -17.54 48.85 33.58
CA PRO A 158 -18.30 48.94 32.32
C PRO A 158 -18.14 50.26 31.61
N SER A 159 -17.91 51.36 32.35
CA SER A 159 -17.74 52.66 31.73
C SER A 159 -16.36 52.86 31.11
N ALA A 160 -15.53 51.83 31.09
CA ALA A 160 -14.20 51.90 30.51
C ALA A 160 -14.14 51.27 29.13
N LEU A 161 -15.28 50.83 28.58
CA LEU A 161 -15.25 50.06 27.34
C LEU A 161 -14.88 50.92 26.14
N ASP A 162 -15.48 52.12 26.05
CA ASP A 162 -15.28 52.96 24.87
C ASP A 162 -13.80 53.36 24.74
N ALA A 163 -13.23 53.92 25.81
CA ALA A 163 -11.82 54.29 25.77
C ALA A 163 -10.93 53.06 25.60
N GLY A 164 -11.33 51.92 26.17
CA GLY A 164 -10.54 50.71 26.01
C GLY A 164 -10.53 50.20 24.58
N ASN A 165 -11.70 50.15 23.95
CA ASN A 165 -11.77 49.71 22.56
C ASN A 165 -11.09 50.69 21.63
N ALA A 166 -11.12 51.99 21.95
CA ALA A 166 -10.35 52.96 21.17
C ALA A 166 -8.86 52.75 21.34
N MET A 167 -8.42 52.43 22.56
CA MET A 167 -7.02 52.08 22.76
C MET A 167 -6.64 50.82 21.99
N PHE A 168 -7.55 49.83 21.97
CA PHE A 168 -7.26 48.58 21.27
C PHE A 168 -7.07 48.81 19.77
N ARG A 169 -7.84 49.74 19.19
CA ARG A 169 -7.71 50.03 17.77
C ARG A 169 -6.33 50.61 17.46
N SER A 170 -5.84 51.51 18.31
CA SER A 170 -4.53 52.12 18.09
C SER A 170 -3.41 51.10 18.20
N VAL A 171 -3.55 50.11 19.08
CA VAL A 171 -2.54 49.05 19.19
C VAL A 171 -2.53 48.21 17.92
N ILE A 172 -3.72 47.88 17.40
CA ILE A 172 -3.81 47.15 16.13
C ILE A 172 -3.16 47.93 15.01
N ASP A 173 -3.24 49.26 15.04
CA ASP A 173 -2.56 50.08 14.04
C ASP A 173 -1.06 49.87 14.07
N GLU A 174 -0.51 49.50 15.22
CA GLU A 174 0.93 49.28 15.35
C GLU A 174 1.37 47.92 14.83
N ILE A 175 0.48 46.95 14.76
CA ILE A 175 0.85 45.57 14.44
C ILE A 175 1.36 45.51 13.00
N PRO A 176 2.63 45.13 12.79
CA PRO A 176 3.15 45.05 11.43
C PRO A 176 2.52 43.89 10.67
N ALA A 177 2.14 44.16 9.43
CA ALA A 177 1.66 43.09 8.56
C ALA A 177 2.82 42.19 8.15
N GLY A 178 2.48 41.11 7.44
CA GLY A 178 3.42 40.07 7.10
C GLY A 178 3.26 38.82 7.93
N ASN A 179 2.77 38.95 9.15
CA ASN A 179 2.36 37.81 9.97
C ASN A 179 0.86 37.94 10.23
N PRO A 180 0.03 37.08 9.64
CA PRO A 180 -1.42 37.19 9.89
C PRO A 180 -1.83 36.77 11.29
N SER A 181 -0.98 36.03 12.01
CA SER A 181 -1.31 35.57 13.36
C SER A 181 -0.49 36.30 14.41
N ALA A 182 -0.04 37.53 14.11
CA ALA A 182 0.76 38.28 15.07
C ALA A 182 -0.07 38.71 16.28
N MET A 183 -1.36 39.00 16.08
CA MET A 183 -2.25 39.40 17.15
C MET A 183 -3.33 38.35 17.32
N TYR A 184 -3.81 38.22 18.56
CA TYR A 184 -4.94 37.35 18.84
C TYR A 184 -5.80 37.99 19.92
N PHE A 185 -7.09 37.67 19.88
CA PHE A 185 -8.04 38.08 20.92
C PHE A 185 -8.22 36.89 21.85
N SER A 186 -7.70 37.00 23.06
CA SER A 186 -7.95 36.00 24.08
C SER A 186 -8.34 36.72 25.35
N GLY A 187 -7.78 36.33 26.48
CA GLY A 187 -8.04 37.10 27.66
C GLY A 187 -7.36 36.52 28.87
N GLY A 188 -7.38 37.32 29.93
CA GLY A 188 -7.56 36.78 31.24
C GLY A 188 -9.02 36.38 31.30
N LEU A 189 -9.91 37.32 31.00
CA LEU A 189 -11.35 37.10 31.11
C LEU A 189 -11.93 36.68 29.75
N GLU A 190 -13.25 36.81 29.58
CA GLU A 190 -13.93 36.29 28.40
C GLU A 190 -14.13 37.40 27.39
N PRO A 191 -13.55 37.30 26.19
CA PRO A 191 -13.59 38.44 25.26
C PRO A 191 -14.97 38.76 24.71
N LEU A 192 -15.87 37.77 24.62
CA LEU A 192 -17.20 38.03 24.08
C LEU A 192 -18.07 38.86 25.00
N THR A 193 -17.64 39.12 26.24
CA THR A 193 -18.37 40.05 27.09
C THR A 193 -18.08 41.50 26.73
N ASN A 194 -17.10 41.75 25.86
CA ASN A 194 -16.91 43.09 25.31
C ASN A 194 -17.85 43.27 24.13
N PRO A 195 -18.80 44.21 24.20
CA PRO A 195 -19.77 44.36 23.10
C PRO A 195 -19.14 44.80 21.79
N GLY A 196 -17.93 45.35 21.82
CA GLY A 196 -17.30 45.83 20.61
C GLY A 196 -16.18 44.94 20.10
N LEU A 197 -16.23 43.65 20.45
CA LEU A 197 -15.21 42.74 19.97
C LEU A 197 -15.28 42.56 18.45
N GLY A 198 -16.50 42.49 17.91
CA GLY A 198 -16.65 42.41 16.47
C GLY A 198 -16.10 43.63 15.75
N SER A 199 -16.21 44.80 16.37
CA SER A 199 -15.58 45.98 15.81
C SER A 199 -14.07 45.88 15.84
N LEU A 200 -13.52 45.33 16.93
CA LEU A 200 -12.08 45.12 17.00
C LEU A 200 -11.62 44.14 15.94
N ALA A 201 -12.42 43.09 15.69
CA ALA A 201 -12.07 42.14 14.64
C ALA A 201 -12.08 42.79 13.28
N ALA A 202 -13.07 43.66 13.01
CA ALA A 202 -13.14 44.32 11.72
C ALA A 202 -11.98 45.28 11.52
N HIS A 203 -11.58 46.00 12.56
CA HIS A 203 -10.47 46.93 12.45
C HIS A 203 -9.16 46.22 12.17
N ALA A 204 -9.01 44.98 12.65
CA ALA A 204 -7.79 44.22 12.43
C ALA A 204 -7.76 43.58 11.05
N THR A 205 -8.91 43.07 10.59
CA THR A 205 -8.97 42.50 9.25
C THR A 205 -8.80 43.60 8.19
N ASP A 206 -9.35 44.78 8.45
CA ASP A 206 -9.09 45.94 7.61
C ASP A 206 -7.62 46.36 7.66
N HIS A 207 -6.90 45.96 8.69
CA HIS A 207 -5.48 46.24 8.82
C HIS A 207 -4.61 45.20 8.11
N GLY A 208 -5.19 44.08 7.70
CA GLY A 208 -4.45 43.01 7.08
C GLY A 208 -4.14 41.82 7.96
N LEU A 209 -4.76 41.74 9.13
CA LEU A 209 -4.54 40.63 10.05
C LEU A 209 -5.66 39.61 9.93
N ARG A 210 -5.36 38.38 10.36
CA ARG A 210 -6.34 37.29 10.39
C ARG A 210 -6.32 36.71 11.80
N PRO A 211 -6.92 37.41 12.76
CA PRO A 211 -6.79 37.00 14.16
C PRO A 211 -7.77 35.89 14.53
N THR A 212 -7.42 35.18 15.60
CA THR A 212 -8.25 34.14 16.19
C THR A 212 -8.77 34.62 17.53
N VAL A 213 -10.01 34.26 17.85
CA VAL A 213 -10.63 34.58 19.13
C VAL A 213 -10.72 33.29 19.94
N TYR A 214 -10.21 33.34 21.17
CA TYR A 214 -10.29 32.22 22.11
C TYR A 214 -11.36 32.54 23.15
N THR A 215 -12.40 31.71 23.20
CA THR A 215 -13.57 32.04 24.00
C THR A 215 -14.18 30.78 24.57
N ASN A 216 -15.02 30.96 25.60
CA ASN A 216 -15.83 29.86 26.10
C ASN A 216 -17.14 29.69 25.33
N SER A 217 -17.48 30.67 24.47
CA SER A 217 -18.62 30.64 23.57
C SER A 217 -19.96 30.64 24.28
N PHE A 218 -20.00 30.90 25.60
CA PHE A 218 -21.28 31.03 26.29
C PHE A 218 -22.07 32.20 25.75
N ALA A 219 -21.39 33.28 25.37
CA ALA A 219 -22.05 34.45 24.83
C ALA A 219 -22.10 34.44 23.30
N LEU A 220 -21.72 33.33 22.68
CA LEU A 220 -21.71 33.22 21.22
C LEU A 220 -23.11 32.84 20.72
N THR A 221 -24.08 33.69 21.06
CA THR A 221 -25.46 33.49 20.65
C THR A 221 -25.68 34.02 19.24
N GLU A 222 -26.80 33.61 18.64
CA GLU A 222 -27.16 34.14 17.33
C GLU A 222 -27.38 35.66 17.40
N ARG A 223 -28.01 36.15 18.48
CA ARG A 223 -28.17 37.58 18.65
C ARG A 223 -26.82 38.29 18.77
N THR A 224 -25.84 37.62 19.39
CA THR A 224 -24.51 38.21 19.49
C THR A 224 -23.85 38.30 18.13
N LEU A 225 -24.02 37.27 17.29
CA LEU A 225 -23.46 37.33 15.94
C LEU A 225 -24.10 38.45 15.13
N GLU A 226 -25.39 38.73 15.37
CA GLU A 226 -26.05 39.81 14.64
C GLU A 226 -25.53 41.18 15.05
N ARG A 227 -25.33 41.41 16.36
CA ARG A 227 -24.82 42.70 16.82
C ARG A 227 -23.32 42.86 16.59
N GLN A 228 -22.57 41.77 16.48
CA GLN A 228 -21.13 41.83 16.26
C GLN A 228 -20.80 41.09 14.96
N PRO A 229 -21.16 41.67 13.81
CA PRO A 229 -20.91 40.97 12.54
C PRO A 229 -19.44 40.81 12.21
N GLY A 230 -18.56 41.65 12.77
CA GLY A 230 -17.14 41.55 12.49
C GLY A 230 -16.52 40.21 12.84
N LEU A 231 -17.15 39.44 13.73
CA LEU A 231 -16.60 38.14 14.11
C LEU A 231 -16.54 37.19 12.92
N TRP A 232 -17.40 37.39 11.91
CA TRP A 232 -17.37 36.53 10.73
C TRP A 232 -16.11 36.75 9.90
N GLY A 233 -15.41 37.86 10.11
CA GLY A 233 -14.18 38.15 9.41
C GLY A 233 -12.93 37.60 10.06
N LEU A 234 -13.05 36.97 11.22
CA LEU A 234 -11.89 36.39 11.90
C LEU A 234 -11.36 35.19 11.11
N HIS A 235 -10.11 34.83 11.40
CA HIS A 235 -9.57 33.60 10.83
C HIS A 235 -10.22 32.38 11.47
N ALA A 236 -10.45 32.42 12.78
CA ALA A 236 -11.01 31.27 13.47
C ALA A 236 -11.56 31.68 14.83
N ILE A 237 -12.41 30.82 15.38
CA ILE A 237 -12.87 30.90 16.75
C ILE A 237 -12.53 29.56 17.42
N ARG A 238 -11.71 29.61 18.47
CA ARG A 238 -11.38 28.41 19.22
C ARG A 238 -12.16 28.43 20.53
N THR A 239 -13.10 27.49 20.67
CA THR A 239 -13.90 27.36 21.87
C THR A 239 -13.17 26.47 22.88
N SER A 240 -12.95 27.00 24.08
CA SER A 240 -12.45 26.17 25.18
C SER A 240 -13.58 25.26 25.66
N LEU A 241 -13.38 23.95 25.55
CA LEU A 241 -14.40 22.96 25.86
C LEU A 241 -14.08 22.35 27.21
N TYR A 242 -14.96 22.57 28.19
CA TYR A 242 -14.71 22.20 29.58
C TYR A 242 -15.50 20.97 30.02
N GLY A 243 -16.17 20.29 29.11
CA GLY A 243 -16.95 19.12 29.46
C GLY A 243 -17.76 18.66 28.28
N LEU A 244 -18.40 17.50 28.47
CA LEU A 244 -19.23 16.90 27.43
C LEU A 244 -20.67 16.70 27.86
N ASN A 245 -21.04 17.09 29.08
CA ASN A 245 -22.44 17.17 29.50
C ASN A 245 -22.55 18.25 30.58
N ASP A 246 -23.78 18.50 31.02
CA ASP A 246 -24.02 19.58 31.98
C ASP A 246 -23.31 19.30 33.30
N GLU A 247 -23.31 18.04 33.75
CA GLU A 247 -22.66 17.71 35.01
C GLU A 247 -21.15 17.91 34.94
N GLU A 248 -20.54 17.67 33.78
CA GLU A 248 -19.10 17.92 33.64
C GLU A 248 -18.81 19.41 33.64
N TYR A 249 -19.62 20.19 32.89
CA TYR A 249 -19.43 21.63 32.86
C TYR A 249 -19.64 22.26 34.23
N GLU A 250 -20.57 21.73 35.02
CA GLU A 250 -20.78 22.29 36.35
C GLU A 250 -19.63 21.94 37.28
N GLN A 251 -19.06 20.73 37.14
CA GLN A 251 -17.88 20.39 37.92
C GLN A 251 -16.72 21.30 37.59
N THR A 252 -16.48 21.53 36.30
CA THR A 252 -15.32 22.31 35.88
C THR A 252 -15.53 23.81 36.10
N THR A 253 -16.66 24.34 35.62
CA THR A 253 -16.88 25.78 35.63
C THR A 253 -17.74 26.27 36.78
N GLY A 254 -18.40 25.38 37.50
CA GLY A 254 -19.29 25.76 38.58
C GLY A 254 -20.67 26.20 38.15
N LYS A 255 -20.96 26.19 36.85
CA LYS A 255 -22.19 26.75 36.31
C LYS A 255 -23.11 25.63 35.84
N LYS A 256 -24.37 25.71 36.26
CA LYS A 256 -25.36 24.72 35.85
C LYS A 256 -25.85 25.02 34.43
N ALA A 257 -26.22 23.95 33.72
CA ALA A 257 -26.78 24.04 32.38
C ALA A 257 -25.87 24.79 31.41
N ALA A 258 -24.58 24.87 31.71
CA ALA A 258 -23.67 25.59 30.82
C ALA A 258 -23.36 24.81 29.54
N PHE A 259 -23.28 23.48 29.63
CA PHE A 259 -22.95 22.70 28.45
C PHE A 259 -24.03 22.80 27.38
N ARG A 260 -25.29 22.80 27.79
CA ARG A 260 -26.38 22.83 26.81
C ARG A 260 -26.37 24.11 26.01
N ARG A 261 -26.08 25.25 26.66
CA ARG A 261 -26.10 26.53 25.96
C ARG A 261 -24.87 26.72 25.10
N VAL A 262 -23.71 26.25 25.56
CA VAL A 262 -22.51 26.29 24.72
C VAL A 262 -22.71 25.43 23.48
N ARG A 263 -23.32 24.25 23.65
CA ARG A 263 -23.54 23.36 22.51
C ARG A 263 -24.53 23.96 21.52
N GLU A 264 -25.63 24.53 22.02
CA GLU A 264 -26.61 25.13 21.11
C GLU A 264 -26.00 26.31 20.36
N ASN A 265 -25.13 27.07 21.02
CA ASN A 265 -24.47 28.19 20.34
C ASN A 265 -23.62 27.71 19.18
N LEU A 266 -22.94 26.57 19.35
CA LEU A 266 -22.08 26.06 18.29
C LEU A 266 -22.86 25.27 17.24
N ARG A 267 -23.95 24.61 17.63
CA ARG A 267 -24.85 24.02 16.65
C ARG A 267 -25.41 25.08 15.72
N ARG A 268 -25.88 26.20 16.29
CA ARG A 268 -26.43 27.27 15.47
C ARG A 268 -25.35 27.98 14.67
N PHE A 269 -24.17 28.19 15.28
CA PHE A 269 -23.07 28.80 14.56
C PHE A 269 -22.65 27.93 13.38
N GLN A 270 -22.65 26.61 13.56
CA GLN A 270 -22.35 25.70 12.45
C GLN A 270 -23.38 25.86 11.34
N GLN A 271 -24.67 25.99 11.70
CA GLN A 271 -25.71 26.22 10.71
C GLN A 271 -25.46 27.50 9.95
N LEU A 272 -25.21 28.59 10.67
CA LEU A 272 -25.06 29.90 10.02
C LEU A 272 -23.78 29.97 9.20
N ARG A 273 -22.72 29.25 9.61
CA ARG A 273 -21.50 29.23 8.82
C ARG A 273 -21.73 28.57 7.47
N ALA A 274 -22.57 27.53 7.43
CA ALA A 274 -22.87 26.87 6.16
C ALA A 274 -23.69 27.79 5.26
N GLU A 275 -24.75 28.40 5.80
CA GLU A 275 -25.61 29.27 4.99
C GLU A 275 -24.84 30.48 4.47
N ARG A 276 -23.87 30.98 5.24
CA ARG A 276 -23.03 32.08 4.79
C ARG A 276 -21.86 31.63 3.93
N GLU A 277 -21.50 30.35 3.98
CA GLU A 277 -20.28 29.84 3.36
C GLU A 277 -19.07 30.69 3.77
N SER A 278 -18.91 30.87 5.09
CA SER A 278 -17.85 31.71 5.61
C SER A 278 -16.54 30.92 5.68
N PRO A 279 -15.41 31.54 5.32
CA PRO A 279 -14.13 30.85 5.42
C PRO A 279 -13.60 30.73 6.84
N ILE A 280 -14.32 31.26 7.83
CA ILE A 280 -13.85 31.20 9.21
C ILE A 280 -13.72 29.75 9.65
N ASN A 281 -12.68 29.48 10.42
CA ASN A 281 -12.43 28.15 10.95
C ASN A 281 -12.99 28.02 12.36
N LEU A 282 -13.34 26.78 12.73
CA LEU A 282 -13.87 26.48 14.05
C LEU A 282 -13.01 25.38 14.67
N GLY A 283 -12.49 25.65 15.87
CA GLY A 283 -11.70 24.69 16.58
C GLY A 283 -12.06 24.65 18.05
N PHE A 284 -11.44 23.71 18.76
CA PHE A 284 -11.69 23.54 20.17
C PHE A 284 -10.38 23.28 20.90
N ALA A 285 -10.25 23.85 22.09
CA ALA A 285 -9.24 23.45 23.05
C ALA A 285 -9.90 22.58 24.10
N TYR A 286 -9.37 21.37 24.30
CA TYR A 286 -9.96 20.40 25.20
C TYR A 286 -8.90 19.97 26.21
N ILE A 287 -8.90 20.60 27.38
CA ILE A 287 -8.03 20.17 28.47
C ILE A 287 -8.53 18.83 28.99
N VAL A 288 -7.63 17.85 29.02
CA VAL A 288 -7.96 16.56 29.64
C VAL A 288 -7.79 16.69 31.14
N LEU A 289 -8.88 16.56 31.88
CA LEU A 289 -8.95 16.84 33.29
C LEU A 289 -8.91 15.56 34.11
N PRO A 290 -8.48 15.64 35.38
CA PRO A 290 -8.41 14.44 36.23
C PRO A 290 -9.69 13.64 36.29
N GLY A 291 -9.62 12.37 35.89
CA GLY A 291 -10.78 11.50 35.84
C GLY A 291 -11.55 11.54 34.54
N ARG A 292 -11.01 12.16 33.49
CA ARG A 292 -11.72 12.28 32.22
C ARG A 292 -10.89 11.77 31.04
N ALA A 293 -9.86 10.96 31.30
CA ALA A 293 -9.08 10.39 30.20
C ALA A 293 -9.90 9.40 29.38
N SER A 294 -10.88 8.76 30.00
CA SER A 294 -11.78 7.84 29.30
C SER A 294 -12.84 8.57 28.47
N ARG A 295 -12.84 9.89 28.49
CA ARG A 295 -13.86 10.67 27.79
C ARG A 295 -13.46 11.06 26.38
N LEU A 296 -12.22 10.76 25.96
CA LEU A 296 -11.78 11.17 24.63
C LEU A 296 -12.64 10.59 23.54
N LEU A 297 -13.12 9.35 23.73
CA LEU A 297 -13.99 8.74 22.73
C LEU A 297 -15.29 9.53 22.59
N ASP A 298 -15.83 10.03 23.69
CA ASP A 298 -17.06 10.80 23.63
C ASP A 298 -16.84 12.19 23.04
N LEU A 299 -15.61 12.72 23.09
CA LEU A 299 -15.32 13.99 22.46
C LEU A 299 -15.53 13.92 20.94
N VAL A 300 -15.19 12.78 20.34
CA VAL A 300 -15.42 12.60 18.91
C VAL A 300 -16.90 12.67 18.60
N ASP A 301 -17.73 12.07 19.46
CA ASP A 301 -19.18 12.12 19.27
C ASP A 301 -19.70 13.55 19.42
N PHE A 302 -19.07 14.36 20.27
CA PHE A 302 -19.45 15.77 20.35
C PHE A 302 -19.16 16.49 19.05
N ILE A 303 -17.99 16.25 18.46
CA ILE A 303 -17.63 16.91 17.21
C ILE A 303 -18.48 16.38 16.06
N ALA A 304 -18.74 15.07 16.04
CA ALA A 304 -19.62 14.50 15.02
C ALA A 304 -21.01 15.13 15.10
N ASP A 305 -21.53 15.35 16.30
CA ASP A 305 -22.82 16.01 16.45
C ASP A 305 -22.76 17.43 15.87
N LEU A 306 -21.67 18.14 16.11
CA LEU A 306 -21.53 19.49 15.56
C LEU A 306 -21.39 19.47 14.05
N ASN A 307 -20.81 18.40 13.48
CA ASN A 307 -20.68 18.31 12.03
C ASN A 307 -22.04 18.11 11.36
N ASP A 308 -22.93 17.36 12.00
CA ASP A 308 -24.26 17.15 11.44
C ASP A 308 -25.05 18.43 11.34
N ALA A 309 -24.81 19.39 12.24
CA ALA A 309 -25.48 20.68 12.17
C ALA A 309 -24.86 21.62 11.14
N GLY A 310 -23.68 21.31 10.63
CA GLY A 310 -23.00 22.17 9.68
C GLY A 310 -23.24 21.87 8.22
N GLN A 311 -24.04 20.86 7.90
CA GLN A 311 -24.35 20.48 6.53
C GLN A 311 -23.08 20.17 5.74
N GLY A 312 -22.34 19.18 6.24
CA GLY A 312 -21.08 18.80 5.64
C GLY A 312 -19.90 19.69 5.95
N ARG A 313 -20.14 20.89 6.51
CA ARG A 313 -19.05 21.76 6.91
C ARG A 313 -18.47 21.27 8.23
N THR A 314 -17.18 20.95 8.22
CA THR A 314 -16.56 20.20 9.31
C THR A 314 -15.95 21.11 10.36
N ILE A 315 -15.86 20.60 11.59
CA ILE A 315 -15.02 21.21 12.60
C ILE A 315 -13.57 21.07 12.18
N ASP A 316 -12.83 22.17 12.23
CA ASP A 316 -11.52 22.22 11.58
C ASP A 316 -10.42 21.57 12.41
N PHE A 317 -10.31 21.94 13.70
CA PHE A 317 -9.22 21.42 14.50
C PHE A 317 -9.66 21.20 15.95
N VAL A 318 -8.82 20.48 16.68
CA VAL A 318 -9.01 20.25 18.11
C VAL A 318 -7.64 20.23 18.78
N ASN A 319 -7.49 21.01 19.85
CA ASN A 319 -6.24 21.10 20.59
C ASN A 319 -6.43 20.33 21.90
N ILE A 320 -5.83 19.15 21.98
CA ILE A 320 -5.84 18.36 23.21
C ILE A 320 -4.73 18.88 24.10
N ARG A 321 -5.09 19.32 25.31
CA ARG A 321 -4.18 20.10 26.14
C ARG A 321 -4.17 19.56 27.57
N GLU A 322 -3.37 20.23 28.40
CA GLU A 322 -3.17 19.87 29.80
C GLU A 322 -3.15 21.14 30.64
N ASP A 323 -3.50 21.01 31.92
CA ASP A 323 -3.33 22.12 32.84
C ASP A 323 -1.85 22.44 32.96
N TYR A 324 -1.42 23.55 32.37
CA TYR A 324 0.00 23.90 32.38
C TYR A 324 0.46 24.48 33.71
N SER A 325 -0.46 24.70 34.65
CA SER A 325 -0.04 25.21 35.96
C SER A 325 0.63 24.13 36.80
N GLY A 326 0.20 22.88 36.64
CA GLY A 326 0.71 21.80 37.46
C GLY A 326 0.05 21.62 38.80
N ARG A 327 -0.87 22.49 39.17
CA ARG A 327 -1.58 22.34 40.44
C ARG A 327 -2.45 21.08 40.41
N ASP A 328 -2.65 20.49 41.58
CA ASP A 328 -3.21 19.14 41.63
C ASP A 328 -4.67 19.09 41.17
N ASP A 329 -5.40 20.20 41.21
CA ASP A 329 -6.76 20.17 40.71
C ASP A 329 -6.81 19.98 39.20
N GLY A 330 -5.69 20.16 38.50
CA GLY A 330 -5.63 19.94 37.08
C GLY A 330 -4.65 18.84 36.68
N LYS A 331 -3.71 18.53 37.57
CA LYS A 331 -2.69 17.54 37.25
C LYS A 331 -3.29 16.14 37.20
N LEU A 332 -3.09 15.45 36.09
CA LEU A 332 -3.57 14.08 35.96
C LEU A 332 -2.67 13.14 36.74
N PRO A 333 -3.23 12.24 37.56
CA PRO A 333 -2.38 11.31 38.30
C PRO A 333 -1.63 10.39 37.35
N GLN A 334 -0.52 9.84 37.84
CA GLN A 334 0.29 8.95 37.02
C GLN A 334 -0.52 7.74 36.56
N GLU A 335 -1.44 7.27 37.40
CA GLU A 335 -2.36 6.21 37.00
C GLU A 335 -3.08 6.56 35.71
N GLU A 336 -3.64 7.77 35.65
CA GLU A 336 -4.33 8.20 34.44
C GLU A 336 -3.34 8.57 33.33
N ARG A 337 -2.17 9.09 33.70
CA ARG A 337 -1.13 9.34 32.70
C ARG A 337 -0.73 8.06 31.99
N ALA A 338 -0.73 6.93 32.69
CA ALA A 338 -0.31 5.67 32.09
C ALA A 338 -1.36 5.15 31.11
N GLU A 339 -2.62 5.51 31.30
CA GLU A 339 -3.70 5.06 30.41
C GLU A 339 -3.89 5.98 29.21
N LEU A 340 -3.10 7.04 29.09
CA LEU A 340 -3.31 7.99 28.00
C LEU A 340 -2.76 7.48 26.67
N GLN A 341 -1.74 6.61 26.68
CA GLN A 341 -1.22 6.10 25.42
C GLN A 341 -2.29 5.32 24.67
N GLU A 342 -2.94 4.36 25.34
CA GLU A 342 -4.03 3.64 24.69
C GLU A 342 -5.17 4.58 24.34
N ALA A 343 -5.50 5.51 25.25
CA ALA A 343 -6.63 6.41 25.03
C ALA A 343 -6.38 7.32 23.83
N LEU A 344 -5.18 7.89 23.74
CA LEU A 344 -4.88 8.80 22.63
C LEU A 344 -4.89 8.07 21.30
N ASN A 345 -4.34 6.86 21.26
CA ASN A 345 -4.32 6.10 20.01
C ASN A 345 -5.73 5.67 19.61
N ALA A 346 -6.56 5.28 20.58
CA ALA A 346 -7.95 4.95 20.27
C ALA A 346 -8.74 6.20 19.87
N PHE A 347 -8.41 7.35 20.46
CA PHE A 347 -9.08 8.59 20.09
C PHE A 347 -8.79 8.96 18.64
N GLU A 348 -7.57 8.73 18.18
CA GLU A 348 -7.23 9.01 16.78
C GLU A 348 -7.94 8.06 15.84
N GLU A 349 -8.08 6.80 16.23
CA GLU A 349 -8.79 5.83 15.40
C GLU A 349 -10.24 6.25 15.18
N ARG A 350 -10.93 6.62 16.28
CA ARG A 350 -12.33 7.03 16.18
C ARG A 350 -12.48 8.30 15.34
N VAL A 351 -11.51 9.22 15.43
CA VAL A 351 -11.59 10.44 14.65
C VAL A 351 -11.62 10.10 13.16
N ARG A 352 -10.71 9.23 12.72
CA ARG A 352 -10.68 8.86 11.30
C ARG A 352 -11.93 8.09 10.90
N GLU A 353 -12.58 7.40 11.85
CA GLU A 353 -13.83 6.73 11.56
C GLU A 353 -14.96 7.73 11.35
N ARG A 354 -15.17 8.63 12.33
CA ARG A 354 -16.38 9.44 12.38
C ARG A 354 -16.18 10.92 12.05
N THR A 355 -14.96 11.44 12.18
CA THR A 355 -14.67 12.85 11.91
C THR A 355 -13.35 12.95 11.14
N PRO A 356 -13.35 12.53 9.87
CA PRO A 356 -12.06 12.34 9.18
C PRO A 356 -11.27 13.61 8.96
N GLY A 357 -11.92 14.70 8.57
CA GLY A 357 -11.21 15.92 8.23
C GLY A 357 -10.71 16.76 9.39
N LEU A 358 -10.89 16.31 10.63
CA LEU A 358 -10.54 17.12 11.79
C LEU A 358 -9.06 17.01 12.10
N HIS A 359 -8.39 18.15 12.24
CA HIS A 359 -6.97 18.17 12.58
C HIS A 359 -6.80 18.07 14.09
N ILE A 360 -5.94 17.14 14.52
CA ILE A 360 -5.61 16.95 15.92
C ILE A 360 -4.16 17.33 16.16
N ASP A 361 -3.90 17.96 17.30
CA ASP A 361 -2.55 18.21 17.76
C ASP A 361 -2.55 18.15 19.28
N TYR A 362 -1.43 17.71 19.84
CA TYR A 362 -1.34 17.41 21.26
C TYR A 362 -0.42 18.39 21.97
N GLY A 363 -0.69 18.58 23.26
CA GLY A 363 0.23 19.33 24.10
C GLY A 363 1.60 18.70 24.12
N TYR A 364 2.55 19.45 24.69
CA TYR A 364 3.94 19.03 24.70
C TYR A 364 4.10 17.66 25.36
N ALA A 365 3.50 17.47 26.54
CA ALA A 365 3.65 16.22 27.25
C ALA A 365 2.72 15.13 26.71
N LEU A 366 1.52 15.52 26.28
CA LEU A 366 0.58 14.55 25.72
C LEU A 366 1.15 13.91 24.46
N ASN A 367 1.88 14.69 23.66
CA ASN A 367 2.47 14.16 22.44
C ASN A 367 3.54 13.12 22.75
N SER A 368 4.18 13.22 23.91
CA SER A 368 5.17 12.22 24.30
C SER A 368 4.49 10.95 24.81
N LEU A 369 3.31 11.08 25.43
CA LEU A 369 2.64 9.91 25.99
C LEU A 369 2.22 8.93 24.91
N ARG A 370 1.72 9.42 23.78
CA ARG A 370 1.57 8.54 22.62
C ARG A 370 2.95 8.11 22.15
N THR A 371 3.08 6.84 21.81
CA THR A 371 4.33 6.08 21.62
C THR A 371 5.00 5.76 22.96
N GLY A 372 4.42 6.13 24.09
CA GLY A 372 4.78 5.54 25.35
C GLY A 372 5.93 6.16 26.11
N ALA A 373 6.33 7.38 25.79
CA ALA A 373 7.40 8.06 26.53
C ALA A 373 6.77 8.94 27.60
N ASP A 374 7.00 8.58 28.86
CA ASP A 374 6.43 9.36 29.96
C ASP A 374 7.05 10.75 30.00
N ALA A 375 6.21 11.76 30.14
CA ALA A 375 6.68 13.14 30.17
C ALA A 375 5.62 14.01 30.83
N GLU A 376 6.10 15.05 31.52
CA GLU A 376 5.25 16.03 32.16
C GLU A 376 5.62 17.42 31.66
N LEU A 377 4.65 18.33 31.73
CA LEU A 377 4.90 19.71 31.32
C LEU A 377 5.93 20.37 32.24
N LEU A 378 6.53 21.43 31.76
CA LEU A 378 7.44 22.22 32.58
C LEU A 378 6.70 22.82 33.77
N ARG A 379 7.44 23.08 34.85
CA ARG A 379 6.93 23.81 36.00
C ARG A 379 8.05 24.78 36.42
N ILE A 380 8.09 25.93 35.75
CA ILE A 380 9.09 26.94 36.05
C ILE A 380 8.89 27.44 37.48
N LYS A 381 10.00 27.57 38.21
CA LYS A 381 10.04 28.09 39.57
C LYS A 381 10.64 29.48 39.58
N PRO A 382 10.42 30.25 40.65
CA PRO A 382 10.98 31.62 40.69
C PRO A 382 12.48 31.68 40.47
N ALA A 383 13.22 30.63 40.85
CA ALA A 383 14.66 30.63 40.67
C ALA A 383 15.05 30.59 39.20
N THR A 384 14.24 29.93 38.36
CA THR A 384 14.54 29.80 36.94
C THR A 384 13.75 30.78 36.07
N MET A 385 13.03 31.71 36.68
CA MET A 385 12.39 32.78 35.92
C MET A 385 13.44 33.82 35.51
N ARG A 386 13.31 34.31 34.28
CA ARG A 386 14.19 35.37 33.81
C ARG A 386 13.62 36.72 34.21
N PRO A 387 14.33 37.51 35.04
CA PRO A 387 13.74 38.74 35.58
C PRO A 387 13.37 39.78 34.53
N THR A 388 13.91 39.69 33.30
CA THR A 388 13.55 40.63 32.24
C THR A 388 12.33 40.17 31.45
N ALA A 389 11.77 39.01 31.76
CA ALA A 389 10.67 38.41 31.00
C ALA A 389 11.11 38.28 29.54
N HIS A 390 10.16 38.27 28.62
CA HIS A 390 10.50 38.18 27.20
C HIS A 390 9.52 38.99 26.36
N PRO A 391 9.46 40.31 26.55
CA PRO A 391 8.49 41.12 25.76
C PRO A 391 8.75 41.08 24.27
N GLN A 392 9.96 40.70 23.83
CA GLN A 392 10.21 40.52 22.41
C GLN A 392 9.42 39.34 21.85
N VAL A 393 9.14 38.35 22.70
CA VAL A 393 8.38 37.18 22.29
C VAL A 393 6.88 37.42 22.39
N ALA A 394 6.40 37.93 23.54
CA ALA A 394 4.97 38.08 23.74
C ALA A 394 4.68 39.09 24.85
N VAL A 395 3.60 39.86 24.67
CA VAL A 395 3.03 40.70 25.71
C VAL A 395 1.51 40.64 25.58
N GLN A 396 0.81 41.19 26.58
CA GLN A 396 -0.64 41.17 26.65
C GLN A 396 -1.14 42.53 27.11
N VAL A 397 -2.23 42.99 26.49
CA VAL A 397 -2.83 44.29 26.79
C VAL A 397 -4.28 44.07 27.21
N ASP A 398 -4.66 44.62 28.37
CA ASP A 398 -6.03 44.53 28.85
C ASP A 398 -6.77 45.84 28.56
N LEU A 399 -7.96 45.98 29.16
CA LEU A 399 -8.86 47.08 28.81
C LEU A 399 -8.28 48.43 29.19
N LEU A 400 -7.54 48.50 30.29
CA LEU A 400 -6.97 49.76 30.76
C LEU A 400 -5.66 50.11 30.08
N GLY A 401 -5.29 49.38 29.03
CA GLY A 401 -4.04 49.62 28.34
C GLY A 401 -2.81 49.00 29.00
N ASP A 402 -2.97 48.33 30.13
CA ASP A 402 -1.83 47.77 30.84
C ASP A 402 -1.20 46.63 30.04
N VAL A 403 0.13 46.64 29.96
CA VAL A 403 0.89 45.69 29.15
C VAL A 403 1.57 44.70 30.10
N TYR A 404 1.05 43.48 30.14
CA TYR A 404 1.54 42.47 31.07
C TYR A 404 2.61 41.59 30.44
N LEU A 405 3.58 41.19 31.25
CA LEU A 405 4.73 40.45 30.76
C LEU A 405 4.46 38.94 30.60
N TYR A 406 3.45 38.41 31.30
CA TYR A 406 3.11 37.00 31.19
C TYR A 406 1.61 36.86 30.99
N ARG A 407 1.21 35.74 30.37
CA ARG A 407 -0.17 35.60 29.91
C ARG A 407 -1.16 35.51 31.07
N GLU A 408 -0.81 34.76 32.12
CA GLU A 408 -1.74 34.56 33.24
C GLU A 408 -1.60 35.63 34.32
N ALA A 409 -0.93 36.75 34.02
CA ALA A 409 -0.89 37.87 34.96
C ALA A 409 -1.91 38.95 34.64
N GLY A 410 -2.44 38.99 33.42
CA GLY A 410 -3.41 40.01 33.04
C GLY A 410 -4.83 39.70 33.50
N PHE A 411 -5.02 39.67 34.81
CA PHE A 411 -6.32 39.50 35.44
C PHE A 411 -6.55 40.62 36.43
N PRO A 412 -7.74 41.23 36.45
CA PRO A 412 -7.98 42.33 37.38
C PRO A 412 -7.97 41.84 38.82
N ASP A 413 -7.30 42.62 39.68
CA ASP A 413 -7.29 42.38 41.13
C ASP A 413 -6.63 41.06 41.49
N LEU A 414 -5.70 40.60 40.66
CA LEU A 414 -4.89 39.43 40.96
C LEU A 414 -3.67 39.88 41.76
N ASP A 415 -3.46 39.24 42.92
CA ASP A 415 -2.39 39.67 43.82
C ASP A 415 -1.03 39.51 43.17
N GLY A 416 -0.20 40.55 43.28
CA GLY A 416 1.13 40.54 42.71
C GLY A 416 1.20 40.79 41.22
N ALA A 417 0.07 40.75 40.51
CA ALA A 417 0.11 40.82 39.05
C ALA A 417 0.51 42.18 38.53
N THR A 418 0.27 43.24 39.31
CA THR A 418 0.61 44.59 38.86
C THR A 418 2.11 44.78 38.70
N ARG A 419 2.92 43.99 39.41
CA ARG A 419 4.38 44.10 39.32
C ARG A 419 4.92 43.65 37.97
N TYR A 420 4.11 42.98 37.15
CA TYR A 420 4.52 42.52 35.83
C TYR A 420 3.84 43.31 34.72
N ILE A 421 3.57 44.58 34.97
CA ILE A 421 3.06 45.51 33.97
C ILE A 421 4.24 46.32 33.46
N ALA A 422 4.62 46.11 32.20
CA ALA A 422 5.71 46.87 31.62
C ALA A 422 5.36 48.33 31.39
N GLY A 423 4.09 48.68 31.46
CA GLY A 423 3.64 50.03 31.19
C GLY A 423 2.19 50.01 30.76
N ARG A 424 1.69 51.21 30.44
CA ARG A 424 0.30 51.38 30.03
C ARG A 424 0.24 52.11 28.70
N VAL A 425 -0.52 51.55 27.76
CA VAL A 425 -0.70 52.18 26.46
C VAL A 425 -1.75 53.28 26.60
N THR A 426 -1.33 54.52 26.39
CA THR A 426 -2.19 55.69 26.54
C THR A 426 -2.32 56.39 25.18
N PRO A 427 -3.15 57.42 25.05
CA PRO A 427 -3.12 58.22 23.81
C PRO A 427 -1.76 58.86 23.53
N ASP A 428 -0.92 59.04 24.54
CA ASP A 428 0.41 59.60 24.34
C ASP A 428 1.50 58.54 24.24
N THR A 429 1.23 57.31 24.64
CA THR A 429 2.24 56.25 24.66
C THR A 429 1.72 55.02 23.94
N SER A 430 2.49 54.55 22.97
CA SER A 430 2.11 53.39 22.19
C SER A 430 2.66 52.11 22.81
N LEU A 431 2.15 50.97 22.33
CA LEU A 431 2.70 49.68 22.75
C LEU A 431 4.16 49.56 22.35
N THR A 432 4.52 50.06 21.16
CA THR A 432 5.92 50.07 20.74
C THR A 432 6.77 50.84 21.74
N GLU A 433 6.30 52.01 22.19
CA GLU A 433 7.07 52.81 23.12
C GLU A 433 7.14 52.17 24.49
N VAL A 434 6.05 51.50 24.92
CA VAL A 434 6.06 50.82 26.21
C VAL A 434 7.09 49.70 26.21
N VAL A 435 7.09 48.88 25.15
CA VAL A 435 8.01 47.75 25.10
C VAL A 435 9.44 48.23 24.90
N ARG A 436 9.63 49.24 24.05
CA ARG A 436 10.99 49.74 23.79
C ARG A 436 11.62 50.34 25.05
N ASP A 437 10.87 51.17 25.77
CA ASP A 437 11.44 51.82 26.95
C ASP A 437 11.70 50.82 28.07
N PHE A 438 10.88 49.77 28.18
CA PHE A 438 11.13 48.76 29.19
C PHE A 438 12.38 47.94 28.87
N VAL A 439 12.68 47.75 27.58
CA VAL A 439 13.86 46.97 27.21
C VAL A 439 15.11 47.82 27.33
N GLU A 440 15.06 49.06 26.85
CA GLU A 440 16.25 49.90 26.82
C GLU A 440 16.74 50.22 28.24
N ARG A 441 15.82 50.58 29.14
CA ARG A 441 16.23 50.82 30.52
C ARG A 441 16.52 49.54 31.29
N GLY A 442 16.45 48.38 30.64
CA GLY A 442 16.75 47.13 31.31
C GLY A 442 15.83 46.82 32.46
N GLY A 443 14.54 47.11 32.32
CA GLY A 443 13.61 46.88 33.41
C GLY A 443 13.55 45.41 33.78
N GLU A 444 13.49 45.15 35.08
CA GLU A 444 13.43 43.78 35.60
C GLU A 444 12.39 43.71 36.72
N VAL A 445 11.90 42.50 36.95
CA VAL A 445 10.99 42.21 38.06
C VAL A 445 11.56 41.02 38.82
N ALA A 446 11.85 41.22 40.11
CA ALA A 446 12.36 40.13 40.92
C ALA A 446 11.23 39.14 41.23
N ALA A 447 11.52 37.86 41.07
CA ALA A 447 10.51 36.83 41.22
C ALA A 447 10.32 36.46 42.69
N VAL A 448 9.09 36.52 43.16
CA VAL A 448 8.72 36.04 44.48
C VAL A 448 7.83 34.81 44.32
N ASP A 449 7.68 34.05 45.40
CA ASP A 449 6.89 32.83 45.37
C ASP A 449 5.47 33.11 44.92
N GLY A 450 4.97 32.31 43.98
CA GLY A 450 3.68 32.50 43.40
C GLY A 450 3.68 33.24 42.07
N ASP A 451 4.73 34.03 41.80
CA ASP A 451 4.81 34.74 40.52
C ASP A 451 4.86 33.77 39.34
N GLU A 452 5.44 32.58 39.55
CA GLU A 452 5.58 31.62 38.47
C GLU A 452 4.24 31.19 37.90
N TYR A 453 3.15 31.31 38.67
CA TYR A 453 1.84 30.94 38.18
C TYR A 453 1.21 32.02 37.29
N PHE A 454 1.91 33.12 37.06
CA PHE A 454 1.51 34.07 36.02
C PHE A 454 1.88 33.58 34.63
N MET A 455 2.57 32.45 34.51
CA MET A 455 3.11 31.98 33.24
C MET A 455 2.23 30.87 32.69
N ASP A 456 1.85 30.99 31.42
CA ASP A 456 1.13 29.92 30.76
C ASP A 456 2.14 28.93 30.18
N GLY A 457 1.63 27.91 29.48
CA GLY A 457 2.53 26.89 28.93
C GLY A 457 3.54 27.47 27.96
N PHE A 458 3.11 28.45 27.16
CA PHE A 458 4.01 29.10 26.22
C PHE A 458 5.10 29.88 26.95
N ASP A 459 4.72 30.69 27.96
CA ASP A 459 5.71 31.45 28.73
C ASP A 459 6.74 30.54 29.37
N GLN A 460 6.32 29.37 29.84
CA GLN A 460 7.26 28.48 30.52
C GLN A 460 8.22 27.83 29.52
N VAL A 461 7.74 27.50 28.32
CA VAL A 461 8.61 26.96 27.29
C VAL A 461 9.60 28.02 26.82
N VAL A 462 9.12 29.25 26.62
CA VAL A 462 9.98 30.33 26.15
C VAL A 462 11.06 30.63 27.18
N THR A 463 10.72 30.51 28.47
CA THR A 463 11.70 30.74 29.52
C THR A 463 12.75 29.64 29.54
N ALA A 464 12.34 28.38 29.45
CA ALA A 464 13.29 27.28 29.44
C ALA A 464 14.21 27.35 28.23
N ARG A 465 13.69 27.81 27.08
CA ARG A 465 14.52 27.92 25.90
C ARG A 465 15.55 29.02 26.05
N LEU A 466 15.13 30.20 26.49
CA LEU A 466 16.08 31.29 26.71
C LEU A 466 17.09 30.94 27.79
N ASN A 467 16.70 30.16 28.79
CA ASN A 467 17.66 29.71 29.79
C ASN A 467 18.67 28.74 29.18
N GLN A 468 18.19 27.84 28.30
CA GLN A 468 19.10 26.92 27.62
C GLN A 468 20.07 27.66 26.72
N LEU A 469 19.58 28.71 26.03
CA LEU A 469 20.45 29.45 25.12
C LEU A 469 21.49 30.27 25.86
N GLU A 470 21.10 30.91 26.96
CA GLU A 470 22.05 31.70 27.74
C GLU A 470 23.13 30.81 28.35
N ARG A 471 22.73 29.64 28.84
CA ARG A 471 23.71 28.73 29.44
C ARG A 471 24.67 28.18 28.38
N ASP A 472 24.15 27.81 27.21
CA ASP A 472 25.01 27.29 26.14
C ASP A 472 25.99 28.36 25.66
N ALA A 473 25.51 29.60 25.50
CA ALA A 473 26.40 30.69 25.10
C ALA A 473 27.45 30.97 26.17
N ALA A 474 27.05 30.86 27.43
CA ALA A 474 28.00 31.04 28.53
C ALA A 474 29.02 29.91 28.58
N ASP A 475 28.63 28.72 28.13
CA ASP A 475 29.53 27.58 28.06
C ASP A 475 30.41 27.57 26.81
N GLY A 476 30.49 28.70 26.10
CA GLY A 476 31.30 28.78 24.91
C GLY A 476 30.65 28.26 23.63
N TRP A 477 29.46 27.67 23.73
CA TRP A 477 28.75 27.15 22.57
C TRP A 477 27.78 28.19 22.00
N GLU A 478 28.27 29.41 21.77
CA GLU A 478 27.39 30.49 21.33
C GLU A 478 26.74 30.17 19.99
N GLU A 479 27.52 29.68 19.03
CA GLU A 479 26.98 29.41 17.70
C GLU A 479 26.05 28.21 17.70
N ALA A 480 26.41 27.16 18.43
CA ALA A 480 25.65 25.91 18.44
C ALA A 480 24.50 25.92 19.44
N ARG A 481 24.22 27.08 20.06
CA ARG A 481 23.26 27.16 21.15
C ARG A 481 21.91 26.54 20.77
N GLY A 482 21.32 25.84 21.72
CA GLY A 482 20.01 25.22 21.53
C GLY A 482 20.01 23.95 20.72
N PHE A 483 21.18 23.42 20.36
CA PHE A 483 21.34 22.20 19.58
C PHE A 483 20.81 22.37 18.16
N LEU A 484 19.48 22.51 18.01
CA LEU A 484 18.86 22.74 16.71
C LEU A 484 18.40 24.19 16.61
N ARG A 485 18.64 24.83 15.47
CA ARG A 485 18.22 26.21 15.29
C ARG A 485 17.86 26.54 13.84
N LEU A 486 18.84 26.96 13.06
CA LEU A 486 18.60 27.43 11.68
C LEU A 486 17.93 26.37 10.82
N ALA B 8 13.86 1.34 -2.00
CA ALA B 8 12.49 0.95 -1.66
C ALA B 8 11.55 2.15 -1.71
N THR B 9 11.74 3.03 -2.69
CA THR B 9 10.89 4.19 -2.81
C THR B 9 9.51 3.79 -3.33
N ALA B 10 8.53 4.63 -3.03
CA ALA B 10 7.19 4.44 -3.59
C ALA B 10 7.18 4.92 -5.04
N PRO B 11 6.70 4.11 -5.98
CA PRO B 11 6.66 4.55 -7.38
C PRO B 11 5.70 5.71 -7.62
N ALA B 12 4.72 5.91 -6.74
CA ALA B 12 3.83 7.07 -6.87
C ALA B 12 4.54 8.37 -6.52
N GLU B 13 5.63 8.30 -5.74
CA GLU B 13 6.42 9.47 -5.41
C GLU B 13 7.51 9.75 -6.44
N ARG B 14 7.65 8.90 -7.45
CA ARG B 14 8.71 9.03 -8.45
C ARG B 14 8.18 9.23 -9.87
N CYS B 15 6.86 9.29 -10.05
CA CYS B 15 6.28 9.16 -11.38
C CYS B 15 6.57 10.35 -12.29
N ALA B 16 7.12 11.45 -11.78
CA ALA B 16 7.38 12.61 -12.63
C ALA B 16 8.70 12.53 -13.37
N HIS B 17 9.61 11.65 -12.95
CA HIS B 17 10.91 11.56 -13.59
C HIS B 17 10.83 10.71 -14.87
N PRO B 18 11.73 10.95 -15.83
CA PRO B 18 11.67 10.17 -17.08
C PRO B 18 11.85 8.69 -16.84
N GLY B 19 11.19 7.89 -17.67
CA GLY B 19 11.31 6.44 -17.58
C GLY B 19 10.69 5.83 -16.34
N ALA B 20 9.84 6.58 -15.63
CA ALA B 20 9.19 6.05 -14.44
C ALA B 20 8.05 5.11 -14.83
N ASP B 21 7.92 4.01 -14.11
CA ASP B 21 6.83 3.06 -14.32
C ASP B 21 5.53 3.74 -13.91
N LEU B 22 4.81 4.30 -14.88
CA LEU B 22 3.53 4.93 -14.57
C LEU B 22 2.48 3.89 -14.18
N GLY B 23 2.58 2.67 -14.71
CA GLY B 23 1.65 1.62 -14.31
C GLY B 23 1.70 1.33 -12.83
N ALA B 24 2.91 1.26 -12.27
CA ALA B 24 3.04 1.04 -10.83
C ALA B 24 2.52 2.23 -10.03
N ALA B 25 2.60 3.43 -10.60
CA ALA B 25 2.10 4.61 -9.90
C ALA B 25 0.58 4.61 -9.81
N VAL B 26 -0.10 4.29 -10.90
CA VAL B 26 -1.56 4.30 -10.87
C VAL B 26 -2.10 3.19 -9.98
N HIS B 27 -1.36 2.08 -9.86
CA HIS B 27 -1.81 1.01 -8.97
C HIS B 27 -1.75 1.46 -7.51
N ALA B 28 -0.65 2.10 -7.11
CA ALA B 28 -0.52 2.57 -5.73
C ALA B 28 -1.59 3.62 -5.43
N VAL B 29 -1.80 4.57 -6.34
CA VAL B 29 -2.80 5.61 -6.12
C VAL B 29 -4.20 5.01 -6.04
N GLY B 30 -4.52 4.08 -6.94
CA GLY B 30 -5.81 3.43 -6.90
C GLY B 30 -6.08 2.73 -5.59
N GLN B 31 -5.03 2.13 -5.00
CA GLN B 31 -5.19 1.48 -3.69
C GLN B 31 -5.38 2.52 -2.60
N THR B 32 -4.66 3.63 -2.66
CA THR B 32 -4.89 4.72 -1.72
C THR B 32 -6.31 5.26 -1.84
N LEU B 33 -6.85 5.29 -3.06
CA LEU B 33 -8.22 5.74 -3.26
C LEU B 33 -9.21 4.72 -2.73
N ALA B 34 -8.96 3.43 -2.97
CA ALA B 34 -9.86 2.39 -2.48
C ALA B 34 -9.80 2.27 -0.96
N ALA B 35 -8.60 2.33 -0.38
CA ALA B 35 -8.45 2.19 1.06
C ALA B 35 -9.14 3.33 1.80
N GLY B 36 -9.00 4.55 1.30
CA GLY B 36 -9.65 5.68 1.93
C GLY B 36 -11.13 5.82 1.67
N GLY B 37 -11.69 4.97 0.81
CA GLY B 37 -13.10 5.11 0.46
C GLY B 37 -13.40 6.39 -0.28
N LEU B 38 -12.44 6.90 -1.05
CA LEU B 38 -12.59 8.17 -1.74
C LEU B 38 -13.26 8.04 -3.10
N VAL B 39 -13.29 6.85 -3.68
CA VAL B 39 -13.92 6.62 -4.98
C VAL B 39 -14.54 5.22 -4.94
N PRO B 40 -15.72 5.03 -5.54
CA PRO B 40 -16.21 3.67 -5.72
C PRO B 40 -15.26 2.87 -6.57
N PRO B 41 -15.14 1.56 -6.33
CA PRO B 41 -14.07 0.78 -6.97
C PRO B 41 -14.14 0.73 -8.49
N ASP B 42 -15.26 1.13 -9.10
CA ASP B 42 -15.36 1.12 -10.55
C ASP B 42 -14.40 2.12 -11.20
N GLU B 43 -14.30 3.32 -10.64
CA GLU B 43 -13.56 4.41 -11.26
C GLU B 43 -12.17 4.61 -10.66
N ALA B 44 -11.74 3.72 -9.75
CA ALA B 44 -10.42 3.87 -9.15
C ALA B 44 -9.32 3.86 -10.21
N GLY B 45 -9.52 3.14 -11.31
CA GLY B 45 -8.52 3.11 -12.36
C GLY B 45 -8.47 4.41 -13.16
N THR B 46 -9.62 4.87 -13.64
CA THR B 46 -9.66 6.09 -14.44
C THR B 46 -9.25 7.31 -13.62
N THR B 47 -9.70 7.37 -12.36
CA THR B 47 -9.35 8.48 -11.50
C THR B 47 -7.85 8.50 -11.20
N ALA B 48 -7.25 7.32 -11.01
CA ALA B 48 -5.84 7.25 -10.65
C ALA B 48 -4.96 7.65 -11.83
N ARG B 49 -5.34 7.27 -13.06
CA ARG B 49 -4.54 7.65 -14.22
C ARG B 49 -4.61 9.17 -14.46
N HIS B 50 -5.77 9.78 -14.20
CA HIS B 50 -5.87 11.23 -14.30
C HIS B 50 -5.03 11.92 -13.23
N LEU B 51 -5.13 11.45 -11.99
CA LEU B 51 -4.37 12.05 -10.91
C LEU B 51 -2.87 11.89 -11.11
N VAL B 52 -2.45 10.74 -11.64
CA VAL B 52 -1.02 10.53 -11.90
C VAL B 52 -0.56 11.40 -13.05
N ARG B 53 -1.40 11.55 -14.08
CA ARG B 53 -1.04 12.44 -15.18
C ARG B 53 -0.86 13.88 -14.69
N LEU B 54 -1.69 14.30 -13.74
CA LEU B 54 -1.54 15.65 -13.17
C LEU B 54 -0.21 15.78 -12.43
N ALA B 55 0.17 14.75 -11.67
CA ALA B 55 1.44 14.81 -10.93
C ALA B 55 2.62 14.89 -11.88
N VAL B 56 2.58 14.13 -12.97
CA VAL B 56 3.66 14.18 -13.96
C VAL B 56 3.73 15.55 -14.60
N ARG B 57 2.58 16.14 -14.92
CA ARG B 57 2.56 17.43 -15.60
C ARG B 57 3.16 18.53 -14.72
N TYR B 58 2.69 18.63 -13.48
CA TYR B 58 3.16 19.69 -12.60
C TYR B 58 4.51 19.39 -11.96
N GLY B 59 4.96 18.13 -12.00
CA GLY B 59 6.31 17.80 -11.64
C GLY B 59 7.35 18.18 -12.67
N ASN B 60 6.90 18.54 -13.87
CA ASN B 60 7.77 18.99 -14.94
C ASN B 60 7.49 20.42 -15.40
N SER B 61 6.24 20.88 -15.32
CA SER B 61 5.86 22.23 -15.76
C SER B 61 4.99 22.85 -14.67
N PRO B 62 5.62 23.52 -13.69
CA PRO B 62 4.85 23.98 -12.51
C PRO B 62 3.90 25.12 -12.81
N PHE B 63 4.13 25.90 -13.86
CA PHE B 63 3.32 27.09 -14.14
C PHE B 63 2.13 26.81 -15.04
N THR B 64 1.86 25.53 -15.33
CA THR B 64 0.78 25.16 -16.24
C THR B 64 -0.56 25.69 -15.73
N PRO B 65 -1.27 26.49 -16.51
CA PRO B 65 -2.61 26.93 -16.08
C PRO B 65 -3.52 25.72 -15.91
N LEU B 66 -4.37 25.78 -14.88
CA LEU B 66 -5.23 24.65 -14.57
C LEU B 66 -6.10 24.27 -15.76
N GLU B 67 -6.56 25.25 -16.53
CA GLU B 67 -7.41 24.98 -17.69
C GLU B 67 -6.65 24.21 -18.76
N GLU B 68 -5.33 24.46 -18.90
CA GLU B 68 -4.55 23.71 -19.88
C GLU B 68 -4.33 22.28 -19.41
N ALA B 69 -4.09 22.07 -18.12
CA ALA B 69 -4.02 20.71 -17.59
C ALA B 69 -5.35 19.99 -17.76
N ARG B 70 -6.46 20.68 -17.48
CA ARG B 70 -7.77 20.08 -17.66
C ARG B 70 -8.00 19.68 -19.11
N HIS B 71 -7.63 20.55 -20.06
CA HIS B 71 -7.79 20.22 -21.47
C HIS B 71 -6.91 19.04 -21.87
N ASP B 72 -5.71 18.94 -21.28
CA ASP B 72 -4.87 17.78 -21.52
C ASP B 72 -5.51 16.50 -20.96
N LEU B 73 -6.19 16.61 -19.82
CA LEU B 73 -6.86 15.44 -19.25
C LEU B 73 -8.06 15.01 -20.11
N GLY B 74 -8.72 15.96 -20.76
CA GLY B 74 -9.90 15.65 -21.53
C GLY B 74 -11.19 15.60 -20.74
N VAL B 75 -11.19 16.09 -19.50
CA VAL B 75 -12.34 15.99 -18.62
C VAL B 75 -13.02 17.35 -18.53
N ASP B 76 -14.29 17.32 -18.14
CA ASP B 76 -15.08 18.55 -18.05
C ASP B 76 -14.77 19.29 -16.76
N ARG B 77 -15.35 20.48 -16.64
CA ARG B 77 -15.00 21.38 -15.53
C ARG B 77 -15.31 20.77 -14.18
N ASP B 78 -16.50 20.17 -14.04
CA ASP B 78 -16.91 19.62 -12.75
C ASP B 78 -16.06 18.42 -12.35
N ALA B 79 -15.72 17.57 -13.33
CA ALA B 79 -14.85 16.43 -13.03
C ALA B 79 -13.46 16.90 -12.62
N PHE B 80 -12.98 17.99 -13.22
CA PHE B 80 -11.67 18.52 -12.84
C PHE B 80 -11.67 19.03 -11.41
N ARG B 81 -12.79 19.61 -10.96
CA ARG B 81 -12.87 20.13 -9.60
C ARG B 81 -12.73 19.00 -8.58
N ARG B 82 -13.44 17.89 -8.77
CA ARG B 82 -13.34 16.79 -7.82
C ARG B 82 -12.04 16.02 -8.00
N LEU B 83 -11.38 16.12 -9.15
CA LEU B 83 -10.04 15.56 -9.29
C LEU B 83 -9.04 16.35 -8.46
N LEU B 84 -9.19 17.67 -8.41
CA LEU B 84 -8.29 18.48 -7.59
C LEU B 84 -8.50 18.22 -6.10
N ALA B 85 -9.75 18.04 -5.68
CA ALA B 85 -10.03 17.73 -4.28
C ALA B 85 -9.50 16.35 -3.91
N LEU B 86 -9.48 15.41 -4.85
CA LEU B 86 -8.93 14.10 -4.58
C LEU B 86 -7.41 14.14 -4.54
N PHE B 87 -6.79 14.98 -5.37
CA PHE B 87 -5.34 15.09 -5.39
C PHE B 87 -4.80 15.48 -4.03
N GLY B 88 -5.50 16.38 -3.32
CA GLY B 88 -5.12 16.76 -1.99
C GLY B 88 -5.22 15.67 -0.95
N GLN B 89 -5.69 14.47 -1.33
CA GLN B 89 -5.80 13.35 -0.41
C GLN B 89 -4.91 12.18 -0.82
N VAL B 90 -4.01 12.38 -1.76
CA VAL B 90 -3.02 11.38 -2.16
C VAL B 90 -1.64 11.98 -1.92
N PRO B 91 -1.16 11.99 -0.67
CA PRO B 91 0.10 12.70 -0.37
C PRO B 91 1.30 12.25 -1.19
N GLU B 92 1.32 10.98 -1.62
CA GLU B 92 2.44 10.53 -2.45
C GLU B 92 2.50 11.31 -3.77
N LEU B 93 1.36 11.82 -4.23
CA LEU B 93 1.33 12.56 -5.49
C LEU B 93 1.86 13.99 -5.31
N ARG B 94 1.53 14.63 -4.20
CA ARG B 94 2.15 15.92 -3.89
C ARG B 94 3.65 15.79 -3.81
N THR B 95 4.15 14.71 -3.20
CA THR B 95 5.58 14.46 -3.16
C THR B 95 6.15 14.28 -4.56
N ALA B 96 5.39 13.61 -5.45
CA ALA B 96 5.85 13.43 -6.81
C ALA B 96 6.03 14.77 -7.52
N VAL B 97 5.14 15.72 -7.26
CA VAL B 97 5.29 17.06 -7.82
C VAL B 97 6.45 17.79 -7.15
N GLU B 98 6.48 17.78 -5.81
CA GLU B 98 7.48 18.52 -5.08
C GLU B 98 8.90 18.02 -5.33
N THR B 99 9.06 16.72 -5.60
CA THR B 99 10.38 16.14 -5.83
C THR B 99 10.60 15.73 -7.27
N GLY B 100 9.76 16.22 -8.19
CA GLY B 100 9.93 15.92 -9.60
C GLY B 100 11.07 16.68 -10.21
N PRO B 101 11.24 16.57 -11.54
CA PRO B 101 12.28 17.35 -12.22
C PRO B 101 12.20 18.84 -11.95
N ALA B 102 11.00 19.42 -11.96
CA ALA B 102 10.81 20.84 -11.68
C ALA B 102 10.67 21.11 -10.19
N GLY B 103 11.10 20.17 -9.33
CA GLY B 103 10.95 20.33 -7.90
C GLY B 103 11.70 21.50 -7.31
N ALA B 104 12.75 21.96 -7.98
CA ALA B 104 13.49 23.13 -7.49
C ALA B 104 12.59 24.36 -7.46
N TYR B 105 11.71 24.51 -8.45
CA TYR B 105 10.73 25.59 -8.43
C TYR B 105 9.85 25.50 -7.19
N TRP B 106 9.27 24.32 -6.96
CA TRP B 106 8.28 24.18 -5.89
C TRP B 106 8.89 24.42 -4.51
N LYS B 107 9.97 23.70 -4.20
CA LYS B 107 10.47 23.69 -2.83
C LYS B 107 11.32 24.91 -2.49
N ASN B 108 12.05 25.47 -3.45
CA ASN B 108 12.94 26.58 -3.16
C ASN B 108 12.26 27.95 -3.23
N THR B 109 11.24 28.10 -4.07
CA THR B 109 10.67 29.42 -4.31
C THR B 109 9.15 29.45 -4.15
N LEU B 110 8.45 28.62 -4.93
CA LEU B 110 7.00 28.74 -5.02
C LEU B 110 6.32 28.49 -3.67
N LEU B 111 6.52 27.30 -3.10
CA LEU B 111 5.81 26.93 -1.88
C LEU B 111 6.24 27.76 -0.67
N PRO B 112 7.53 28.02 -0.45
CA PRO B 112 7.90 28.93 0.65
C PRO B 112 7.24 30.30 0.54
N LEU B 113 7.22 30.89 -0.66
CA LEU B 113 6.59 32.20 -0.81
C LEU B 113 5.08 32.12 -0.68
N GLU B 114 4.47 31.03 -1.15
CA GLU B 114 3.03 30.86 -0.95
C GLU B 114 2.69 30.77 0.54
N GLN B 115 3.47 30.00 1.30
CA GLN B 115 3.19 29.82 2.72
C GLN B 115 3.31 31.14 3.48
N ARG B 116 4.27 31.99 3.10
CA ARG B 116 4.46 33.29 3.74
C ARG B 116 3.43 34.32 3.27
N GLY B 117 2.47 33.94 2.45
CA GLY B 117 1.50 34.90 1.95
C GLY B 117 2.08 35.91 0.99
N VAL B 118 3.26 35.64 0.44
CA VAL B 118 3.91 36.63 -0.42
C VAL B 118 3.17 36.76 -1.75
N PHE B 119 2.83 35.64 -2.37
CA PHE B 119 2.09 35.70 -3.63
C PHE B 119 0.68 36.24 -3.42
N ASP B 120 0.04 35.88 -2.31
CA ASP B 120 -1.29 36.42 -2.00
C ASP B 120 -1.27 37.95 -1.99
N ALA B 121 -0.26 38.54 -1.36
CA ALA B 121 -0.21 40.00 -1.25
C ALA B 121 -0.05 40.66 -2.61
N ALA B 122 0.84 40.13 -3.46
CA ALA B 122 0.99 40.68 -4.80
C ALA B 122 -0.26 40.45 -5.64
N LEU B 123 -0.84 39.26 -5.55
CA LEU B 123 -2.05 38.96 -6.30
C LEU B 123 -3.18 39.93 -5.95
N ALA B 124 -3.33 40.25 -4.67
CA ALA B 124 -4.36 41.17 -4.22
C ALA B 124 -3.96 42.64 -4.37
N ARG B 125 -2.75 42.92 -4.83
CA ARG B 125 -2.25 44.29 -4.99
C ARG B 125 -2.38 45.09 -3.70
N LYS B 126 -1.89 44.50 -2.61
CA LYS B 126 -1.90 45.09 -1.27
C LYS B 126 -0.64 45.94 -1.06
N PRO B 127 -0.78 47.12 -0.46
CA PRO B 127 0.41 47.90 -0.08
C PRO B 127 1.12 47.26 1.11
N VAL B 128 2.12 46.46 0.82
CA VAL B 128 2.81 45.64 1.82
C VAL B 128 4.28 46.01 1.80
N PHE B 129 4.97 45.85 2.92
CA PHE B 129 6.42 46.02 2.91
C PHE B 129 7.05 44.88 2.12
N PRO B 130 8.01 45.17 1.23
CA PRO B 130 8.53 44.13 0.35
C PRO B 130 9.15 42.97 1.11
N TYR B 131 8.89 41.75 0.62
CA TYR B 131 9.38 40.55 1.28
C TYR B 131 10.90 40.43 1.18
N SER B 132 11.47 40.81 0.04
CA SER B 132 12.90 40.71 -0.20
C SER B 132 13.40 42.08 -0.64
N VAL B 133 14.23 42.72 0.19
CA VAL B 133 14.78 44.04 -0.09
C VAL B 133 16.26 43.89 -0.42
N GLY B 134 16.64 44.26 -1.63
CA GLY B 134 18.03 44.26 -2.05
C GLY B 134 18.62 45.66 -1.96
N LEU B 135 19.79 45.75 -1.33
CA LEU B 135 20.54 46.99 -1.24
C LEU B 135 21.76 46.90 -2.16
N TYR B 136 21.87 47.86 -3.07
CA TYR B 136 22.90 47.92 -4.10
C TYR B 136 23.82 49.09 -3.77
N PRO B 137 24.86 48.91 -2.95
CA PRO B 137 25.61 50.06 -2.44
C PRO B 137 26.87 50.40 -3.22
N GLY B 138 27.24 49.58 -4.20
CA GLY B 138 28.45 49.79 -4.94
C GLY B 138 28.34 50.91 -5.96
N PRO B 139 29.20 51.93 -5.82
CA PRO B 139 29.25 52.98 -6.84
C PRO B 139 29.99 52.57 -8.10
N THR B 140 30.76 51.50 -8.06
CA THR B 140 31.74 51.19 -9.09
C THR B 140 31.88 49.67 -9.21
N CYS B 141 32.30 49.21 -10.38
CA CYS B 141 32.84 47.87 -10.51
C CYS B 141 34.12 47.92 -11.33
N MET B 142 35.08 47.06 -10.98
CA MET B 142 36.34 46.97 -11.69
C MET B 142 36.31 45.90 -12.78
N PHE B 143 35.25 45.09 -12.84
CA PHE B 143 35.07 44.11 -13.90
C PHE B 143 34.18 44.70 -15.00
N ARG B 144 34.10 43.97 -16.11
CA ARG B 144 33.31 44.33 -17.28
C ARG B 144 32.86 43.00 -17.90
N CYS B 145 32.08 42.25 -17.14
CA CYS B 145 31.65 40.93 -17.57
C CYS B 145 30.79 41.02 -18.82
N HIS B 146 31.07 40.16 -19.80
CA HIS B 146 30.40 40.26 -21.09
C HIS B 146 28.90 39.95 -20.99
N PHE B 147 28.47 39.23 -19.96
CA PHE B 147 27.06 38.95 -19.77
C PHE B 147 26.33 40.01 -18.96
N CYS B 148 27.06 40.89 -18.27
CA CYS B 148 26.42 41.84 -17.38
C CYS B 148 25.87 43.02 -18.15
N VAL B 149 24.73 43.54 -17.68
CA VAL B 149 24.04 44.65 -18.35
C VAL B 149 24.60 46.00 -17.99
N ARG B 150 25.59 46.08 -17.10
CA ARG B 150 26.14 47.37 -16.70
C ARG B 150 26.74 48.08 -17.90
N VAL B 151 26.60 49.41 -17.92
CA VAL B 151 27.03 50.23 -19.05
C VAL B 151 28.49 50.63 -18.86
N THR B 152 29.32 50.39 -19.87
CA THR B 152 30.71 50.79 -19.79
C THR B 152 30.83 52.30 -19.73
N GLY B 153 31.67 52.79 -18.80
CA GLY B 153 31.80 54.21 -18.56
C GLY B 153 30.82 54.77 -17.56
N ALA B 154 29.87 53.97 -17.08
CA ALA B 154 28.85 54.42 -16.15
C ALA B 154 29.21 54.05 -14.71
N ARG B 155 28.91 54.95 -13.79
CA ARG B 155 29.20 54.76 -12.37
C ARG B 155 28.42 55.81 -11.61
N TYR B 156 28.37 55.66 -10.29
CA TYR B 156 27.78 56.65 -9.42
C TYR B 156 28.84 57.66 -9.01
N ASP B 157 28.40 58.91 -8.86
CA ASP B 157 29.31 59.97 -8.46
C ASP B 157 29.76 59.76 -7.02
N PRO B 158 31.03 60.05 -6.71
CA PRO B 158 31.46 59.97 -5.30
C PRO B 158 30.63 60.82 -4.36
N SER B 159 30.02 61.91 -4.84
CA SER B 159 29.21 62.77 -4.00
C SER B 159 27.93 62.10 -3.50
N ALA B 160 27.60 60.91 -4.01
CA ALA B 160 26.45 60.16 -3.54
C ALA B 160 26.78 59.27 -2.36
N LEU B 161 28.06 59.08 -2.03
CA LEU B 161 28.45 58.11 -1.02
C LEU B 161 27.83 58.43 0.34
N ASP B 162 28.06 59.64 0.84
CA ASP B 162 27.69 59.96 2.22
C ASP B 162 26.17 59.90 2.40
N ALA B 163 25.43 60.63 1.56
CA ALA B 163 23.97 60.65 1.69
C ALA B 163 23.36 59.29 1.39
N GLY B 164 23.97 58.54 0.47
CA GLY B 164 23.45 57.22 0.16
C GLY B 164 23.61 56.24 1.29
N ASN B 165 24.76 56.27 1.97
CA ASN B 165 24.99 55.38 3.09
C ASN B 165 24.09 55.73 4.27
N ALA B 166 23.82 57.02 4.49
CA ALA B 166 22.84 57.38 5.51
C ALA B 166 21.43 56.99 5.08
N MET B 167 21.15 57.02 3.77
CA MET B 167 19.86 56.57 3.29
C MET B 167 19.69 55.07 3.52
N PHE B 168 20.72 54.29 3.22
CA PHE B 168 20.67 52.85 3.46
C PHE B 168 20.38 52.55 4.92
N ARG B 169 21.01 53.31 5.83
CA ARG B 169 20.78 53.12 7.25
C ARG B 169 19.31 53.33 7.62
N SER B 170 18.68 54.36 7.05
CA SER B 170 17.28 54.61 7.36
C SER B 170 16.37 53.52 6.80
N VAL B 171 16.72 52.98 5.63
CA VAL B 171 15.94 51.88 5.06
C VAL B 171 16.09 50.63 5.91
N ILE B 172 17.31 50.34 6.36
CA ILE B 172 17.53 49.19 7.23
C ILE B 172 16.66 49.28 8.47
N ASP B 173 16.56 50.48 9.06
CA ASP B 173 15.70 50.68 10.22
C ASP B 173 14.24 50.38 9.92
N GLU B 174 13.82 50.49 8.66
CA GLU B 174 12.43 50.23 8.28
C GLU B 174 12.06 48.76 8.27
N ILE B 175 13.04 47.86 8.17
CA ILE B 175 12.76 46.45 7.92
C ILE B 175 12.16 45.83 9.18
N PRO B 176 10.96 45.28 9.11
CA PRO B 176 10.31 44.73 10.31
C PRO B 176 11.00 43.46 10.79
N ALA B 177 10.77 43.16 12.06
CA ALA B 177 11.27 41.91 12.61
C ALA B 177 10.48 40.72 12.08
N GLY B 178 11.05 39.53 12.23
CA GLY B 178 10.40 38.30 11.83
C GLY B 178 11.05 37.56 10.69
N ASN B 179 12.05 38.16 10.03
CA ASN B 179 12.74 37.50 8.92
C ASN B 179 14.16 38.06 8.83
N PRO B 180 15.12 37.41 9.49
CA PRO B 180 16.51 37.90 9.42
C PRO B 180 17.14 37.83 8.03
N SER B 181 16.50 37.16 7.07
CA SER B 181 16.98 37.12 5.69
C SER B 181 16.27 38.12 4.79
N ALA B 182 15.48 39.04 5.36
CA ALA B 182 14.68 39.95 4.55
C ALA B 182 15.53 40.81 3.63
N MET B 183 16.75 41.15 4.05
CA MET B 183 17.60 42.04 3.29
C MET B 183 18.90 41.35 2.92
N TYR B 184 19.42 41.67 1.74
CA TYR B 184 20.70 41.18 1.29
C TYR B 184 21.46 42.32 0.63
N PHE B 185 22.79 42.21 0.64
CA PHE B 185 23.66 43.15 -0.05
C PHE B 185 24.11 42.54 -1.36
N SER B 186 23.71 43.16 -2.47
CA SER B 186 24.18 42.70 -3.77
C SER B 186 24.40 43.92 -4.63
N GLY B 187 24.09 43.84 -5.91
CA GLY B 187 24.19 45.04 -6.69
C GLY B 187 23.77 44.83 -8.11
N GLY B 188 23.60 45.96 -8.78
CA GLY B 188 24.08 46.09 -10.12
C GLY B 188 25.59 46.02 -10.03
N LEU B 189 26.22 47.05 -9.49
CA LEU B 189 27.68 47.13 -9.45
C LEU B 189 28.24 46.36 -8.23
N GLU B 190 29.54 46.50 -8.00
CA GLU B 190 30.27 45.70 -7.01
C GLU B 190 30.11 46.30 -5.62
N PRO B 191 29.52 45.57 -4.66
CA PRO B 191 29.27 46.17 -3.33
C PRO B 191 30.51 46.58 -2.57
N LEU B 192 31.62 45.86 -2.71
CA LEU B 192 32.80 46.15 -1.92
C LEU B 192 33.45 47.48 -2.30
N THR B 193 33.07 48.08 -3.43
CA THR B 193 33.64 49.38 -3.77
C THR B 193 33.09 50.51 -2.92
N ASN B 194 32.05 50.25 -2.11
CA ASN B 194 31.56 51.20 -1.11
C ASN B 194 32.39 51.03 0.15
N PRO B 195 33.21 52.02 0.52
CA PRO B 195 34.04 51.87 1.73
C PRO B 195 33.23 51.75 3.01
N GLY B 196 31.96 52.14 2.99
CA GLY B 196 31.11 52.04 4.15
C GLY B 196 30.18 50.84 4.12
N LEU B 197 30.51 49.81 3.35
CA LEU B 197 29.68 48.62 3.32
C LEU B 197 29.75 47.88 4.65
N GLY B 198 30.93 47.82 5.26
CA GLY B 198 31.05 47.15 6.55
C GLY B 198 30.23 47.82 7.64
N SER B 199 30.12 49.14 7.59
CA SER B 199 29.29 49.85 8.56
C SER B 199 27.81 49.58 8.33
N LEU B 200 27.40 49.49 7.06
CA LEU B 200 26.02 49.10 6.76
C LEU B 200 25.75 47.69 7.29
N ALA B 201 26.73 46.79 7.16
CA ALA B 201 26.58 45.45 7.70
C ALA B 201 26.43 45.48 9.22
N ALA B 202 27.30 46.25 9.90
CA ALA B 202 27.19 46.38 11.35
C ALA B 202 25.85 46.99 11.75
N HIS B 203 25.37 47.98 10.99
CA HIS B 203 24.07 48.56 11.27
C HIS B 203 22.96 47.52 11.11
N ALA B 204 23.06 46.69 10.07
CA ALA B 204 22.06 45.66 9.85
C ALA B 204 22.14 44.57 10.91
N THR B 205 23.36 44.20 11.32
CA THR B 205 23.53 43.19 12.37
C THR B 205 22.93 43.66 13.68
N ASP B 206 23.17 44.92 14.07
CA ASP B 206 22.57 45.48 15.27
C ASP B 206 21.05 45.48 15.18
N HIS B 207 20.51 45.58 13.97
CA HIS B 207 19.07 45.58 13.77
C HIS B 207 18.45 44.21 13.98
N GLY B 208 19.26 43.16 14.13
CA GLY B 208 18.76 41.80 14.19
C GLY B 208 18.70 41.08 12.87
N LEU B 209 19.28 41.64 11.81
CA LEU B 209 19.29 41.00 10.49
C LEU B 209 20.54 40.14 10.32
N ARG B 210 20.44 39.17 9.41
CA ARG B 210 21.54 38.26 9.10
C ARG B 210 21.76 38.31 7.59
N PRO B 211 22.42 39.36 7.10
CA PRO B 211 22.48 39.60 5.65
C PRO B 211 23.64 38.88 4.97
N THR B 212 23.39 38.50 3.72
CA THR B 212 24.39 37.93 2.83
C THR B 212 24.84 38.99 1.84
N VAL B 213 26.13 38.99 1.53
CA VAL B 213 26.69 39.87 0.50
C VAL B 213 27.03 39.01 -0.72
N TYR B 214 26.63 39.49 -1.90
CA TYR B 214 26.97 38.86 -3.17
C TYR B 214 27.98 39.75 -3.87
N THR B 215 29.17 39.22 -4.12
CA THR B 215 30.29 40.04 -4.57
C THR B 215 31.18 39.21 -5.49
N ASN B 216 32.00 39.92 -6.29
CA ASN B 216 33.05 39.24 -7.05
C ASN B 216 34.31 39.03 -6.21
N SER B 217 34.35 39.58 -5.00
CA SER B 217 35.40 39.37 -4.01
C SER B 217 36.78 39.83 -4.49
N PHE B 218 36.86 40.52 -5.63
CA PHE B 218 38.15 41.03 -6.07
C PHE B 218 38.72 42.02 -5.07
N ALA B 219 37.86 42.81 -4.43
CA ALA B 219 38.28 43.78 -3.43
C ALA B 219 38.23 43.24 -2.01
N LEU B 220 38.03 41.93 -1.83
CA LEU B 220 38.00 41.33 -0.50
C LEU B 220 39.42 41.07 0.00
N THR B 221 40.20 42.15 0.05
CA THR B 221 41.58 42.09 0.50
C THR B 221 41.64 42.31 2.01
N GLU B 222 42.83 42.07 2.58
CA GLU B 222 43.02 42.38 3.99
C GLU B 222 42.88 43.87 4.26
N ARG B 223 43.28 44.71 3.30
CA ARG B 223 43.09 46.15 3.44
C ARG B 223 41.61 46.49 3.59
N THR B 224 40.75 45.82 2.82
CA THR B 224 39.32 46.07 2.91
C THR B 224 38.75 45.57 4.24
N LEU B 225 39.17 44.38 4.68
CA LEU B 225 38.68 43.85 5.95
C LEU B 225 39.03 44.78 7.11
N GLU B 226 40.22 45.38 7.08
CA GLU B 226 40.58 46.31 8.14
C GLU B 226 39.85 47.63 8.00
N ARG B 227 39.58 48.07 6.76
CA ARG B 227 38.78 49.29 6.57
C ARG B 227 37.31 49.05 6.87
N GLN B 228 36.82 47.83 6.65
CA GLN B 228 35.41 47.49 6.84
C GLN B 228 35.28 46.24 7.70
N PRO B 229 35.59 46.34 9.00
CA PRO B 229 35.50 45.15 9.85
C PRO B 229 34.08 44.68 10.11
N GLY B 230 33.09 45.52 9.84
CA GLY B 230 31.69 45.11 9.99
C GLY B 230 31.29 43.97 9.06
N LEU B 231 32.09 43.71 8.02
CA LEU B 231 31.81 42.59 7.14
C LEU B 231 31.84 41.26 7.87
N TRP B 232 32.61 41.17 8.96
CA TRP B 232 32.74 39.91 9.68
C TRP B 232 31.43 39.47 10.33
N GLY B 233 30.51 40.40 10.57
CA GLY B 233 29.23 40.06 11.14
C GLY B 233 28.17 39.62 10.17
N LEU B 234 28.49 39.58 8.87
CA LEU B 234 27.52 39.13 7.88
C LEU B 234 27.20 37.66 8.08
N HIS B 235 26.07 37.23 7.50
CA HIS B 235 25.72 35.82 7.60
C HIS B 235 26.54 34.98 6.63
N ALA B 236 26.82 35.51 5.45
CA ALA B 236 27.56 34.77 4.45
C ALA B 236 28.09 35.73 3.40
N ILE B 237 29.17 35.29 2.73
CA ILE B 237 29.69 35.94 1.54
C ILE B 237 29.63 34.92 0.42
N ARG B 238 28.82 35.18 -0.60
CA ARG B 238 28.80 34.33 -1.79
C ARG B 238 29.61 35.03 -2.88
N THR B 239 30.72 34.41 -3.27
CA THR B 239 31.58 34.96 -4.30
C THR B 239 31.12 34.45 -5.66
N SER B 240 30.90 35.37 -6.60
CA SER B 240 30.64 35.00 -7.99
C SER B 240 31.95 34.56 -8.63
N LEU B 241 32.10 33.26 -8.84
CA LEU B 241 33.33 32.68 -9.36
C LEU B 241 33.23 32.58 -10.87
N TYR B 242 33.99 33.42 -11.57
CA TYR B 242 33.88 33.56 -13.03
C TYR B 242 34.92 32.74 -13.79
N GLY B 243 35.44 31.70 -13.19
CA GLY B 243 36.45 30.88 -13.85
C GLY B 243 37.34 30.21 -12.82
N LEU B 244 38.23 29.36 -13.31
CA LEU B 244 39.11 28.58 -12.46
C LEU B 244 40.59 28.84 -12.74
N ASN B 245 40.92 29.78 -13.62
CA ASN B 245 42.29 30.22 -13.82
C ASN B 245 42.26 31.63 -14.39
N ASP B 246 43.44 32.20 -14.61
CA ASP B 246 43.52 33.60 -15.03
C ASP B 246 42.87 33.82 -16.41
N GLU B 247 43.10 32.89 -17.34
CA GLU B 247 42.63 33.08 -18.71
C GLU B 247 41.10 32.95 -18.78
N GLU B 248 40.54 32.00 -18.04
CA GLU B 248 39.08 31.90 -17.95
C GLU B 248 38.48 33.15 -17.31
N TYR B 249 39.12 33.66 -16.26
CA TYR B 249 38.65 34.87 -15.61
C TYR B 249 38.78 36.08 -16.52
N GLU B 250 39.77 36.08 -17.41
CA GLU B 250 39.95 37.23 -18.30
C GLU B 250 38.95 37.22 -19.44
N GLN B 251 38.53 36.04 -19.90
CA GLN B 251 37.52 35.99 -20.95
C GLN B 251 36.13 36.36 -20.43
N THR B 252 35.86 36.07 -19.15
CA THR B 252 34.59 36.44 -18.55
C THR B 252 34.55 37.92 -18.18
N THR B 253 35.54 38.38 -17.40
CA THR B 253 35.49 39.70 -16.80
C THR B 253 36.29 40.76 -17.55
N GLY B 254 37.22 40.36 -18.41
CA GLY B 254 38.06 41.30 -19.11
C GLY B 254 39.22 41.84 -18.31
N LYS B 255 39.39 41.42 -17.07
CA LYS B 255 40.50 41.88 -16.25
C LYS B 255 41.62 40.85 -16.24
N LYS B 256 42.85 41.33 -16.09
CA LYS B 256 44.03 40.49 -16.09
C LYS B 256 44.41 40.09 -14.67
N ALA B 257 44.86 38.85 -14.52
CA ALA B 257 45.32 38.31 -13.23
C ALA B 257 44.23 38.41 -12.16
N ALA B 258 42.97 38.25 -12.56
CA ALA B 258 41.87 38.41 -11.61
C ALA B 258 41.61 37.13 -10.81
N PHE B 259 41.86 35.96 -11.39
CA PHE B 259 41.65 34.73 -10.64
C PHE B 259 42.64 34.61 -9.49
N ARG B 260 43.90 35.00 -9.70
CA ARG B 260 44.88 34.92 -8.62
C ARG B 260 44.53 35.86 -7.47
N ARG B 261 43.95 37.02 -7.78
CA ARG B 261 43.55 37.94 -6.73
C ARG B 261 42.37 37.39 -5.93
N VAL B 262 41.33 36.91 -6.63
CA VAL B 262 40.17 36.37 -5.94
C VAL B 262 40.55 35.16 -5.09
N ARG B 263 41.46 34.32 -5.60
CA ARG B 263 41.86 33.12 -4.89
C ARG B 263 42.67 33.46 -3.65
N GLU B 264 43.68 34.32 -3.79
CA GLU B 264 44.46 34.72 -2.63
C GLU B 264 43.62 35.45 -1.61
N ASN B 265 42.63 36.23 -2.07
CA ASN B 265 41.69 36.87 -1.15
C ASN B 265 40.93 35.82 -0.35
N LEU B 266 40.42 34.80 -1.03
CA LEU B 266 39.64 33.77 -0.35
C LEU B 266 40.51 32.82 0.46
N ARG B 267 41.76 32.61 0.03
CA ARG B 267 42.69 31.84 0.84
C ARG B 267 43.00 32.55 2.15
N ARG B 268 43.20 33.87 2.09
CA ARG B 268 43.52 34.64 3.29
C ARG B 268 42.29 34.80 4.17
N PHE B 269 41.12 34.97 3.57
CA PHE B 269 39.89 35.06 4.35
C PHE B 269 39.64 33.78 5.13
N GLN B 270 39.81 32.63 4.47
CA GLN B 270 39.72 31.33 5.16
C GLN B 270 40.65 31.30 6.36
N GLN B 271 41.89 31.77 6.18
CA GLN B 271 42.84 31.81 7.29
C GLN B 271 42.32 32.67 8.43
N LEU B 272 41.87 33.89 8.12
CA LEU B 272 41.36 34.77 9.17
C LEU B 272 40.07 34.23 9.78
N ARG B 273 39.21 33.63 8.95
CA ARG B 273 37.97 33.05 9.47
C ARG B 273 38.25 31.98 10.50
N ALA B 274 39.25 31.13 10.24
CA ALA B 274 39.62 30.10 11.20
C ALA B 274 40.20 30.69 12.47
N GLU B 275 41.06 31.70 12.33
CA GLU B 275 41.68 32.31 13.50
C GLU B 275 40.63 33.04 14.35
N ARG B 276 39.78 33.85 13.71
CA ARG B 276 38.73 34.56 14.43
C ARG B 276 37.63 33.63 14.93
N GLU B 277 37.59 32.39 14.44
CA GLU B 277 36.46 31.49 14.69
C GLU B 277 35.14 32.16 14.32
N SER B 278 35.15 32.85 13.17
CA SER B 278 33.95 33.54 12.73
C SER B 278 32.91 32.54 12.25
N PRO B 279 31.65 32.70 12.63
CA PRO B 279 30.58 31.85 12.09
C PRO B 279 30.16 32.18 10.68
N ILE B 280 30.76 33.19 10.04
CA ILE B 280 30.38 33.60 8.69
C ILE B 280 30.47 32.41 7.75
N ASN B 281 29.50 32.31 6.85
CA ASN B 281 29.48 31.25 5.84
C ASN B 281 30.13 31.74 4.54
N LEU B 282 30.70 30.79 3.80
CA LEU B 282 31.35 31.07 2.52
C LEU B 282 30.75 30.19 1.44
N GLY B 283 30.30 30.82 0.35
CA GLY B 283 29.73 30.09 -0.76
C GLY B 283 30.25 30.62 -2.08
N PHE B 284 29.92 29.92 -3.15
CA PHE B 284 30.38 30.26 -4.48
C PHE B 284 29.29 30.02 -5.50
N ALA B 285 29.16 30.96 -6.43
CA ALA B 285 28.29 30.81 -7.58
C ALA B 285 29.15 30.53 -8.80
N TYR B 286 28.89 29.41 -9.46
CA TYR B 286 29.64 29.00 -10.64
C TYR B 286 28.66 28.70 -11.76
N ILE B 287 28.94 29.24 -12.95
CA ILE B 287 28.12 29.02 -14.13
C ILE B 287 28.85 28.05 -15.05
N VAL B 288 28.18 26.98 -15.43
CA VAL B 288 28.76 25.96 -16.30
C VAL B 288 28.52 26.36 -17.76
N LEU B 289 29.58 26.41 -18.53
CA LEU B 289 29.56 26.83 -19.92
C LEU B 289 29.32 25.63 -20.83
N PRO B 290 28.83 25.86 -22.05
CA PRO B 290 28.52 24.73 -22.94
C PRO B 290 29.74 23.87 -23.22
N GLY B 291 29.55 22.55 -23.14
CA GLY B 291 30.60 21.60 -23.41
C GLY B 291 31.74 21.57 -22.42
N ARG B 292 31.76 22.46 -21.43
CA ARG B 292 32.82 22.52 -20.45
C ARG B 292 32.35 22.09 -19.06
N ALA B 293 31.38 21.17 -19.01
CA ALA B 293 30.87 20.69 -17.74
C ALA B 293 31.92 19.88 -16.98
N SER B 294 32.98 19.43 -17.64
CA SER B 294 34.07 18.76 -16.94
C SER B 294 34.78 19.69 -15.96
N ARG B 295 34.69 21.01 -16.18
CA ARG B 295 35.34 21.96 -15.28
C ARG B 295 34.74 21.93 -13.88
N LEU B 296 33.57 21.31 -13.71
CA LEU B 296 33.01 21.12 -12.37
C LEU B 296 33.97 20.35 -11.48
N LEU B 297 34.69 19.37 -12.07
CA LEU B 297 35.70 18.65 -11.30
C LEU B 297 36.80 19.59 -10.82
N ASP B 298 37.22 20.52 -11.68
CA ASP B 298 38.21 21.50 -11.26
C ASP B 298 37.65 22.47 -10.21
N LEU B 299 36.33 22.64 -10.17
CA LEU B 299 35.73 23.46 -9.12
C LEU B 299 35.91 22.81 -7.75
N VAL B 300 35.70 21.49 -7.66
CA VAL B 300 35.92 20.78 -6.41
C VAL B 300 37.36 20.94 -5.95
N ASP B 301 38.31 20.89 -6.88
CA ASP B 301 39.72 21.06 -6.53
C ASP B 301 39.99 22.48 -6.05
N PHE B 302 39.31 23.47 -6.65
CA PHE B 302 39.47 24.85 -6.19
C PHE B 302 39.00 25.01 -4.75
N ILE B 303 37.85 24.42 -4.41
CA ILE B 303 37.34 24.52 -3.05
C ILE B 303 38.20 23.71 -2.09
N ALA B 304 38.68 22.55 -2.53
CA ALA B 304 39.58 21.75 -1.69
C ALA B 304 40.83 22.54 -1.34
N ASP B 305 41.37 23.30 -2.28
CA ASP B 305 42.52 24.15 -1.98
C ASP B 305 42.14 25.24 -0.99
N LEU B 306 40.93 25.79 -1.10
CA LEU B 306 40.46 26.76 -0.12
C LEU B 306 40.27 26.13 1.25
N ASN B 307 39.81 24.88 1.29
CA ASN B 307 39.60 24.20 2.56
C ASN B 307 40.93 23.94 3.27
N ASP B 308 42.03 23.78 2.52
CA ASP B 308 43.33 23.60 3.15
C ASP B 308 43.81 24.88 3.84
N ALA B 309 43.43 26.04 3.31
CA ALA B 309 43.84 27.29 3.92
C ALA B 309 43.08 27.62 5.20
N GLY B 310 41.95 26.96 5.44
CA GLY B 310 41.12 27.25 6.58
C GLY B 310 41.37 26.41 7.81
N GLN B 311 42.40 25.56 7.79
CA GLN B 311 42.76 24.71 8.94
C GLN B 311 41.56 23.90 9.42
N GLY B 312 41.00 23.11 8.50
CA GLY B 312 39.87 22.25 8.80
C GLY B 312 38.51 22.92 8.70
N ARG B 313 38.48 24.24 8.55
CA ARG B 313 37.23 25.00 8.46
C ARG B 313 36.92 25.24 6.98
N THR B 314 35.77 24.73 6.52
CA THR B 314 35.55 24.46 5.10
C THR B 314 34.53 25.40 4.47
N ILE B 315 34.44 25.31 3.13
CA ILE B 315 33.48 26.08 2.35
C ILE B 315 32.10 25.45 2.51
N ASP B 316 31.08 26.30 2.65
CA ASP B 316 29.77 25.83 3.08
C ASP B 316 28.87 25.39 1.93
N PHE B 317 28.83 26.14 0.82
CA PHE B 317 27.88 25.82 -0.24
C PHE B 317 28.41 26.28 -1.59
N VAL B 318 27.75 25.81 -2.65
CA VAL B 318 28.03 26.22 -4.02
C VAL B 318 26.71 26.29 -4.78
N ASN B 319 26.53 27.37 -5.54
CA ASN B 319 25.38 27.52 -6.44
C ASN B 319 25.87 27.25 -7.86
N ILE B 320 25.24 26.29 -8.53
CA ILE B 320 25.64 25.86 -9.86
C ILE B 320 24.50 26.18 -10.82
N ARG B 321 24.78 27.01 -11.82
CA ARG B 321 23.81 27.40 -12.83
C ARG B 321 24.39 27.15 -14.21
N GLU B 322 23.51 26.98 -15.19
CA GLU B 322 23.91 26.70 -16.56
C GLU B 322 23.94 27.99 -17.40
N ASP B 323 24.13 27.84 -18.71
CA ASP B 323 24.24 28.97 -19.63
C ASP B 323 25.44 29.85 -19.28
N GLU B 336 24.11 15.95 -25.84
CA GLU B 336 24.60 16.71 -24.69
C GLU B 336 23.76 16.44 -23.45
N ARG B 337 22.52 15.98 -23.65
CA ARG B 337 21.60 15.71 -22.55
C ARG B 337 22.16 14.65 -21.62
N ALA B 338 22.31 13.43 -22.12
CA ALA B 338 22.84 12.35 -21.29
C ALA B 338 24.26 12.62 -20.83
N GLU B 339 25.06 13.31 -21.65
CA GLU B 339 26.39 13.71 -21.23
C GLU B 339 26.33 14.60 -19.99
N LEU B 340 25.55 15.68 -20.07
CA LEU B 340 25.44 16.59 -18.93
C LEU B 340 24.98 15.87 -17.67
N GLN B 341 24.03 14.94 -17.82
CA GLN B 341 23.63 14.09 -16.71
C GLN B 341 24.82 13.31 -16.16
N GLU B 342 25.68 12.81 -17.05
CA GLU B 342 26.88 12.11 -16.63
C GLU B 342 27.84 13.02 -15.89
N ALA B 343 27.91 14.30 -16.28
CA ALA B 343 28.92 15.20 -15.72
C ALA B 343 28.55 15.71 -14.33
N LEU B 344 27.25 15.90 -14.05
CA LEU B 344 26.85 16.28 -12.70
C LEU B 344 26.99 15.11 -11.75
N ASN B 345 26.79 13.88 -12.23
CA ASN B 345 27.01 12.70 -11.40
C ASN B 345 28.48 12.57 -11.03
N ALA B 346 29.38 12.84 -11.97
CA ALA B 346 30.80 12.85 -11.64
C ALA B 346 31.12 13.97 -10.67
N PHE B 347 30.51 15.14 -10.85
CA PHE B 347 30.72 16.25 -9.93
C PHE B 347 30.34 15.87 -8.50
N GLU B 348 29.22 15.18 -8.33
CA GLU B 348 28.76 14.83 -6.99
C GLU B 348 29.65 13.77 -6.35
N GLU B 349 30.10 12.79 -7.14
CA GLU B 349 31.01 11.78 -6.62
C GLU B 349 32.27 12.41 -6.04
N ARG B 350 32.88 13.33 -6.80
CA ARG B 350 34.13 13.94 -6.37
C ARG B 350 33.93 14.88 -5.19
N VAL B 351 32.74 15.49 -5.08
CA VAL B 351 32.42 16.27 -3.89
C VAL B 351 32.49 15.37 -2.66
N ARG B 352 31.84 14.21 -2.71
CA ARG B 352 31.91 13.28 -1.59
C ARG B 352 33.33 12.81 -1.32
N GLU B 353 34.17 12.74 -2.36
CA GLU B 353 35.54 12.28 -2.19
C GLU B 353 36.46 13.36 -1.65
N ARG B 354 36.23 14.62 -2.03
CA ARG B 354 37.15 15.71 -1.72
C ARG B 354 36.56 16.80 -0.84
N THR B 355 35.27 17.08 -0.93
CA THR B 355 34.63 18.16 -0.18
C THR B 355 33.31 17.63 0.38
N PRO B 356 33.38 16.69 1.33
CA PRO B 356 32.18 15.90 1.66
C PRO B 356 31.06 16.70 2.28
N GLY B 357 31.36 17.76 3.02
CA GLY B 357 30.31 18.56 3.61
C GLY B 357 29.75 19.66 2.75
N LEU B 358 30.24 19.83 1.53
CA LEU B 358 29.85 20.95 0.68
C LEU B 358 28.40 20.80 0.24
N HIS B 359 27.57 21.79 0.57
CA HIS B 359 26.19 21.82 0.14
C HIS B 359 26.08 22.29 -1.30
N ILE B 360 25.27 21.59 -2.09
CA ILE B 360 25.09 21.89 -3.50
C ILE B 360 23.60 22.14 -3.76
N ASP B 361 23.30 23.24 -4.46
CA ASP B 361 21.98 23.41 -5.05
C ASP B 361 22.14 23.96 -6.46
N TYR B 362 21.37 23.40 -7.38
CA TYR B 362 21.45 23.73 -8.79
C TYR B 362 20.38 24.75 -9.15
N GLY B 363 20.60 25.40 -10.30
CA GLY B 363 19.54 26.20 -10.89
C GLY B 363 18.33 25.36 -11.22
N TYR B 364 17.24 26.07 -11.55
CA TYR B 364 15.99 25.39 -11.85
C TYR B 364 16.14 24.44 -13.03
N ALA B 365 16.73 24.92 -14.13
CA ALA B 365 16.88 24.09 -15.32
C ALA B 365 17.89 22.98 -15.10
N LEU B 366 19.01 23.28 -14.45
CA LEU B 366 20.03 22.27 -14.19
C LEU B 366 19.52 21.17 -13.28
N ASN B 367 18.68 21.53 -12.31
CA ASN B 367 18.13 20.54 -11.39
C ASN B 367 17.24 19.55 -12.12
N SER B 368 16.62 19.98 -13.22
CA SER B 368 15.78 19.07 -14.00
C SER B 368 16.59 18.21 -14.95
N LEU B 369 17.79 18.67 -15.35
CA LEU B 369 18.63 17.91 -16.27
C LEU B 369 19.32 16.74 -15.60
N ARG B 370 19.76 16.89 -14.35
CA ARG B 370 19.76 15.72 -13.48
C ARG B 370 18.39 15.06 -13.57
N THR B 371 18.39 13.73 -13.65
CA THR B 371 17.27 12.82 -14.00
C THR B 371 17.01 12.79 -15.50
N GLY B 372 17.71 13.58 -16.31
CA GLY B 372 17.54 13.48 -17.73
C GLY B 372 16.31 14.15 -18.30
N ALA B 373 15.56 14.87 -17.48
CA ALA B 373 14.36 15.54 -17.97
C ALA B 373 14.74 16.72 -18.87
N ASP B 374 13.82 17.08 -19.76
CA ASP B 374 14.07 18.14 -20.73
C ASP B 374 13.90 19.50 -20.06
N ALA B 375 15.00 20.27 -20.00
CA ALA B 375 14.98 21.59 -19.37
C ALA B 375 14.14 22.54 -20.21
N GLU B 376 12.91 22.77 -19.77
CA GLU B 376 12.04 23.73 -20.44
C GLU B 376 12.41 25.15 -20.01
N LEU B 377 12.67 26.00 -20.99
CA LEU B 377 13.22 27.32 -20.71
C LEU B 377 12.13 28.30 -20.31
N LEU B 378 12.49 29.23 -19.42
CA LEU B 378 11.59 30.27 -18.94
C LEU B 378 12.07 31.60 -19.53
N ARG B 379 11.32 32.11 -20.51
CA ARG B 379 11.65 33.37 -21.18
C ARG B 379 10.42 34.27 -21.13
N ILE B 380 10.34 35.10 -20.08
CA ILE B 380 9.31 36.13 -20.02
C ILE B 380 9.56 37.14 -21.14
N LYS B 381 8.49 37.53 -21.83
CA LYS B 381 8.59 38.52 -22.89
C LYS B 381 7.80 39.75 -22.49
N PRO B 382 7.98 40.91 -23.17
CA PRO B 382 7.20 42.10 -22.80
C PRO B 382 5.70 41.84 -22.71
N ALA B 383 5.16 40.98 -23.56
CA ALA B 383 3.73 40.68 -23.52
C ALA B 383 3.33 39.96 -22.24
N THR B 384 4.24 39.16 -21.66
CA THR B 384 3.94 38.42 -20.45
C THR B 384 4.45 39.11 -19.19
N MET B 385 4.99 40.32 -19.30
CA MET B 385 5.36 41.08 -18.12
C MET B 385 4.13 41.69 -17.47
N ARG B 386 4.10 41.72 -16.14
CA ARG B 386 2.99 42.30 -15.41
C ARG B 386 3.26 43.77 -15.14
N PRO B 387 2.43 44.68 -15.65
CA PRO B 387 2.77 46.12 -15.57
C PRO B 387 2.98 46.64 -14.16
N THR B 388 2.31 46.07 -13.16
CA THR B 388 2.49 46.50 -11.78
C THR B 388 3.76 45.96 -11.16
N ALA B 389 4.45 45.05 -11.84
CA ALA B 389 5.62 44.34 -11.29
C ALA B 389 5.17 43.67 -9.99
N HIS B 390 6.10 43.46 -9.06
CA HIS B 390 5.74 42.79 -7.81
C HIS B 390 6.50 43.35 -6.63
N PRO B 391 6.31 44.63 -6.28
CA PRO B 391 7.06 45.21 -5.15
C PRO B 391 6.73 44.57 -3.82
N GLN B 392 5.60 43.86 -3.70
CA GLN B 392 5.31 43.13 -2.49
C GLN B 392 6.30 41.98 -2.29
N VAL B 393 6.83 41.44 -3.38
CA VAL B 393 7.79 40.33 -3.32
C VAL B 393 9.22 40.84 -3.17
N ALA B 394 9.63 41.80 -4.02
CA ALA B 394 11.03 42.21 -4.03
C ALA B 394 11.16 43.60 -4.64
N VAL B 395 12.08 44.39 -4.07
CA VAL B 395 12.54 45.65 -4.65
C VAL B 395 14.04 45.78 -4.37
N GLN B 396 14.66 46.75 -5.04
CA GLN B 396 16.11 46.98 -4.91
C GLN B 396 16.37 48.47 -4.86
N VAL B 397 17.28 48.88 -3.98
CA VAL B 397 17.60 50.29 -3.75
C VAL B 397 19.08 50.51 -4.05
N ASP B 398 19.38 51.52 -4.85
CA ASP B 398 20.76 51.88 -5.16
C ASP B 398 21.17 53.11 -4.33
N LEU B 399 22.39 53.59 -4.59
CA LEU B 399 22.98 54.66 -3.78
C LEU B 399 22.13 55.92 -3.80
N LEU B 400 21.40 56.17 -4.89
CA LEU B 400 20.60 57.39 -4.99
C LEU B 400 19.26 57.28 -4.26
N GLY B 401 18.99 56.17 -3.59
CA GLY B 401 17.68 55.94 -3.01
C GLY B 401 16.63 55.48 -4.00
N ASP B 402 17.00 55.28 -5.26
CA ASP B 402 16.03 54.86 -6.27
C ASP B 402 15.60 53.42 -6.03
N VAL B 403 14.29 53.18 -6.05
CA VAL B 403 13.72 51.86 -5.79
C VAL B 403 13.40 51.22 -7.13
N TYR B 404 14.17 50.20 -7.51
CA TYR B 404 13.99 49.54 -8.79
C TYR B 404 13.07 48.33 -8.65
N LEU B 405 12.19 48.15 -9.64
CA LEU B 405 11.19 47.10 -9.56
C LEU B 405 11.75 45.72 -9.95
N TYR B 406 12.89 45.67 -10.64
CA TYR B 406 13.49 44.42 -11.05
C TYR B 406 14.98 44.44 -10.76
N ARG B 407 15.56 43.25 -10.58
CA ARG B 407 16.91 43.14 -10.07
C ARG B 407 17.95 43.70 -11.05
N GLU B 408 17.77 43.45 -12.33
CA GLU B 408 18.76 43.87 -13.33
C GLU B 408 18.47 45.25 -13.92
N ALA B 409 17.52 45.99 -13.36
CA ALA B 409 17.31 47.36 -13.78
C ALA B 409 18.15 48.36 -12.99
N GLY B 410 18.70 47.94 -11.85
CA GLY B 410 19.42 48.84 -10.97
C GLY B 410 20.86 49.05 -11.37
N PHE B 411 21.07 49.70 -12.52
CA PHE B 411 22.39 50.03 -13.02
C PHE B 411 22.37 51.46 -13.53
N PRO B 412 23.40 52.25 -13.23
CA PRO B 412 23.43 53.64 -13.74
C PRO B 412 23.53 53.66 -15.26
N ASP B 413 22.79 54.60 -15.85
CA ASP B 413 22.77 54.87 -17.29
C ASP B 413 22.23 53.70 -18.12
N LEU B 414 21.68 52.67 -17.49
CA LEU B 414 21.09 51.56 -18.23
C LEU B 414 19.91 52.04 -19.06
N ASP B 415 19.95 51.75 -20.36
CA ASP B 415 18.92 52.21 -21.29
C ASP B 415 17.54 51.74 -20.85
N GLY B 416 16.62 52.69 -20.68
CA GLY B 416 15.24 52.40 -20.35
C GLY B 416 14.98 52.02 -18.90
N ALA B 417 15.99 52.02 -18.05
CA ALA B 417 15.85 51.43 -16.72
C ALA B 417 15.20 52.38 -15.72
N THR B 418 15.30 53.69 -15.94
CA THR B 418 14.66 54.64 -15.03
C THR B 418 13.14 54.53 -15.06
N ARG B 419 12.58 53.93 -16.11
CA ARG B 419 11.13 53.74 -16.16
C ARG B 419 10.63 52.76 -15.11
N TYR B 420 11.52 51.95 -14.54
CA TYR B 420 11.16 50.96 -13.54
C TYR B 420 11.58 51.38 -12.14
N ILE B 421 11.79 52.68 -11.93
CA ILE B 421 11.95 53.25 -10.60
C ILE B 421 10.56 53.54 -10.04
N ALA B 422 10.22 52.88 -8.93
CA ALA B 422 8.95 53.12 -8.27
C ALA B 422 8.94 54.42 -7.47
N GLY B 423 10.10 54.97 -7.19
CA GLY B 423 10.21 56.13 -6.32
C GLY B 423 11.60 56.19 -5.74
N ARG B 424 11.84 57.25 -4.97
CA ARG B 424 13.17 57.47 -4.41
C ARG B 424 13.08 57.68 -2.91
N VAL B 425 13.87 56.90 -2.17
CA VAL B 425 13.96 57.07 -0.72
C VAL B 425 14.75 58.34 -0.43
N THR B 426 14.13 59.25 0.30
CA THR B 426 14.72 60.51 0.75
C THR B 426 14.52 60.63 2.24
N PRO B 427 15.13 61.62 2.89
CA PRO B 427 14.80 61.89 4.30
C PRO B 427 13.33 62.18 4.53
N ASP B 428 12.58 62.58 3.50
CA ASP B 428 11.15 62.84 3.64
C ASP B 428 10.27 61.70 3.16
N THR B 429 10.82 60.76 2.39
CA THR B 429 10.05 59.63 1.86
C THR B 429 10.80 58.35 2.16
N SER B 430 10.18 57.48 2.97
CA SER B 430 10.78 56.20 3.31
C SER B 430 10.50 55.18 2.20
N LEU B 431 11.22 54.06 2.26
CA LEU B 431 10.95 52.97 1.34
C LEU B 431 9.53 52.45 1.51
N THR B 432 9.05 52.38 2.75
CA THR B 432 7.68 51.97 3.01
C THR B 432 6.70 52.87 2.26
N GLU B 433 6.96 54.18 2.25
CA GLU B 433 6.06 55.08 1.55
C GLU B 433 6.17 54.91 0.03
N VAL B 434 7.39 54.74 -0.48
CA VAL B 434 7.59 54.54 -1.91
C VAL B 434 6.76 53.35 -2.40
N VAL B 435 6.86 52.23 -1.70
CA VAL B 435 6.12 51.04 -2.11
C VAL B 435 4.63 51.22 -1.90
N ARG B 436 4.22 51.75 -0.74
CA ARG B 436 2.79 51.92 -0.45
C ARG B 436 2.12 52.83 -1.48
N ASP B 437 2.73 53.97 -1.79
CA ASP B 437 2.13 54.88 -2.74
C ASP B 437 2.05 54.27 -4.14
N PHE B 438 3.11 53.56 -4.55
CA PHE B 438 3.12 52.95 -5.89
C PHE B 438 2.03 51.90 -6.02
N VAL B 439 1.82 51.10 -4.98
CA VAL B 439 0.79 50.07 -5.02
C VAL B 439 -0.60 50.68 -4.87
N GLU B 440 -0.76 51.64 -3.95
CA GLU B 440 -2.08 52.18 -3.67
C GLU B 440 -2.63 52.98 -4.84
N ARG B 441 -1.77 53.69 -5.56
CA ARG B 441 -2.20 54.43 -6.73
C ARG B 441 -2.31 53.57 -7.98
N GLY B 442 -2.02 52.27 -7.87
CA GLY B 442 -2.05 51.40 -9.04
C GLY B 442 -1.00 51.74 -10.06
N GLY B 443 0.20 52.13 -9.62
CA GLY B 443 1.26 52.46 -10.56
C GLY B 443 1.58 51.29 -11.47
N GLU B 444 1.90 51.61 -12.73
CA GLU B 444 2.18 50.62 -13.75
C GLU B 444 3.29 51.13 -14.65
N VAL B 445 4.03 50.19 -15.25
CA VAL B 445 5.04 50.50 -16.27
C VAL B 445 4.72 49.68 -17.50
N ALA B 446 4.34 50.34 -18.59
CA ALA B 446 4.08 49.67 -19.84
C ALA B 446 5.38 49.12 -20.42
N ALA B 447 5.40 47.83 -20.73
CA ALA B 447 6.61 47.16 -21.16
C ALA B 447 6.92 47.47 -22.61
N VAL B 448 8.19 47.78 -22.89
CA VAL B 448 8.68 47.92 -24.24
C VAL B 448 9.74 46.85 -24.48
N ASP B 449 10.01 46.60 -25.77
CA ASP B 449 11.01 45.61 -26.14
C ASP B 449 12.35 45.97 -25.53
N GLY B 450 12.95 45.00 -24.82
CA GLY B 450 14.21 45.18 -24.12
C GLY B 450 14.06 45.20 -22.61
N ASP B 451 12.87 45.56 -22.10
CA ASP B 451 12.65 45.60 -20.66
C ASP B 451 12.72 44.21 -20.03
N GLU B 452 12.52 43.15 -20.82
CA GLU B 452 12.52 41.80 -20.26
C GLU B 452 13.88 41.44 -19.67
N TYR B 453 14.95 42.08 -20.16
CA TYR B 453 16.27 41.79 -19.61
C TYR B 453 16.50 42.41 -18.24
N PHE B 454 15.57 43.24 -17.74
CA PHE B 454 15.69 43.77 -16.39
C PHE B 454 15.41 42.71 -15.32
N MET B 455 14.84 41.58 -15.71
CA MET B 455 14.43 40.55 -14.76
C MET B 455 15.53 39.51 -14.61
N ASP B 456 15.90 39.23 -13.36
CA ASP B 456 16.78 38.10 -13.10
C ASP B 456 15.96 36.81 -13.04
N GLY B 457 16.64 35.71 -12.73
CA GLY B 457 15.93 34.44 -12.63
C GLY B 457 14.76 34.47 -11.68
N PHE B 458 14.94 35.10 -10.51
CA PHE B 458 13.87 35.18 -9.52
C PHE B 458 12.68 35.97 -10.03
N ASP B 459 12.94 37.13 -10.64
CA ASP B 459 11.86 37.96 -11.19
C ASP B 459 11.02 37.18 -12.19
N GLN B 460 11.66 36.36 -13.02
CA GLN B 460 10.92 35.62 -14.05
C GLN B 460 10.04 34.54 -13.42
N VAL B 461 10.55 33.86 -12.39
CA VAL B 461 9.73 32.85 -11.72
C VAL B 461 8.56 33.52 -11.01
N VAL B 462 8.80 34.65 -10.34
CA VAL B 462 7.73 35.36 -9.65
C VAL B 462 6.68 35.84 -10.64
N THR B 463 7.13 36.36 -11.79
CA THR B 463 6.19 36.80 -12.82
C THR B 463 5.41 35.63 -13.41
N ALA B 464 6.11 34.53 -13.70
CA ALA B 464 5.43 33.35 -14.23
C ALA B 464 4.41 32.81 -13.24
N ARG B 465 4.74 32.82 -11.94
CA ARG B 465 3.78 32.38 -10.94
C ARG B 465 2.59 33.32 -10.86
N LEU B 466 2.83 34.63 -10.85
CA LEU B 466 1.73 35.59 -10.74
C LEU B 466 0.85 35.59 -11.99
N ASN B 467 1.43 35.32 -13.17
CA ASN B 467 0.60 35.15 -14.36
C ASN B 467 -0.28 33.92 -14.24
N GLN B 468 0.29 32.82 -13.75
CA GLN B 468 -0.47 31.59 -13.57
C GLN B 468 -1.59 31.78 -12.55
N LEU B 469 -1.27 32.39 -11.40
CA LEU B 469 -2.29 32.62 -10.38
C LEU B 469 -3.41 33.50 -10.91
N GLU B 470 -3.07 34.56 -11.65
CA GLU B 470 -4.09 35.45 -12.18
C GLU B 470 -4.94 34.75 -13.24
N ARG B 471 -4.32 33.88 -14.05
CA ARG B 471 -5.06 33.15 -15.07
C ARG B 471 -6.02 32.15 -14.45
N ASP B 472 -5.59 31.45 -13.39
CA ASP B 472 -6.45 30.48 -12.73
C ASP B 472 -7.65 31.17 -12.09
N ALA B 473 -7.43 32.30 -11.43
CA ALA B 473 -8.54 33.03 -10.81
C ALA B 473 -9.53 33.51 -11.87
N ALA B 474 -9.01 34.10 -12.96
CA ALA B 474 -9.87 34.57 -14.04
C ALA B 474 -10.68 33.44 -14.66
N ASP B 475 -10.13 32.22 -14.65
CA ASP B 475 -10.80 31.04 -15.17
C ASP B 475 -11.78 30.41 -14.18
N GLY B 476 -11.98 31.01 -13.02
CA GLY B 476 -12.89 30.46 -12.03
C GLY B 476 -12.32 29.39 -11.15
N TRP B 477 -10.99 29.33 -11.00
CA TRP B 477 -10.35 28.39 -10.09
C TRP B 477 -9.62 29.15 -8.99
N GLU B 478 -10.31 30.12 -8.37
CA GLU B 478 -9.65 31.03 -7.43
C GLU B 478 -9.06 30.27 -6.25
N GLU B 479 -9.85 29.38 -5.64
CA GLU B 479 -9.36 28.64 -4.48
C GLU B 479 -8.25 27.68 -4.83
N ALA B 480 -8.30 27.08 -6.03
CA ALA B 480 -7.31 26.09 -6.44
C ALA B 480 -6.13 26.70 -7.19
N ARG B 481 -6.05 28.03 -7.24
CA ARG B 481 -5.04 28.72 -8.06
C ARG B 481 -3.64 28.19 -7.79
N GLY B 482 -2.90 27.95 -8.87
CA GLY B 482 -1.53 27.47 -8.77
C GLY B 482 -1.37 25.99 -8.55
N PHE B 483 -2.47 25.22 -8.54
CA PHE B 483 -2.45 23.76 -8.40
C PHE B 483 -1.99 23.33 -7.02
N LEU B 484 -0.75 23.66 -6.66
CA LEU B 484 -0.21 23.39 -5.33
C LEU B 484 0.05 24.70 -4.60
N ARG B 485 -0.20 24.70 -3.30
CA ARG B 485 0.06 25.88 -2.48
C ARG B 485 0.11 25.47 -1.02
N LEU B 486 0.88 26.22 -0.24
CA LEU B 486 0.92 26.08 1.21
C LEU B 486 0.22 27.27 1.84
N GLU B 487 -0.38 27.03 3.01
CA GLU B 487 -1.05 28.08 3.76
C GLU B 487 -0.25 28.42 5.02
N HIS B 488 -0.60 29.55 5.63
CA HIS B 488 0.01 29.93 6.89
C HIS B 488 -0.36 28.92 7.98
N HIS B 489 0.64 28.55 8.79
CA HIS B 489 0.45 27.53 9.82
C HIS B 489 0.04 28.22 11.12
N HIS B 490 -1.27 28.27 11.36
CA HIS B 490 -1.84 28.86 12.58
C HIS B 490 -1.85 27.80 13.67
N HIS B 491 -0.80 27.78 14.49
CA HIS B 491 -0.77 26.87 15.63
C HIS B 491 -1.37 27.55 16.86
N HIS B 492 -2.32 26.88 17.50
CA HIS B 492 -3.02 27.41 18.67
C HIS B 492 -2.51 26.69 19.91
N HIS B 493 -1.92 27.44 20.83
CA HIS B 493 -1.46 26.86 22.08
C HIS B 493 -2.58 26.76 23.09
N ALA C 10 -11.47 -7.12 -21.35
CA ALA C 10 -12.27 -7.85 -22.32
C ALA C 10 -13.75 -7.82 -21.92
N PRO C 11 -14.55 -7.06 -22.66
CA PRO C 11 -15.97 -6.92 -22.29
C PRO C 11 -16.76 -8.22 -22.35
N ALA C 12 -16.25 -9.23 -23.05
CA ALA C 12 -16.96 -10.51 -23.11
C ALA C 12 -16.73 -11.35 -21.84
N GLU C 13 -15.59 -11.18 -21.18
CA GLU C 13 -15.28 -11.99 -20.01
C GLU C 13 -16.09 -11.60 -18.78
N ARG C 14 -16.75 -10.43 -18.80
CA ARG C 14 -17.52 -9.97 -17.66
C ARG C 14 -18.96 -9.61 -18.03
N CYS C 15 -19.47 -10.19 -19.11
CA CYS C 15 -20.79 -9.84 -19.61
C CYS C 15 -21.93 -10.42 -18.77
N ALA C 16 -21.64 -11.20 -17.73
CA ALA C 16 -22.69 -11.78 -16.91
C ALA C 16 -23.02 -10.95 -15.67
N HIS C 17 -22.13 -10.05 -15.26
CA HIS C 17 -22.33 -9.24 -14.08
C HIS C 17 -23.26 -8.05 -14.37
N PRO C 18 -23.94 -7.54 -13.34
CA PRO C 18 -24.81 -6.37 -13.56
C PRO C 18 -24.01 -5.16 -13.99
N GLY C 19 -24.60 -4.36 -14.88
CA GLY C 19 -23.92 -3.18 -15.37
C GLY C 19 -22.86 -3.46 -16.41
N ALA C 20 -23.01 -4.54 -17.17
CA ALA C 20 -22.04 -4.90 -18.20
C ALA C 20 -22.46 -4.30 -19.53
N ASP C 21 -21.46 -3.94 -20.33
CA ASP C 21 -21.70 -3.41 -21.68
C ASP C 21 -22.00 -4.60 -22.59
N LEU C 22 -23.27 -4.96 -22.68
CA LEU C 22 -23.66 -6.09 -23.51
C LEU C 22 -23.39 -5.82 -24.98
N GLY C 23 -23.61 -4.58 -25.42
CA GLY C 23 -23.33 -4.25 -26.81
C GLY C 23 -21.87 -4.40 -27.17
N ALA C 24 -20.97 -3.99 -26.26
CA ALA C 24 -19.54 -4.16 -26.51
C ALA C 24 -19.14 -5.63 -26.49
N ALA C 25 -19.74 -6.41 -25.60
CA ALA C 25 -19.43 -7.84 -25.55
C ALA C 25 -19.90 -8.56 -26.81
N VAL C 26 -21.10 -8.21 -27.30
CA VAL C 26 -21.58 -8.80 -28.55
C VAL C 26 -20.66 -8.40 -29.70
N HIS C 27 -20.18 -7.15 -29.68
CA HIS C 27 -19.28 -6.69 -30.74
C HIS C 27 -17.97 -7.47 -30.72
N ALA C 28 -17.40 -7.71 -29.53
CA ALA C 28 -16.14 -8.43 -29.45
C ALA C 28 -16.32 -9.91 -29.79
N VAL C 29 -17.43 -10.51 -29.37
CA VAL C 29 -17.71 -11.91 -29.71
C VAL C 29 -17.95 -12.05 -31.21
N GLY C 30 -18.60 -11.06 -31.82
CA GLY C 30 -18.85 -11.13 -33.25
C GLY C 30 -17.58 -11.12 -34.08
N GLN C 31 -16.59 -10.34 -33.65
CA GLN C 31 -15.32 -10.29 -34.36
C GLN C 31 -14.53 -11.58 -34.16
N THR C 32 -14.61 -12.16 -32.97
CA THR C 32 -14.04 -13.49 -32.76
C THR C 32 -14.66 -14.51 -33.70
N LEU C 33 -15.98 -14.46 -33.86
CA LEU C 33 -16.66 -15.39 -34.76
C LEU C 33 -16.23 -15.18 -36.21
N ALA C 34 -16.11 -13.91 -36.64
CA ALA C 34 -15.83 -13.63 -38.04
C ALA C 34 -14.35 -13.77 -38.36
N ALA C 35 -13.47 -13.24 -37.50
CA ALA C 35 -12.04 -13.34 -37.75
C ALA C 35 -11.60 -14.79 -37.84
N GLY C 36 -12.09 -15.64 -36.93
CA GLY C 36 -11.76 -17.05 -36.94
C GLY C 36 -12.46 -17.89 -37.98
N GLY C 37 -13.34 -17.29 -38.79
CA GLY C 37 -14.03 -18.03 -39.82
C GLY C 37 -15.02 -19.06 -39.31
N LEU C 38 -15.53 -18.88 -38.10
CA LEU C 38 -16.50 -19.83 -37.55
C LEU C 38 -17.89 -19.62 -38.13
N VAL C 39 -18.24 -18.37 -38.44
CA VAL C 39 -19.57 -18.02 -38.95
C VAL C 39 -19.37 -17.06 -40.11
N PRO C 40 -20.21 -17.11 -41.15
CA PRO C 40 -20.12 -16.10 -42.20
C PRO C 40 -20.35 -14.71 -41.63
N PRO C 41 -19.81 -13.69 -42.28
CA PRO C 41 -19.74 -12.37 -41.61
C PRO C 41 -21.09 -11.70 -41.41
N ASP C 42 -22.08 -11.97 -42.25
CA ASP C 42 -23.37 -11.30 -42.11
C ASP C 42 -24.13 -11.81 -40.89
N GLU C 43 -24.08 -13.12 -40.63
CA GLU C 43 -24.74 -13.68 -39.47
C GLU C 43 -23.89 -13.61 -38.21
N ALA C 44 -22.72 -12.98 -38.26
CA ALA C 44 -21.84 -12.95 -37.10
C ALA C 44 -22.43 -12.13 -35.96
N GLY C 45 -23.29 -11.15 -36.27
CA GLY C 45 -23.87 -10.31 -35.24
C GLY C 45 -24.99 -10.98 -34.47
N THR C 46 -25.90 -11.64 -35.18
CA THR C 46 -27.02 -12.30 -34.52
C THR C 46 -26.55 -13.52 -33.73
N THR C 47 -25.61 -14.29 -34.29
CA THR C 47 -25.06 -15.44 -33.58
C THR C 47 -24.33 -15.00 -32.31
N ALA C 48 -23.60 -13.88 -32.38
CA ALA C 48 -22.88 -13.40 -31.21
C ALA C 48 -23.84 -12.98 -30.10
N ARG C 49 -25.02 -12.43 -30.47
CA ARG C 49 -26.00 -12.07 -29.46
C ARG C 49 -26.55 -13.30 -28.75
N HIS C 50 -26.82 -14.37 -29.52
CA HIS C 50 -27.27 -15.62 -28.90
C HIS C 50 -26.21 -16.18 -27.96
N LEU C 51 -24.95 -16.17 -28.38
CA LEU C 51 -23.88 -16.70 -27.55
C LEU C 51 -23.70 -15.87 -26.28
N VAL C 52 -23.79 -14.53 -26.40
CA VAL C 52 -23.68 -13.67 -25.23
C VAL C 52 -24.87 -13.89 -24.30
N ARG C 53 -26.07 -14.04 -24.85
CA ARG C 53 -27.24 -14.29 -24.03
C ARG C 53 -27.10 -15.59 -23.25
N LEU C 54 -26.50 -16.61 -23.86
CA LEU C 54 -26.29 -17.88 -23.16
C LEU C 54 -25.33 -17.70 -22.00
N ALA C 55 -24.22 -16.97 -22.21
CA ALA C 55 -23.25 -16.75 -21.14
C ALA C 55 -23.85 -15.92 -20.01
N VAL C 56 -24.65 -14.91 -20.35
CA VAL C 56 -25.32 -14.12 -19.32
C VAL C 56 -26.26 -15.00 -18.50
N ARG C 57 -27.00 -15.88 -19.19
CA ARG C 57 -27.98 -16.72 -18.50
C ARG C 57 -27.29 -17.73 -17.57
N TYR C 58 -26.37 -18.52 -18.10
CA TYR C 58 -25.73 -19.55 -17.29
C TYR C 58 -24.69 -18.99 -16.34
N GLY C 59 -24.25 -17.74 -16.54
CA GLY C 59 -23.45 -17.07 -15.54
C GLY C 59 -24.23 -16.51 -14.38
N ASN C 60 -25.55 -16.69 -14.38
CA ASN C 60 -26.43 -16.26 -13.30
C ASN C 60 -27.34 -17.37 -12.80
N SER C 61 -27.83 -18.24 -13.69
CA SER C 61 -28.68 -19.37 -13.34
C SER C 61 -28.03 -20.63 -13.88
N PRO C 62 -27.10 -21.22 -13.13
CA PRO C 62 -26.33 -22.35 -13.67
C PRO C 62 -27.15 -23.60 -13.92
N PHE C 63 -28.34 -23.72 -13.33
CA PHE C 63 -29.14 -24.93 -13.43
C PHE C 63 -30.22 -24.86 -14.50
N THR C 64 -30.18 -23.84 -15.36
CA THR C 64 -31.21 -23.67 -16.37
C THR C 64 -31.21 -24.85 -17.34
N PRO C 65 -32.34 -25.55 -17.51
CA PRO C 65 -32.37 -26.63 -18.50
C PRO C 65 -32.11 -26.10 -19.90
N LEU C 66 -31.41 -26.90 -20.70
CA LEU C 66 -31.03 -26.48 -22.04
C LEU C 66 -32.26 -26.13 -22.89
N GLU C 67 -33.37 -26.85 -22.71
CA GLU C 67 -34.56 -26.56 -23.49
C GLU C 67 -35.21 -25.25 -23.09
N GLU C 68 -35.03 -24.82 -21.85
CA GLU C 68 -35.52 -23.51 -21.45
C GLU C 68 -34.68 -22.41 -22.07
N ALA C 69 -33.36 -22.61 -22.15
CA ALA C 69 -32.49 -21.63 -22.79
C ALA C 69 -32.74 -21.55 -24.29
N ARG C 70 -33.04 -22.69 -24.92
CA ARG C 70 -33.35 -22.68 -26.35
C ARG C 70 -34.66 -21.95 -26.62
N HIS C 71 -35.66 -22.17 -25.76
CA HIS C 71 -36.93 -21.47 -25.90
C HIS C 71 -36.73 -19.96 -25.73
N ASP C 72 -35.96 -19.57 -24.73
CA ASP C 72 -35.63 -18.16 -24.54
C ASP C 72 -34.93 -17.57 -25.76
N LEU C 73 -34.14 -18.37 -26.48
CA LEU C 73 -33.46 -17.88 -27.68
C LEU C 73 -34.38 -17.86 -28.89
N GLY C 74 -35.39 -18.73 -28.91
CA GLY C 74 -36.34 -18.78 -30.00
C GLY C 74 -35.88 -19.55 -31.22
N VAL C 75 -34.75 -20.24 -31.12
CA VAL C 75 -34.22 -21.03 -32.22
C VAL C 75 -34.66 -22.47 -32.06
N ASP C 76 -34.39 -23.30 -33.06
CA ASP C 76 -34.69 -24.73 -32.97
C ASP C 76 -33.39 -25.52 -32.77
N ARG C 77 -33.55 -26.83 -32.60
CA ARG C 77 -32.51 -27.69 -32.06
C ARG C 77 -31.28 -27.75 -32.95
N ASP C 78 -31.44 -27.58 -34.27
CA ASP C 78 -30.27 -27.52 -35.13
C ASP C 78 -29.47 -26.25 -34.88
N ALA C 79 -30.16 -25.12 -34.69
CA ALA C 79 -29.47 -23.89 -34.37
C ALA C 79 -28.85 -23.94 -32.98
N PHE C 80 -29.60 -24.47 -32.00
CA PHE C 80 -29.05 -24.61 -30.66
C PHE C 80 -27.82 -25.50 -30.65
N ARG C 81 -27.85 -26.57 -31.45
CA ARG C 81 -26.70 -27.45 -31.54
C ARG C 81 -25.48 -26.72 -32.07
N ARG C 82 -25.65 -25.90 -33.11
CA ARG C 82 -24.53 -25.13 -33.64
C ARG C 82 -24.10 -24.05 -32.67
N LEU C 83 -25.03 -23.47 -31.91
CA LEU C 83 -24.66 -22.46 -30.92
C LEU C 83 -23.83 -23.07 -29.80
N LEU C 84 -24.19 -24.28 -29.35
CA LEU C 84 -23.40 -24.95 -28.33
C LEU C 84 -21.98 -25.22 -28.83
N ALA C 85 -21.84 -25.68 -30.07
CA ALA C 85 -20.52 -25.92 -30.64
C ALA C 85 -19.76 -24.62 -30.81
N LEU C 86 -20.45 -23.54 -31.22
CA LEU C 86 -19.79 -22.25 -31.36
C LEU C 86 -19.42 -21.66 -30.00
N PHE C 87 -20.21 -21.94 -28.96
CA PHE C 87 -19.91 -21.41 -27.63
C PHE C 87 -18.56 -21.92 -27.14
N GLY C 88 -18.26 -23.19 -27.41
CA GLY C 88 -16.98 -23.75 -27.01
C GLY C 88 -15.79 -23.12 -27.71
N GLN C 89 -16.02 -22.40 -28.80
CA GLN C 89 -14.95 -21.79 -29.58
C GLN C 89 -14.68 -20.34 -29.19
N VAL C 90 -15.39 -19.81 -28.20
CA VAL C 90 -15.15 -18.46 -27.70
C VAL C 90 -14.76 -18.56 -26.24
N PRO C 91 -13.46 -18.67 -25.92
CA PRO C 91 -13.07 -18.94 -24.53
C PRO C 91 -13.48 -17.86 -23.55
N GLU C 92 -13.63 -16.62 -24.01
CA GLU C 92 -14.03 -15.54 -23.12
C GLU C 92 -15.46 -15.69 -22.62
N LEU C 93 -16.32 -16.38 -23.38
CA LEU C 93 -17.68 -16.61 -22.91
C LEU C 93 -17.73 -17.65 -21.81
N ARG C 94 -16.87 -18.67 -21.87
CA ARG C 94 -16.77 -19.62 -20.76
C ARG C 94 -16.24 -18.96 -19.51
N THR C 95 -15.26 -18.06 -19.67
CA THR C 95 -14.77 -17.28 -18.53
C THR C 95 -15.89 -16.43 -17.93
N ALA C 96 -16.76 -15.87 -18.78
CA ALA C 96 -17.86 -15.05 -18.28
C ALA C 96 -18.86 -15.86 -17.47
N VAL C 97 -19.05 -17.14 -17.83
CA VAL C 97 -19.93 -18.00 -17.06
C VAL C 97 -19.28 -18.35 -15.73
N GLU C 98 -18.03 -18.85 -15.77
CA GLU C 98 -17.38 -19.33 -14.55
C GLU C 98 -17.06 -18.20 -13.57
N THR C 99 -16.88 -16.97 -14.06
CA THR C 99 -16.59 -15.83 -13.20
C THR C 99 -17.78 -14.89 -13.07
N GLY C 100 -18.96 -15.28 -13.59
CA GLY C 100 -20.13 -14.48 -13.41
C GLY C 100 -20.62 -14.48 -11.97
N PRO C 101 -21.77 -13.83 -11.73
CA PRO C 101 -22.32 -13.81 -10.37
C PRO C 101 -22.59 -15.19 -9.78
N ALA C 102 -22.90 -16.19 -10.62
CA ALA C 102 -23.11 -17.56 -10.16
C ALA C 102 -21.84 -18.40 -10.21
N GLY C 103 -20.67 -17.76 -10.22
CA GLY C 103 -19.42 -18.49 -10.38
C GLY C 103 -19.04 -19.37 -9.20
N ALA C 104 -19.63 -19.13 -8.03
CA ALA C 104 -19.35 -20.02 -6.90
C ALA C 104 -19.90 -21.41 -7.14
N TYR C 105 -21.07 -21.51 -7.80
CA TYR C 105 -21.58 -22.82 -8.18
C TYR C 105 -20.60 -23.55 -9.09
N TRP C 106 -20.19 -22.89 -10.18
CA TRP C 106 -19.35 -23.56 -11.17
C TRP C 106 -17.99 -23.94 -10.58
N LYS C 107 -17.31 -23.00 -9.95
CA LYS C 107 -15.91 -23.20 -9.57
C LYS C 107 -15.75 -24.01 -8.29
N ASN C 108 -16.72 -23.95 -7.38
CA ASN C 108 -16.58 -24.64 -6.10
C ASN C 108 -17.16 -26.06 -6.13
N THR C 109 -18.29 -26.26 -6.82
CA THR C 109 -19.03 -27.52 -6.67
C THR C 109 -19.27 -28.22 -8.01
N LEU C 110 -19.90 -27.52 -8.96
CA LEU C 110 -20.35 -28.17 -10.19
C LEU C 110 -19.18 -28.75 -10.98
N LEU C 111 -18.27 -27.89 -11.44
CA LEU C 111 -17.19 -28.32 -12.33
C LEU C 111 -16.20 -29.26 -11.63
N PRO C 112 -15.80 -29.02 -10.37
CA PRO C 112 -14.89 -29.98 -9.72
C PRO C 112 -15.48 -31.38 -9.57
N LEU C 113 -16.78 -31.48 -9.32
CA LEU C 113 -17.38 -32.79 -9.14
C LEU C 113 -17.64 -33.50 -10.46
N GLU C 114 -17.93 -32.76 -11.53
CA GLU C 114 -17.98 -33.38 -12.85
C GLU C 114 -16.60 -33.90 -13.25
N GLN C 115 -15.55 -33.17 -12.86
CA GLN C 115 -14.18 -33.57 -13.20
C GLN C 115 -13.83 -34.91 -12.56
N ARG C 116 -14.27 -35.12 -11.33
CA ARG C 116 -14.01 -36.38 -10.63
C ARG C 116 -14.98 -37.48 -11.04
N GLY C 117 -15.91 -37.21 -11.97
CA GLY C 117 -16.89 -38.21 -12.33
C GLY C 117 -17.89 -38.52 -11.24
N VAL C 118 -18.02 -37.65 -10.25
CA VAL C 118 -18.94 -37.91 -9.14
C VAL C 118 -20.39 -37.82 -9.62
N PHE C 119 -20.72 -36.76 -10.37
CA PHE C 119 -22.08 -36.61 -10.86
C PHE C 119 -22.46 -37.74 -11.82
N ASP C 120 -21.52 -38.16 -12.67
CA ASP C 120 -21.80 -39.27 -13.59
C ASP C 120 -22.09 -40.55 -12.84
N ALA C 121 -21.46 -40.74 -11.68
CA ALA C 121 -21.71 -41.95 -10.88
C ALA C 121 -23.13 -41.95 -10.34
N ALA C 122 -23.58 -40.82 -9.80
CA ALA C 122 -24.95 -40.75 -9.30
C ALA C 122 -25.96 -40.78 -10.45
N LEU C 123 -25.63 -40.14 -11.57
CA LEU C 123 -26.51 -40.14 -12.73
C LEU C 123 -26.73 -41.55 -13.26
N ALA C 124 -25.67 -42.37 -13.28
CA ALA C 124 -25.77 -43.74 -13.78
C ALA C 124 -26.27 -44.72 -12.72
N ARG C 125 -26.65 -44.25 -11.53
CA ARG C 125 -27.18 -45.10 -10.46
C ARG C 125 -26.21 -46.26 -10.15
N LYS C 126 -24.92 -45.97 -10.18
CA LYS C 126 -23.96 -47.05 -10.02
C LYS C 126 -23.35 -47.03 -8.62
N PRO C 127 -23.02 -48.22 -8.07
CA PRO C 127 -22.46 -48.26 -6.71
C PRO C 127 -21.00 -47.86 -6.66
N VAL C 128 -20.73 -46.62 -6.23
CA VAL C 128 -19.39 -46.15 -5.97
C VAL C 128 -19.32 -45.67 -4.53
N PHE C 129 -18.11 -45.67 -3.98
CA PHE C 129 -17.94 -45.16 -2.63
C PHE C 129 -18.30 -43.68 -2.60
N PRO C 130 -18.97 -43.21 -1.55
CA PRO C 130 -19.40 -41.80 -1.52
C PRO C 130 -18.21 -40.86 -1.65
N TYR C 131 -18.40 -39.80 -2.43
CA TYR C 131 -17.35 -38.80 -2.61
C TYR C 131 -17.07 -38.05 -1.31
N SER C 132 -18.09 -37.83 -0.48
CA SER C 132 -17.95 -37.08 0.76
C SER C 132 -18.59 -37.88 1.89
N VAL C 133 -17.79 -38.25 2.88
CA VAL C 133 -18.26 -39.03 4.01
C VAL C 133 -18.18 -38.17 5.25
N GLY C 134 -19.34 -37.84 5.83
CA GLY C 134 -19.40 -37.13 7.09
C GLY C 134 -19.57 -38.11 8.24
N LEU C 135 -18.74 -37.93 9.27
CA LEU C 135 -18.87 -38.68 10.50
C LEU C 135 -19.49 -37.78 11.57
N TYR C 136 -20.54 -38.27 12.21
CA TYR C 136 -21.29 -37.53 13.23
C TYR C 136 -21.05 -38.16 14.60
N PRO C 137 -19.94 -37.83 15.28
CA PRO C 137 -19.58 -38.57 16.50
C PRO C 137 -20.10 -38.01 17.80
N GLY C 138 -20.64 -36.79 17.82
CA GLY C 138 -21.08 -36.17 19.05
C GLY C 138 -22.40 -36.71 19.56
N PRO C 139 -22.41 -37.16 20.82
CA PRO C 139 -23.66 -37.67 21.41
C PRO C 139 -24.64 -36.59 21.83
N THR C 140 -24.17 -35.38 22.13
CA THR C 140 -25.03 -34.30 22.59
C THR C 140 -24.60 -32.98 21.95
N CYS C 141 -25.37 -31.94 22.24
CA CYS C 141 -24.92 -30.57 22.06
C CYS C 141 -25.47 -29.73 23.21
N MET C 142 -24.78 -28.63 23.50
CA MET C 142 -25.16 -27.73 24.58
C MET C 142 -25.67 -26.38 24.08
N PHE C 143 -25.76 -26.19 22.77
CA PHE C 143 -26.33 -24.98 22.20
C PHE C 143 -27.74 -25.26 21.67
N ARG C 144 -28.55 -24.20 21.61
CA ARG C 144 -29.89 -24.26 21.03
C ARG C 144 -30.00 -23.16 19.97
N CYS C 145 -29.31 -23.35 18.86
CA CYS C 145 -29.37 -22.39 17.76
C CYS C 145 -30.73 -22.44 17.10
N HIS C 146 -31.36 -21.27 16.92
CA HIS C 146 -32.71 -21.24 16.37
C HIS C 146 -32.77 -21.74 14.92
N PHE C 147 -31.66 -21.68 14.19
CA PHE C 147 -31.64 -22.12 12.79
C PHE C 147 -31.32 -23.60 12.63
N CYS C 148 -30.91 -24.28 13.69
CA CYS C 148 -30.60 -25.71 13.60
C CYS C 148 -31.86 -26.53 13.81
N VAL C 149 -31.91 -27.68 13.12
CA VAL C 149 -33.09 -28.54 13.17
C VAL C 149 -33.02 -29.56 14.29
N ARG C 150 -31.98 -29.54 15.11
CA ARG C 150 -31.91 -30.46 16.24
C ARG C 150 -33.04 -30.19 17.22
N VAL C 151 -33.46 -31.24 17.93
CA VAL C 151 -34.55 -31.17 18.88
C VAL C 151 -33.97 -30.94 20.27
N THR C 152 -34.53 -29.97 20.99
CA THR C 152 -34.07 -29.65 22.33
C THR C 152 -34.20 -30.85 23.25
N GLY C 153 -33.11 -31.18 23.95
CA GLY C 153 -33.10 -32.28 24.88
C GLY C 153 -32.76 -33.63 24.29
N ALA C 154 -32.97 -33.82 22.99
CA ALA C 154 -32.70 -35.11 22.37
C ALA C 154 -31.19 -35.39 22.37
N ARG C 155 -30.81 -36.58 22.83
CA ARG C 155 -29.42 -36.94 22.99
C ARG C 155 -29.21 -38.38 22.53
N TYR C 156 -27.94 -38.73 22.34
CA TYR C 156 -27.56 -40.12 22.16
C TYR C 156 -27.21 -40.76 23.50
N ASP C 157 -27.53 -42.03 23.63
CA ASP C 157 -27.21 -42.77 24.85
C ASP C 157 -25.70 -42.75 25.07
N PRO C 158 -25.22 -42.33 26.25
CA PRO C 158 -23.77 -42.33 26.50
C PRO C 158 -23.14 -43.71 26.39
N SER C 159 -23.92 -44.78 26.53
CA SER C 159 -23.37 -46.13 26.46
C SER C 159 -23.09 -46.57 25.02
N ALA C 160 -23.50 -45.79 24.03
CA ALA C 160 -23.25 -46.11 22.64
C ALA C 160 -21.89 -45.61 22.15
N LEU C 161 -21.11 -44.96 23.02
CA LEU C 161 -19.88 -44.33 22.57
C LEU C 161 -18.80 -45.37 22.24
N ASP C 162 -18.71 -46.43 23.04
CA ASP C 162 -17.66 -47.43 22.83
C ASP C 162 -17.86 -48.17 21.50
N ALA C 163 -19.06 -48.69 21.27
CA ALA C 163 -19.32 -49.35 19.99
C ALA C 163 -19.29 -48.36 18.83
N GLY C 164 -19.71 -47.12 19.07
CA GLY C 164 -19.72 -46.13 18.00
C GLY C 164 -18.33 -45.73 17.56
N ASN C 165 -17.41 -45.57 18.52
CA ASN C 165 -16.04 -45.19 18.18
C ASN C 165 -15.28 -46.35 17.54
N ALA C 166 -15.68 -47.59 17.79
CA ALA C 166 -15.10 -48.71 17.07
C ALA C 166 -15.64 -48.79 15.64
N MET C 167 -16.92 -48.48 15.46
CA MET C 167 -17.51 -48.46 14.13
C MET C 167 -16.90 -47.35 13.28
N PHE C 168 -16.73 -46.15 13.86
CA PHE C 168 -16.13 -45.04 13.12
C PHE C 168 -14.73 -45.39 12.64
N ARG C 169 -13.97 -46.12 13.45
CA ARG C 169 -12.62 -46.51 13.05
C ARG C 169 -12.62 -47.43 11.84
N SER C 170 -13.64 -48.29 11.73
CA SER C 170 -13.72 -49.17 10.56
C SER C 170 -14.19 -48.42 9.33
N VAL C 171 -15.06 -47.42 9.50
CA VAL C 171 -15.49 -46.59 8.37
C VAL C 171 -14.30 -45.81 7.81
N ILE C 172 -13.48 -45.24 8.69
CA ILE C 172 -12.28 -44.54 8.26
C ILE C 172 -11.37 -45.47 7.47
N ASP C 173 -11.28 -46.74 7.89
CA ASP C 173 -10.46 -47.71 7.17
C ASP C 173 -10.95 -47.92 5.75
N GLU C 174 -12.25 -47.68 5.50
CA GLU C 174 -12.83 -47.85 4.18
C GLU C 174 -12.53 -46.70 3.23
N ILE C 175 -12.14 -45.54 3.74
CA ILE C 175 -12.00 -44.36 2.89
C ILE C 175 -10.90 -44.60 1.87
N PRO C 176 -11.15 -44.43 0.57
CA PRO C 176 -10.11 -44.68 -0.43
C PRO C 176 -9.13 -43.52 -0.53
N ALA C 177 -7.92 -43.85 -0.98
CA ALA C 177 -6.91 -42.83 -1.22
C ALA C 177 -7.25 -42.01 -2.46
N GLY C 178 -6.59 -40.86 -2.60
CA GLY C 178 -6.80 -39.96 -3.70
C GLY C 178 -7.48 -38.67 -3.33
N ASN C 179 -8.13 -38.61 -2.16
CA ASN C 179 -8.79 -37.41 -1.68
C ASN C 179 -8.60 -37.33 -0.17
N PRO C 180 -7.50 -36.73 0.28
CA PRO C 180 -7.21 -36.71 1.72
C PRO C 180 -8.24 -35.95 2.56
N SER C 181 -9.17 -35.22 1.95
CA SER C 181 -10.21 -34.53 2.67
C SER C 181 -11.60 -35.09 2.38
N ALA C 182 -11.68 -36.37 1.98
CA ALA C 182 -12.98 -36.96 1.66
C ALA C 182 -13.82 -37.22 2.91
N MET C 183 -13.20 -37.24 4.09
CA MET C 183 -13.91 -37.45 5.34
C MET C 183 -13.77 -36.21 6.22
N TYR C 184 -14.82 -35.92 6.98
CA TYR C 184 -14.80 -34.77 7.88
C TYR C 184 -15.56 -35.12 9.16
N PHE C 185 -15.20 -34.44 10.25
CA PHE C 185 -15.87 -34.56 11.53
C PHE C 185 -16.74 -33.33 11.71
N SER C 186 -18.03 -33.47 11.42
CA SER C 186 -19.00 -32.44 11.74
C SER C 186 -20.09 -33.10 12.56
N GLY C 187 -21.35 -32.86 12.23
CA GLY C 187 -22.38 -33.65 12.84
C GLY C 187 -23.75 -33.04 12.64
N GLY C 188 -24.72 -33.71 13.24
CA GLY C 188 -25.91 -33.04 13.69
C GLY C 188 -25.54 -32.29 14.95
N LEU C 189 -25.00 -33.00 15.94
CA LEU C 189 -24.72 -32.44 17.25
C LEU C 189 -23.25 -31.99 17.32
N GLU C 190 -22.75 -31.74 18.54
CA GLU C 190 -21.43 -31.14 18.73
C GLU C 190 -20.38 -32.24 18.83
N PRO C 191 -19.43 -32.34 17.88
CA PRO C 191 -18.50 -33.48 17.88
C PRO C 191 -17.60 -33.56 19.09
N LEU C 192 -17.23 -32.41 19.69
CA LEU C 192 -16.32 -32.43 20.83
C LEU C 192 -16.93 -33.07 22.07
N THR C 193 -18.24 -33.31 22.09
CA THR C 193 -18.85 -34.03 23.20
C THR C 193 -18.62 -35.54 23.12
N ASN C 194 -17.91 -36.01 22.10
CA ASN C 194 -17.47 -37.40 22.04
C ASN C 194 -16.07 -37.47 22.66
N PRO C 195 -15.89 -38.15 23.79
CA PRO C 195 -14.57 -38.15 24.44
C PRO C 195 -13.49 -38.85 23.63
N GLY C 196 -13.85 -39.60 22.59
CA GLY C 196 -12.86 -40.26 21.77
C GLY C 196 -12.64 -39.64 20.41
N LEU C 197 -13.01 -38.36 20.24
CA LEU C 197 -12.87 -37.72 18.95
C LEU C 197 -11.39 -37.58 18.57
N GLY C 198 -10.54 -37.26 19.54
CA GLY C 198 -9.12 -37.17 19.26
C GLY C 198 -8.53 -38.48 18.78
N SER C 199 -9.01 -39.60 19.33
CA SER C 199 -8.54 -40.90 18.87
C SER C 199 -8.98 -41.17 17.44
N LEU C 200 -10.24 -40.84 17.11
CA LEU C 200 -10.71 -40.98 15.73
C LEU C 200 -9.91 -40.08 14.80
N ALA C 201 -9.54 -38.89 15.28
CA ALA C 201 -8.74 -37.98 14.47
C ALA C 201 -7.37 -38.57 14.19
N ALA C 202 -6.71 -39.11 15.23
CA ALA C 202 -5.39 -39.72 15.03
C ALA C 202 -5.48 -40.98 14.19
N HIS C 203 -6.61 -41.69 14.25
CA HIS C 203 -6.76 -42.88 13.42
C HIS C 203 -6.82 -42.51 11.94
N ALA C 204 -7.54 -41.44 11.61
CA ALA C 204 -7.59 -40.99 10.22
C ALA C 204 -6.25 -40.38 9.77
N THR C 205 -5.54 -39.73 10.68
CA THR C 205 -4.24 -39.17 10.34
C THR C 205 -3.25 -40.27 9.96
N ASP C 206 -3.31 -41.40 10.67
CA ASP C 206 -2.49 -42.56 10.30
C ASP C 206 -3.00 -43.24 9.05
N HIS C 207 -4.27 -43.00 8.67
CA HIS C 207 -4.79 -43.49 7.40
C HIS C 207 -4.30 -42.68 6.21
N GLY C 208 -3.73 -41.49 6.44
CA GLY C 208 -3.32 -40.62 5.37
C GLY C 208 -4.29 -39.49 5.06
N LEU C 209 -5.31 -39.29 5.89
CA LEU C 209 -6.32 -38.27 5.65
C LEU C 209 -5.94 -36.97 6.34
N ARG C 210 -6.58 -35.88 5.91
CA ARG C 210 -6.41 -34.55 6.50
C ARG C 210 -7.78 -34.02 6.86
N PRO C 211 -8.37 -34.50 7.95
CA PRO C 211 -9.77 -34.16 8.25
C PRO C 211 -9.90 -32.83 8.99
N THR C 212 -11.10 -32.27 8.87
CA THR C 212 -11.47 -31.05 9.57
C THR C 212 -12.57 -31.36 10.58
N VAL C 213 -12.47 -30.75 11.76
CA VAL C 213 -13.52 -30.80 12.77
C VAL C 213 -14.33 -29.51 12.68
N TYR C 214 -15.64 -29.63 12.52
CA TYR C 214 -16.54 -28.49 12.51
C TYR C 214 -17.27 -28.46 13.85
N THR C 215 -16.96 -27.46 14.67
CA THR C 215 -17.36 -27.46 16.06
C THR C 215 -17.81 -26.06 16.47
N ASN C 216 -18.64 -26.00 17.52
CA ASN C 216 -18.94 -24.73 18.15
C ASN C 216 -17.84 -24.31 19.11
N SER C 217 -16.87 -25.18 19.38
CA SER C 217 -15.68 -24.93 20.19
C SER C 217 -15.99 -24.58 21.65
N PHE C 218 -17.25 -24.76 22.09
CA PHE C 218 -17.56 -24.59 23.50
C PHE C 218 -16.72 -25.53 24.36
N ALA C 219 -16.46 -26.74 23.87
CA ALA C 219 -15.71 -27.75 24.59
C ALA C 219 -14.24 -27.80 24.19
N LEU C 220 -13.77 -26.81 23.42
CA LEU C 220 -12.36 -26.76 23.01
C LEU C 220 -11.51 -26.11 24.10
N THR C 221 -11.54 -26.73 25.27
CA THR C 221 -10.79 -26.23 26.42
C THR C 221 -9.39 -26.84 26.45
N GLU C 222 -8.56 -26.28 27.32
CA GLU C 222 -7.21 -26.81 27.51
C GLU C 222 -7.25 -28.24 28.04
N ARG C 223 -8.16 -28.51 28.98
CA ARG C 223 -8.29 -29.86 29.52
C ARG C 223 -8.74 -30.85 28.44
N THR C 224 -9.56 -30.41 27.49
CA THR C 224 -10.00 -31.30 26.42
C THR C 224 -8.86 -31.64 25.48
N LEU C 225 -8.05 -30.64 25.11
CA LEU C 225 -6.87 -30.92 24.31
C LEU C 225 -5.90 -31.82 25.06
N GLU C 226 -5.80 -31.63 26.38
CA GLU C 226 -4.98 -32.51 27.21
C GLU C 226 -5.49 -33.95 27.14
N ARG C 227 -6.82 -34.14 27.15
CA ARG C 227 -7.38 -35.49 27.14
C ARG C 227 -7.47 -36.07 25.73
N GLN C 228 -7.58 -35.21 24.71
CA GLN C 228 -7.70 -35.66 23.32
C GLN C 228 -6.57 -35.06 22.50
N PRO C 229 -5.34 -35.55 22.69
CA PRO C 229 -4.20 -34.96 21.99
C PRO C 229 -4.23 -35.20 20.48
N GLY C 230 -4.94 -36.21 20.01
CA GLY C 230 -5.08 -36.44 18.59
C GLY C 230 -5.80 -35.32 17.85
N LEU C 231 -6.44 -34.41 18.57
CA LEU C 231 -7.06 -33.25 17.92
C LEU C 231 -5.99 -32.36 17.28
N TRP C 232 -4.80 -32.30 17.86
CA TRP C 232 -3.73 -31.46 17.32
C TRP C 232 -3.26 -31.95 15.95
N GLY C 233 -3.57 -33.20 15.59
CA GLY C 233 -3.21 -33.74 14.30
C GLY C 233 -4.21 -33.48 13.19
N LEU C 234 -5.30 -32.79 13.48
CA LEU C 234 -6.27 -32.46 12.45
C LEU C 234 -5.70 -31.47 11.45
N HIS C 235 -6.23 -31.50 10.23
CA HIS C 235 -5.84 -30.48 9.26
C HIS C 235 -6.32 -29.10 9.70
N ALA C 236 -7.54 -29.01 10.24
CA ALA C 236 -8.10 -27.73 10.59
C ALA C 236 -9.24 -27.92 11.57
N ILE C 237 -9.47 -26.88 12.38
CA ILE C 237 -10.66 -26.74 13.20
C ILE C 237 -11.38 -25.49 12.70
N ARG C 238 -12.62 -25.66 12.25
CA ARG C 238 -13.45 -24.52 11.88
C ARG C 238 -14.53 -24.32 12.94
N THR C 239 -14.47 -23.19 13.63
CA THR C 239 -15.43 -22.85 14.66
C THR C 239 -16.62 -22.14 14.03
N SER C 240 -17.82 -22.68 14.26
CA SER C 240 -19.04 -22.00 13.84
C SER C 240 -19.30 -20.82 14.76
N LEU C 241 -19.17 -19.60 14.23
CA LEU C 241 -19.27 -18.38 15.03
C LEU C 241 -20.71 -17.87 14.97
N TYR C 242 -21.33 -17.70 16.14
CA TYR C 242 -22.74 -17.38 16.24
C TYR C 242 -22.99 -15.99 16.84
N GLY C 243 -21.97 -15.14 16.85
CA GLY C 243 -22.10 -13.81 17.42
C GLY C 243 -20.74 -13.23 17.74
N LEU C 244 -20.75 -11.95 18.07
CA LEU C 244 -19.52 -11.23 18.38
C LEU C 244 -19.50 -10.65 19.79
N ASN C 245 -20.52 -10.94 20.60
CA ASN C 245 -20.52 -10.60 22.01
C ASN C 245 -21.45 -11.57 22.73
N ASP C 246 -21.53 -11.43 24.06
CA ASP C 246 -22.36 -12.33 24.84
C ASP C 246 -23.83 -12.20 24.47
N GLU C 247 -24.29 -10.97 24.22
CA GLU C 247 -25.71 -10.77 23.91
C GLU C 247 -26.09 -11.41 22.59
N GLU C 248 -25.25 -11.24 21.56
CA GLU C 248 -25.54 -11.84 20.27
C GLU C 248 -25.56 -13.36 20.36
N TYR C 249 -24.67 -13.94 21.16
CA TYR C 249 -24.64 -15.40 21.31
C TYR C 249 -25.88 -15.91 22.04
N GLU C 250 -26.31 -15.20 23.10
CA GLU C 250 -27.53 -15.59 23.80
C GLU C 250 -28.74 -15.47 22.88
N GLN C 251 -28.76 -14.45 22.03
CA GLN C 251 -29.87 -14.29 21.10
C GLN C 251 -29.93 -15.43 20.09
N THR C 252 -28.77 -15.96 19.69
CA THR C 252 -28.71 -16.98 18.65
C THR C 252 -28.72 -18.40 19.21
N THR C 253 -27.85 -18.69 20.18
CA THR C 253 -27.72 -20.04 20.72
C THR C 253 -28.58 -20.28 21.95
N GLY C 254 -29.12 -19.22 22.56
CA GLY C 254 -29.91 -19.33 23.76
C GLY C 254 -29.14 -19.32 25.06
N LYS C 255 -27.83 -19.50 25.01
CA LYS C 255 -27.02 -19.65 26.22
C LYS C 255 -26.34 -18.35 26.59
N LYS C 256 -26.33 -18.06 27.89
CA LYS C 256 -25.64 -16.88 28.41
C LYS C 256 -24.16 -17.18 28.61
N ALA C 257 -23.34 -16.13 28.53
CA ALA C 257 -21.88 -16.23 28.72
C ALA C 257 -21.26 -17.23 27.76
N ALA C 258 -21.87 -17.42 26.59
CA ALA C 258 -21.36 -18.40 25.64
C ALA C 258 -20.24 -17.82 24.78
N PHE C 259 -20.35 -16.54 24.40
CA PHE C 259 -19.32 -15.93 23.60
C PHE C 259 -18.01 -15.83 24.37
N ARG C 260 -18.06 -15.35 25.62
CA ARG C 260 -16.84 -15.12 26.38
C ARG C 260 -16.09 -16.43 26.65
N ARG C 261 -16.81 -17.55 26.67
CA ARG C 261 -16.15 -18.84 26.86
C ARG C 261 -15.62 -19.40 25.55
N VAL C 262 -16.35 -19.18 24.45
CA VAL C 262 -15.84 -19.59 23.14
C VAL C 262 -14.63 -18.75 22.75
N ARG C 263 -14.68 -17.44 23.03
CA ARG C 263 -13.53 -16.59 22.73
C ARG C 263 -12.33 -16.94 23.60
N GLU C 264 -12.56 -17.24 24.89
CA GLU C 264 -11.47 -17.63 25.77
C GLU C 264 -10.84 -18.94 25.32
N ASN C 265 -11.67 -19.92 24.94
CA ASN C 265 -11.14 -21.17 24.40
C ASN C 265 -10.27 -20.92 23.17
N LEU C 266 -10.69 -20.02 22.29
CA LEU C 266 -9.93 -19.76 21.08
C LEU C 266 -8.67 -18.95 21.35
N ARG C 267 -8.73 -18.00 22.29
CA ARG C 267 -7.54 -17.28 22.69
C ARG C 267 -6.49 -18.22 23.26
N ARG C 268 -6.89 -19.07 24.20
CA ARG C 268 -5.96 -20.02 24.79
C ARG C 268 -5.45 -21.01 23.75
N PHE C 269 -6.32 -21.43 22.81
CA PHE C 269 -5.86 -22.30 21.74
C PHE C 269 -4.83 -21.61 20.86
N GLN C 270 -4.97 -20.29 20.67
CA GLN C 270 -3.96 -19.53 19.93
C GLN C 270 -2.62 -19.56 20.66
N GLN C 271 -2.64 -19.38 21.98
CA GLN C 271 -1.40 -19.47 22.75
C GLN C 271 -0.82 -20.88 22.68
N LEU C 272 -1.67 -21.90 22.73
CA LEU C 272 -1.17 -23.27 22.67
C LEU C 272 -0.67 -23.60 21.27
N ARG C 273 -1.32 -23.06 20.23
CA ARG C 273 -0.89 -23.35 18.86
C ARG C 273 0.49 -22.77 18.59
N ALA C 274 0.77 -21.58 19.12
CA ALA C 274 2.08 -20.96 18.92
C ALA C 274 3.15 -21.58 19.80
N GLU C 275 2.78 -22.11 20.97
CA GLU C 275 3.77 -22.71 21.87
C GLU C 275 4.39 -23.96 21.25
N ARG C 276 3.56 -24.80 20.63
CA ARG C 276 4.04 -26.05 20.03
C ARG C 276 4.26 -25.94 18.54
N GLU C 277 4.00 -24.77 17.94
CA GLU C 277 4.13 -24.54 16.51
C GLU C 277 3.42 -25.62 15.71
N SER C 278 2.12 -25.75 15.98
CA SER C 278 1.35 -26.80 15.35
C SER C 278 0.99 -26.42 13.92
N PRO C 279 1.02 -27.38 12.98
CA PRO C 279 0.57 -27.09 11.62
C PRO C 279 -0.93 -26.82 11.51
N ILE C 280 -1.71 -27.08 12.56
CA ILE C 280 -3.17 -27.09 12.44
C ILE C 280 -3.68 -25.72 12.00
N ASN C 281 -4.63 -25.73 11.07
CA ASN C 281 -5.29 -24.52 10.64
C ASN C 281 -6.50 -24.23 11.51
N LEU C 282 -6.87 -22.97 11.59
CA LEU C 282 -8.03 -22.54 12.37
C LEU C 282 -8.82 -21.55 11.53
N GLY C 283 -10.10 -21.83 11.32
CA GLY C 283 -10.95 -20.93 10.59
C GLY C 283 -12.31 -20.77 11.24
N PHE C 284 -13.21 -20.06 10.57
CA PHE C 284 -14.52 -19.80 11.14
C PHE C 284 -15.58 -19.89 10.06
N ALA C 285 -16.75 -20.40 10.42
CA ALA C 285 -17.96 -20.23 9.64
C ALA C 285 -18.80 -19.15 10.31
N TYR C 286 -19.36 -18.25 9.51
CA TYR C 286 -20.05 -17.08 10.03
C TYR C 286 -21.30 -16.84 9.21
N ILE C 287 -22.46 -17.16 9.79
CA ILE C 287 -23.74 -16.94 9.13
C ILE C 287 -24.16 -15.49 9.33
N VAL C 288 -24.48 -14.81 8.23
CA VAL C 288 -25.04 -13.46 8.29
C VAL C 288 -26.52 -13.59 8.66
N LEU C 289 -26.86 -13.25 9.91
CA LEU C 289 -28.19 -13.46 10.49
C LEU C 289 -29.02 -12.19 10.42
N PRO C 290 -30.35 -12.30 10.44
CA PRO C 290 -31.20 -11.12 10.34
C PRO C 290 -30.86 -10.05 11.38
N GLY C 291 -30.71 -8.82 10.90
CA GLY C 291 -30.34 -7.69 11.73
C GLY C 291 -28.86 -7.53 11.97
N ARG C 292 -28.00 -8.28 11.28
CA ARG C 292 -26.57 -8.28 11.57
C ARG C 292 -25.70 -8.10 10.33
N ALA C 293 -26.23 -7.52 9.25
CA ALA C 293 -25.40 -7.26 8.09
C ALA C 293 -24.42 -6.12 8.31
N SER C 294 -24.68 -5.25 9.28
CA SER C 294 -23.78 -4.16 9.61
C SER C 294 -22.65 -4.57 10.54
N ARG C 295 -22.54 -5.85 10.87
CA ARG C 295 -21.59 -6.34 11.86
C ARG C 295 -20.32 -6.90 11.25
N LEU C 296 -20.20 -6.91 9.92
CA LEU C 296 -19.05 -7.56 9.28
C LEU C 296 -17.74 -6.88 9.63
N LEU C 297 -17.76 -5.56 9.87
CA LEU C 297 -16.53 -4.89 10.26
C LEU C 297 -16.07 -5.32 11.65
N ASP C 298 -17.02 -5.56 12.56
CA ASP C 298 -16.68 -6.07 13.87
C ASP C 298 -16.11 -7.47 13.82
N LEU C 299 -16.45 -8.24 12.78
CA LEU C 299 -15.88 -9.58 12.62
C LEU C 299 -14.37 -9.51 12.45
N VAL C 300 -13.88 -8.51 11.72
CA VAL C 300 -12.44 -8.33 11.55
C VAL C 300 -11.78 -8.01 12.88
N ASP C 301 -12.45 -7.22 13.72
CA ASP C 301 -11.91 -6.91 15.05
C ASP C 301 -11.77 -8.17 15.89
N PHE C 302 -12.77 -9.06 15.82
CA PHE C 302 -12.70 -10.33 16.54
C PHE C 302 -11.51 -11.16 16.06
N ILE C 303 -11.28 -11.22 14.75
CA ILE C 303 -10.19 -12.03 14.22
C ILE C 303 -8.84 -11.46 14.66
N ALA C 304 -8.68 -10.14 14.60
CA ALA C 304 -7.42 -9.53 14.98
C ALA C 304 -7.12 -9.73 16.46
N ASP C 305 -8.16 -9.76 17.31
CA ASP C 305 -7.95 -10.06 18.72
C ASP C 305 -7.39 -11.46 18.91
N LEU C 306 -7.88 -12.43 18.15
CA LEU C 306 -7.33 -13.78 18.20
C LEU C 306 -5.90 -13.82 17.65
N ASN C 307 -5.60 -12.98 16.67
CA ASN C 307 -4.25 -12.91 16.13
C ASN C 307 -3.28 -12.36 17.17
N ASP C 308 -3.72 -11.39 17.97
CA ASP C 308 -2.87 -10.87 19.04
C ASP C 308 -2.58 -11.92 20.09
N ALA C 309 -3.54 -12.81 20.36
CA ALA C 309 -3.32 -13.89 21.31
C ALA C 309 -2.44 -15.00 20.75
N GLY C 310 -2.18 -15.00 19.45
CA GLY C 310 -1.45 -16.09 18.83
C GLY C 310 0.04 -15.85 18.62
N GLN C 311 0.50 -14.63 18.90
CA GLN C 311 1.91 -14.26 18.84
C GLN C 311 2.52 -14.61 17.48
N GLY C 312 1.95 -14.03 16.43
CA GLY C 312 2.46 -14.18 15.08
C GLY C 312 1.81 -15.27 14.25
N ARG C 313 1.03 -16.15 14.87
CA ARG C 313 0.32 -17.21 14.17
C ARG C 313 -1.16 -16.87 14.14
N THR C 314 -1.73 -16.70 12.94
CA THR C 314 -2.99 -16.03 12.76
C THR C 314 -4.09 -16.98 12.31
N ILE C 315 -5.32 -16.44 12.33
CA ILE C 315 -6.48 -17.16 11.81
C ILE C 315 -6.32 -17.34 10.31
N ASP C 316 -6.64 -18.54 9.81
CA ASP C 316 -6.32 -18.90 8.44
C ASP C 316 -7.44 -18.57 7.47
N PHE C 317 -8.71 -18.74 7.85
CA PHE C 317 -9.78 -18.50 6.89
C PHE C 317 -11.08 -18.17 7.62
N VAL C 318 -12.04 -17.63 6.86
CA VAL C 318 -13.38 -17.37 7.33
C VAL C 318 -14.35 -17.67 6.19
N ASN C 319 -15.40 -18.44 6.49
CA ASN C 319 -16.46 -18.73 5.53
C ASN C 319 -17.71 -17.91 5.88
N ILE C 320 -18.10 -17.02 4.99
CA ILE C 320 -19.30 -16.21 5.16
C ILE C 320 -20.46 -16.92 4.49
N ARG C 321 -21.51 -17.22 5.26
CA ARG C 321 -22.63 -18.04 4.80
C ARG C 321 -23.94 -17.37 5.17
N GLU C 322 -25.03 -18.02 4.78
CA GLU C 322 -26.37 -17.68 5.25
C GLU C 322 -27.09 -18.96 5.64
N ASP C 323 -28.29 -18.78 6.20
CA ASP C 323 -29.20 -19.88 6.46
C ASP C 323 -29.59 -20.55 5.15
N TYR C 324 -29.18 -21.80 4.95
CA TYR C 324 -29.51 -22.51 3.72
C TYR C 324 -30.89 -23.16 3.75
N SER C 325 -31.68 -22.91 4.79
CA SER C 325 -33.02 -23.48 4.87
C SER C 325 -34.09 -22.56 4.30
N GLY C 326 -33.87 -21.25 4.35
CA GLY C 326 -34.85 -20.30 3.88
C GLY C 326 -35.94 -19.97 4.86
N ARG C 327 -35.84 -20.41 6.10
CA ARG C 327 -36.85 -20.10 7.11
C ARG C 327 -36.74 -18.64 7.53
N ASP C 328 -37.87 -18.12 8.04
CA ASP C 328 -37.97 -16.70 8.35
C ASP C 328 -36.92 -16.27 9.37
N ASP C 329 -36.72 -17.08 10.42
CA ASP C 329 -35.81 -16.69 11.49
C ASP C 329 -34.36 -16.59 11.02
N GLY C 330 -34.02 -17.19 9.89
CA GLY C 330 -32.66 -17.13 9.40
C GLY C 330 -32.52 -16.37 8.09
N LYS C 331 -33.63 -16.01 7.47
CA LYS C 331 -33.61 -15.34 6.17
C LYS C 331 -33.52 -13.83 6.34
N LEU C 332 -32.57 -13.24 5.64
CA LEU C 332 -32.34 -11.79 5.72
C LEU C 332 -33.36 -11.03 4.89
N PRO C 333 -34.01 -10.00 5.45
CA PRO C 333 -35.05 -9.27 4.69
C PRO C 333 -34.46 -8.62 3.45
N GLN C 334 -35.32 -8.43 2.45
CA GLN C 334 -34.93 -7.84 1.18
C GLN C 334 -34.19 -6.52 1.36
N GLU C 335 -34.60 -5.70 2.32
CA GLU C 335 -33.92 -4.45 2.60
C GLU C 335 -32.48 -4.70 3.04
N GLU C 336 -32.31 -5.49 4.11
CA GLU C 336 -30.97 -5.73 4.66
C GLU C 336 -30.09 -6.48 3.67
N ARG C 337 -30.68 -7.34 2.84
CA ARG C 337 -29.90 -8.07 1.84
C ARG C 337 -29.31 -7.13 0.80
N ALA C 338 -30.05 -6.07 0.44
CA ALA C 338 -29.53 -5.10 -0.53
C ALA C 338 -28.34 -4.33 0.02
N GLU C 339 -28.28 -4.15 1.34
CA GLU C 339 -27.14 -3.49 1.97
C GLU C 339 -25.88 -4.33 1.94
N LEU C 340 -25.97 -5.60 1.53
CA LEU C 340 -24.84 -6.51 1.67
C LEU C 340 -23.75 -6.25 0.64
N GLN C 341 -24.10 -5.72 -0.53
CA GLN C 341 -23.07 -5.42 -1.52
C GLN C 341 -22.05 -4.43 -0.95
N GLU C 342 -22.54 -3.32 -0.41
CA GLU C 342 -21.64 -2.33 0.19
C GLU C 342 -20.93 -2.91 1.41
N ALA C 343 -21.67 -3.66 2.24
CA ALA C 343 -21.08 -4.17 3.48
C ALA C 343 -19.94 -5.15 3.19
N LEU C 344 -20.07 -5.95 2.14
CA LEU C 344 -19.00 -6.89 1.80
C LEU C 344 -17.76 -6.15 1.33
N ASN C 345 -17.92 -5.10 0.53
CA ASN C 345 -16.77 -4.37 0.02
C ASN C 345 -15.97 -3.73 1.15
N ALA C 346 -16.66 -3.08 2.10
CA ALA C 346 -15.96 -2.52 3.25
C ALA C 346 -15.31 -3.61 4.09
N PHE C 347 -15.97 -4.77 4.18
CA PHE C 347 -15.41 -5.91 4.91
C PHE C 347 -14.08 -6.35 4.31
N GLU C 348 -14.02 -6.48 2.98
CA GLU C 348 -12.80 -6.95 2.33
C GLU C 348 -11.70 -5.91 2.37
N GLU C 349 -12.05 -4.63 2.24
CA GLU C 349 -11.05 -3.58 2.42
C GLU C 349 -10.55 -3.54 3.86
N ARG C 350 -11.39 -3.89 4.84
CA ARG C 350 -10.95 -3.93 6.22
C ARG C 350 -10.08 -5.16 6.49
N VAL C 351 -10.36 -6.28 5.81
CA VAL C 351 -9.49 -7.44 5.94
C VAL C 351 -8.13 -7.16 5.31
N ARG C 352 -8.13 -6.51 4.14
CA ARG C 352 -6.88 -6.21 3.43
C ARG C 352 -5.96 -5.34 4.27
N GLU C 353 -6.51 -4.51 5.14
CA GLU C 353 -5.71 -3.62 5.96
C GLU C 353 -5.21 -4.27 7.23
N ARG C 354 -6.08 -5.00 7.95
CA ARG C 354 -5.76 -5.47 9.30
C ARG C 354 -5.37 -6.94 9.38
N THR C 355 -6.04 -7.81 8.63
CA THR C 355 -5.75 -9.25 8.65
C THR C 355 -5.45 -9.72 7.23
N PRO C 356 -4.33 -9.28 6.66
CA PRO C 356 -4.12 -9.48 5.21
C PRO C 356 -3.96 -10.93 4.79
N GLY C 357 -3.58 -11.83 5.70
CA GLY C 357 -3.48 -13.22 5.36
C GLY C 357 -4.77 -14.01 5.44
N LEU C 358 -5.82 -13.42 6.00
CA LEU C 358 -7.08 -14.12 6.22
C LEU C 358 -7.74 -14.43 4.87
N HIS C 359 -7.95 -15.72 4.60
CA HIS C 359 -8.66 -16.12 3.41
C HIS C 359 -10.17 -15.96 3.62
N ILE C 360 -10.84 -15.37 2.63
CA ILE C 360 -12.27 -15.15 2.67
C ILE C 360 -12.91 -15.89 1.50
N ASP C 361 -14.09 -16.48 1.75
CA ASP C 361 -14.90 -17.02 0.68
C ASP C 361 -16.37 -16.87 1.07
N TYR C 362 -17.23 -16.79 0.07
CA TYR C 362 -18.63 -16.47 0.27
C TYR C 362 -19.51 -17.63 -0.17
N GLY C 363 -20.70 -17.70 0.42
CA GLY C 363 -21.69 -18.66 -0.01
C GLY C 363 -22.13 -18.41 -1.44
N TYR C 364 -22.91 -19.35 -1.96
CA TYR C 364 -23.32 -19.29 -3.36
C TYR C 364 -24.05 -17.99 -3.68
N ALA C 365 -25.08 -17.67 -2.89
CA ALA C 365 -25.84 -16.45 -3.17
C ALA C 365 -25.06 -15.21 -2.74
N LEU C 366 -24.33 -15.29 -1.63
CA LEU C 366 -23.56 -14.14 -1.15
C LEU C 366 -22.52 -13.70 -2.19
N ASN C 367 -21.91 -14.67 -2.87
CA ASN C 367 -20.92 -14.33 -3.89
C ASN C 367 -21.54 -13.54 -5.03
N SER C 368 -22.83 -13.78 -5.31
CA SER C 368 -23.52 -13.00 -6.33
C SER C 368 -23.86 -11.60 -5.84
N LEU C 369 -24.05 -11.42 -4.53
CA LEU C 369 -24.47 -10.13 -4.00
C LEU C 369 -23.39 -9.06 -4.18
N ARG C 370 -22.13 -9.42 -3.96
CA ARG C 370 -21.06 -8.54 -4.39
C ARG C 370 -21.05 -8.49 -5.91
N THR C 371 -20.79 -7.30 -6.45
CA THR C 371 -21.06 -6.91 -7.84
C THR C 371 -22.55 -6.73 -8.12
N GLY C 372 -23.40 -6.81 -7.10
CA GLY C 372 -24.74 -6.27 -7.19
C GLY C 372 -25.79 -7.14 -7.85
N ALA C 373 -25.53 -8.43 -8.02
CA ALA C 373 -26.54 -9.33 -8.59
C ALA C 373 -27.34 -9.95 -7.46
N ASP C 374 -28.65 -9.70 -7.46
CA ASP C 374 -29.50 -10.25 -6.41
C ASP C 374 -29.74 -11.73 -6.68
N ALA C 375 -29.41 -12.57 -5.69
CA ALA C 375 -29.61 -14.00 -5.80
C ALA C 375 -29.99 -14.56 -4.44
N GLU C 376 -30.77 -15.63 -4.46
CA GLU C 376 -31.14 -16.35 -3.25
C GLU C 376 -30.67 -17.80 -3.37
N LEU C 377 -30.34 -18.40 -2.23
CA LEU C 377 -30.02 -19.82 -2.21
C LEU C 377 -31.22 -20.63 -2.67
N LEU C 378 -30.94 -21.80 -3.23
CA LEU C 378 -32.01 -22.69 -3.67
C LEU C 378 -32.85 -23.15 -2.48
N ARG C 379 -34.13 -23.41 -2.73
CA ARG C 379 -35.04 -23.98 -1.75
C ARG C 379 -35.70 -25.18 -2.42
N ILE C 380 -35.09 -26.36 -2.25
CA ILE C 380 -35.66 -27.57 -2.82
C ILE C 380 -36.94 -27.93 -2.09
N LYS C 381 -37.95 -28.32 -2.86
CA LYS C 381 -39.24 -28.74 -2.35
C LYS C 381 -39.41 -30.25 -2.53
N PRO C 382 -40.38 -30.87 -1.85
CA PRO C 382 -40.61 -32.31 -2.04
C PRO C 382 -40.77 -32.73 -3.49
N ALA C 383 -41.36 -31.88 -4.34
CA ALA C 383 -41.58 -32.23 -5.73
C ALA C 383 -40.29 -32.27 -6.55
N THR C 384 -39.25 -31.54 -6.13
CA THR C 384 -37.98 -31.53 -6.84
C THR C 384 -36.90 -32.37 -6.14
N MET C 385 -37.30 -33.20 -5.17
CA MET C 385 -36.36 -34.09 -4.50
C MET C 385 -36.22 -35.38 -5.31
N ARG C 386 -34.98 -35.84 -5.48
CA ARG C 386 -34.75 -37.11 -6.16
C ARG C 386 -34.95 -38.25 -5.17
N PRO C 387 -35.87 -39.18 -5.42
CA PRO C 387 -36.16 -40.23 -4.42
C PRO C 387 -34.97 -41.14 -4.12
N THR C 388 -34.02 -41.29 -5.04
CA THR C 388 -32.84 -42.10 -4.77
C THR C 388 -31.76 -41.34 -4.00
N ALA C 389 -31.94 -40.05 -3.79
CA ALA C 389 -30.94 -39.17 -3.16
C ALA C 389 -29.66 -39.26 -3.98
N HIS C 390 -28.52 -39.06 -3.33
CA HIS C 390 -27.25 -39.11 -4.04
C HIS C 390 -26.15 -39.70 -3.17
N PRO C 391 -26.27 -40.96 -2.75
CA PRO C 391 -25.25 -41.53 -1.85
C PRO C 391 -23.87 -41.61 -2.49
N GLN C 392 -23.79 -41.67 -3.82
CA GLN C 392 -22.50 -41.62 -4.49
C GLN C 392 -21.80 -40.30 -4.27
N VAL C 393 -22.54 -39.24 -3.96
CA VAL C 393 -21.94 -37.93 -3.73
C VAL C 393 -21.65 -37.70 -2.25
N ALA C 394 -22.58 -38.05 -1.36
CA ALA C 394 -22.38 -37.78 0.06
C ALA C 394 -23.28 -38.67 0.91
N VAL C 395 -22.75 -39.13 2.05
CA VAL C 395 -23.51 -39.77 3.11
C VAL C 395 -22.92 -39.33 4.44
N GLN C 396 -23.69 -39.57 5.51
CA GLN C 396 -23.26 -39.23 6.86
C GLN C 396 -23.58 -40.38 7.80
N VAL C 397 -22.72 -40.58 8.79
CA VAL C 397 -22.85 -41.67 9.75
C VAL C 397 -22.85 -41.08 11.16
N ASP C 398 -23.80 -41.52 11.99
CA ASP C 398 -23.89 -41.05 13.35
C ASP C 398 -23.36 -42.09 14.33
N LEU C 399 -23.63 -41.90 15.62
CA LEU C 399 -23.03 -42.74 16.66
C LEU C 399 -23.48 -44.19 16.54
N LEU C 400 -24.73 -44.42 16.14
CA LEU C 400 -25.30 -45.76 16.06
C LEU C 400 -24.97 -46.47 14.74
N GLY C 401 -24.12 -45.87 13.90
CA GLY C 401 -23.80 -46.46 12.61
C GLY C 401 -24.81 -46.17 11.51
N ASP C 402 -25.86 -45.42 11.78
CA ASP C 402 -26.88 -45.15 10.79
C ASP C 402 -26.34 -44.23 9.69
N VAL C 403 -26.54 -44.63 8.44
CA VAL C 403 -26.05 -43.90 7.28
C VAL C 403 -27.20 -43.05 6.76
N TYR C 404 -27.14 -41.75 7.03
CA TYR C 404 -28.18 -40.82 6.63
C TYR C 404 -27.90 -40.25 5.24
N LEU C 405 -28.96 -40.14 4.43
CA LEU C 405 -28.81 -39.73 3.04
C LEU C 405 -28.69 -38.23 2.86
N TYR C 406 -29.10 -37.44 3.85
CA TYR C 406 -28.95 -35.98 3.80
C TYR C 406 -28.29 -35.50 5.09
N ARG C 407 -27.66 -34.33 5.01
CA ARG C 407 -26.84 -33.84 6.12
C ARG C 407 -27.68 -33.50 7.35
N GLU C 408 -28.84 -32.87 7.14
CA GLU C 408 -29.66 -32.42 8.26
C GLU C 408 -30.71 -33.43 8.69
N ALA C 409 -30.61 -34.68 8.24
CA ALA C 409 -31.46 -35.74 8.76
C ALA C 409 -30.80 -36.51 9.89
N GLY C 410 -29.47 -36.43 10.01
CA GLY C 410 -28.75 -37.15 11.04
C GLY C 410 -28.85 -36.50 12.41
N PHE C 411 -30.06 -36.43 12.96
CA PHE C 411 -30.31 -35.91 14.28
C PHE C 411 -31.14 -36.91 15.07
N PRO C 412 -30.82 -37.14 16.34
CA PRO C 412 -31.60 -38.09 17.14
C PRO C 412 -33.01 -37.58 17.40
N ASP C 413 -33.99 -38.47 17.18
CA ASP C 413 -35.40 -38.21 17.52
C ASP C 413 -35.99 -37.03 16.75
N LEU C 414 -35.51 -36.81 15.53
CA LEU C 414 -36.11 -35.83 14.63
C LEU C 414 -37.23 -36.51 13.85
N ASP C 415 -38.42 -35.93 13.90
CA ASP C 415 -39.59 -36.57 13.32
C ASP C 415 -39.41 -36.84 11.83
N GLY C 416 -39.59 -38.10 11.44
CA GLY C 416 -39.48 -38.50 10.06
C GLY C 416 -38.07 -38.69 9.54
N ALA C 417 -37.05 -38.30 10.29
CA ALA C 417 -35.68 -38.40 9.80
C ALA C 417 -35.24 -39.84 9.60
N THR C 418 -35.85 -40.80 10.30
CA THR C 418 -35.46 -42.20 10.17
C THR C 418 -35.77 -42.76 8.79
N ARG C 419 -36.72 -42.17 8.06
CA ARG C 419 -37.05 -42.68 6.74
C ARG C 419 -35.91 -42.54 5.75
N TYR C 420 -34.87 -41.77 6.08
CA TYR C 420 -33.76 -41.52 5.16
C TYR C 420 -32.48 -42.22 5.59
N ILE C 421 -32.61 -43.32 6.32
CA ILE C 421 -31.46 -44.14 6.70
C ILE C 421 -31.29 -45.22 5.65
N ALA C 422 -30.16 -45.19 4.94
CA ALA C 422 -29.87 -46.20 3.94
C ALA C 422 -29.43 -47.52 4.54
N GLY C 423 -29.03 -47.52 5.81
CA GLY C 423 -28.57 -48.72 6.47
C GLY C 423 -27.80 -48.37 7.72
N ARG C 424 -27.32 -49.40 8.39
CA ARG C 424 -26.56 -49.25 9.63
C ARG C 424 -25.23 -49.99 9.49
N VAL C 425 -24.13 -49.28 9.71
CA VAL C 425 -22.82 -49.91 9.73
C VAL C 425 -22.67 -50.70 11.03
N THR C 426 -22.43 -52.00 10.90
CA THR C 426 -22.25 -52.89 12.03
C THR C 426 -20.93 -53.64 11.84
N PRO C 427 -20.49 -54.46 12.79
CA PRO C 427 -19.35 -55.35 12.51
C PRO C 427 -19.60 -56.29 11.34
N ASP C 428 -20.86 -56.53 10.97
CA ASP C 428 -21.19 -57.39 9.84
C ASP C 428 -21.36 -56.63 8.53
N THR C 429 -21.61 -55.33 8.58
CA THR C 429 -21.95 -54.55 7.40
C THR C 429 -21.13 -53.27 7.37
N SER C 430 -20.43 -53.04 6.27
CA SER C 430 -19.60 -51.86 6.10
C SER C 430 -20.37 -50.75 5.39
N LEU C 431 -19.82 -49.54 5.46
CA LEU C 431 -20.41 -48.42 4.74
C LEU C 431 -20.45 -48.69 3.24
N THR C 432 -19.42 -49.35 2.72
CA THR C 432 -19.38 -49.69 1.29
C THR C 432 -20.57 -50.58 0.92
N GLU C 433 -20.82 -51.62 1.70
CA GLU C 433 -21.93 -52.52 1.41
C GLU C 433 -23.27 -51.83 1.62
N VAL C 434 -23.37 -50.96 2.63
CA VAL C 434 -24.61 -50.23 2.88
C VAL C 434 -24.96 -49.37 1.67
N VAL C 435 -24.00 -48.62 1.16
CA VAL C 435 -24.24 -47.78 -0.01
C VAL C 435 -24.48 -48.64 -1.24
N ARG C 436 -23.73 -49.74 -1.38
CA ARG C 436 -23.87 -50.60 -2.55
C ARG C 436 -25.26 -51.24 -2.60
N ASP C 437 -25.68 -51.85 -1.49
CA ASP C 437 -27.00 -52.50 -1.46
C ASP C 437 -28.12 -51.51 -1.76
N PHE C 438 -28.06 -50.32 -1.16
CA PHE C 438 -29.10 -49.33 -1.37
C PHE C 438 -29.11 -48.86 -2.82
N VAL C 439 -27.95 -48.72 -3.43
CA VAL C 439 -27.87 -48.28 -4.82
C VAL C 439 -28.27 -49.41 -5.76
N GLU C 440 -27.74 -50.61 -5.54
CA GLU C 440 -27.98 -51.71 -6.46
C GLU C 440 -29.43 -52.16 -6.44
N ARG C 441 -30.07 -52.13 -5.27
CA ARG C 441 -31.49 -52.47 -5.19
C ARG C 441 -32.39 -51.31 -5.58
N GLY C 442 -31.81 -50.15 -5.92
CA GLY C 442 -32.62 -49.01 -6.30
C GLY C 442 -33.48 -48.47 -5.18
N GLY C 443 -32.91 -48.38 -3.98
CA GLY C 443 -33.67 -47.87 -2.85
C GLY C 443 -34.15 -46.44 -3.11
N GLU C 444 -35.38 -46.17 -2.69
CA GLU C 444 -35.98 -44.86 -2.86
C GLU C 444 -36.75 -44.50 -1.60
N VAL C 445 -36.90 -43.20 -1.37
CA VAL C 445 -37.67 -42.67 -0.24
C VAL C 445 -38.62 -41.61 -0.78
N ALA C 446 -39.91 -41.87 -0.66
CA ALA C 446 -40.91 -40.89 -1.08
C ALA C 446 -40.84 -39.66 -0.20
N ALA C 447 -40.85 -38.48 -0.82
CA ALA C 447 -40.72 -37.24 -0.08
C ALA C 447 -42.08 -36.79 0.45
N VAL C 448 -42.15 -36.52 1.75
CA VAL C 448 -43.32 -35.96 2.39
C VAL C 448 -42.98 -34.55 2.85
N ASP C 449 -44.02 -33.74 3.04
CA ASP C 449 -43.84 -32.34 3.44
C ASP C 449 -43.00 -32.24 4.70
N GLY C 450 -41.90 -31.52 4.61
CA GLY C 450 -40.94 -31.40 5.68
C GLY C 450 -39.63 -32.10 5.41
N ASP C 451 -39.63 -33.12 4.55
CA ASP C 451 -38.40 -33.85 4.25
C ASP C 451 -37.36 -32.94 3.60
N GLU C 452 -37.79 -31.89 2.91
CA GLU C 452 -36.84 -31.00 2.25
C GLU C 452 -35.95 -30.27 3.23
N TYR C 453 -36.36 -30.13 4.50
CA TYR C 453 -35.53 -29.50 5.51
C TYR C 453 -34.50 -30.45 6.11
N PHE C 454 -34.41 -31.68 5.62
CA PHE C 454 -33.29 -32.56 5.93
C PHE C 454 -32.07 -32.28 5.08
N MET C 455 -32.19 -31.43 4.06
CA MET C 455 -31.13 -31.16 3.11
C MET C 455 -30.43 -29.85 3.48
N ASP C 456 -29.10 -29.89 3.51
CA ASP C 456 -28.30 -28.70 3.76
C ASP C 456 -28.07 -27.98 2.43
N GLY C 457 -27.22 -26.95 2.44
CA GLY C 457 -26.98 -26.20 1.21
C GLY C 457 -26.33 -27.05 0.13
N PHE C 458 -25.36 -27.87 0.50
CA PHE C 458 -24.70 -28.74 -0.46
C PHE C 458 -25.68 -29.76 -1.04
N ASP C 459 -26.51 -30.36 -0.19
CA ASP C 459 -27.50 -31.33 -0.66
C ASP C 459 -28.39 -30.72 -1.75
N GLN C 460 -28.86 -29.49 -1.52
CA GLN C 460 -29.79 -28.87 -2.47
C GLN C 460 -29.11 -28.53 -3.79
N VAL C 461 -27.84 -28.14 -3.75
CA VAL C 461 -27.10 -27.89 -4.98
C VAL C 461 -26.93 -29.18 -5.78
N VAL C 462 -26.57 -30.27 -5.10
CA VAL C 462 -26.36 -31.55 -5.80
C VAL C 462 -27.66 -32.05 -6.39
N THR C 463 -28.77 -31.90 -5.67
CA THR C 463 -30.07 -32.28 -6.18
C THR C 463 -30.44 -31.46 -7.42
N ALA C 464 -30.28 -30.14 -7.34
CA ALA C 464 -30.60 -29.28 -8.47
C ALA C 464 -29.72 -29.61 -9.68
N ARG C 465 -28.47 -29.98 -9.44
CA ARG C 465 -27.59 -30.33 -10.55
C ARG C 465 -27.99 -31.67 -11.17
N LEU C 466 -28.29 -32.67 -10.34
CA LEU C 466 -28.69 -33.97 -10.88
C LEU C 466 -30.05 -33.88 -11.56
N ASN C 467 -30.93 -32.96 -11.12
CA ASN C 467 -32.18 -32.72 -11.83
C ASN C 467 -31.91 -32.11 -13.20
N GLN C 468 -31.03 -31.10 -13.24
CA GLN C 468 -30.71 -30.46 -14.52
C GLN C 468 -30.06 -31.44 -15.48
N LEU C 469 -29.16 -32.29 -14.98
CA LEU C 469 -28.47 -33.23 -15.86
C LEU C 469 -29.43 -34.29 -16.39
N GLU C 470 -30.28 -34.83 -15.51
CA GLU C 470 -31.28 -35.81 -15.96
C GLU C 470 -32.30 -35.19 -16.91
N ARG C 471 -32.62 -33.90 -16.72
CA ARG C 471 -33.57 -33.24 -17.60
C ARG C 471 -32.97 -32.98 -18.98
N ASP C 472 -31.70 -32.57 -19.01
CA ASP C 472 -31.02 -32.35 -20.29
C ASP C 472 -30.92 -33.64 -21.10
N ALA C 473 -30.58 -34.75 -20.43
CA ALA C 473 -30.47 -36.02 -21.14
C ALA C 473 -31.82 -36.50 -21.65
N ALA C 474 -32.87 -36.36 -20.83
CA ALA C 474 -34.20 -36.79 -21.26
C ALA C 474 -34.70 -35.98 -22.45
N ASP C 475 -34.22 -34.75 -22.60
CA ASP C 475 -34.59 -33.90 -23.72
C ASP C 475 -33.75 -34.14 -24.96
N GLY C 476 -32.85 -35.12 -24.95
CA GLY C 476 -31.99 -35.39 -26.08
C GLY C 476 -30.69 -34.61 -26.09
N TRP C 477 -30.33 -33.97 -24.98
CA TRP C 477 -29.08 -33.22 -24.89
C TRP C 477 -28.11 -33.93 -23.96
N GLU C 478 -27.96 -35.24 -24.16
CA GLU C 478 -27.17 -36.05 -23.22
C GLU C 478 -25.72 -35.63 -23.20
N GLU C 479 -25.13 -35.36 -24.37
CA GLU C 479 -23.73 -34.99 -24.43
C GLU C 479 -23.49 -33.56 -23.96
N ALA C 480 -24.43 -32.65 -24.22
CA ALA C 480 -24.30 -31.25 -23.81
C ALA C 480 -24.87 -30.99 -22.42
N ARG C 481 -25.09 -32.05 -21.63
CA ARG C 481 -25.81 -31.91 -20.37
C ARG C 481 -25.09 -30.98 -19.41
N GLY C 482 -25.87 -30.15 -18.70
CA GLY C 482 -25.34 -29.22 -17.73
C GLY C 482 -24.69 -27.99 -18.29
N PHE C 483 -24.83 -27.73 -19.59
CA PHE C 483 -24.18 -26.62 -20.29
C PHE C 483 -22.66 -26.75 -20.22
N LEU C 484 -22.08 -26.52 -19.04
CA LEU C 484 -20.65 -26.65 -18.84
C LEU C 484 -20.34 -27.93 -18.07
N ARG C 485 -19.27 -28.62 -18.48
CA ARG C 485 -18.90 -29.89 -17.87
C ARG C 485 -17.38 -30.12 -17.97
N LEU C 486 -16.80 -29.76 -19.11
CA LEU C 486 -15.37 -29.98 -19.39
C LEU C 486 -14.94 -31.41 -19.09
N ALA D 10 0.44 -4.10 -10.25
CA ALA D 10 0.85 -4.36 -8.88
C ALA D 10 2.30 -4.82 -8.83
N PRO D 11 3.18 -3.94 -8.36
CA PRO D 11 4.62 -4.28 -8.36
C PRO D 11 4.96 -5.47 -7.48
N ALA D 12 4.28 -5.64 -6.34
CA ALA D 12 4.56 -6.78 -5.47
C ALA D 12 4.15 -8.10 -6.11
N GLU D 13 3.15 -8.08 -6.99
CA GLU D 13 2.71 -9.30 -7.66
C GLU D 13 3.58 -9.66 -8.86
N ARG D 14 4.53 -8.81 -9.23
CA ARG D 14 5.35 -9.03 -10.43
C ARG D 14 6.83 -9.13 -10.13
N CYS D 15 7.23 -9.19 -8.85
CA CYS D 15 8.63 -8.98 -8.50
C CYS D 15 9.54 -10.11 -8.92
N ALA D 16 9.02 -11.29 -9.28
CA ALA D 16 9.88 -12.40 -9.69
C ALA D 16 10.30 -12.34 -11.15
N HIS D 17 9.67 -11.51 -11.96
CA HIS D 17 9.99 -11.48 -13.37
C HIS D 17 11.28 -10.69 -13.63
N PRO D 18 12.00 -10.99 -14.71
CA PRO D 18 13.26 -10.30 -14.96
C PRO D 18 13.06 -8.81 -15.17
N GLY D 19 13.94 -8.03 -14.56
CA GLY D 19 13.88 -6.57 -14.67
C GLY D 19 12.78 -5.92 -13.88
N ALA D 20 12.20 -6.62 -12.91
CA ALA D 20 11.12 -6.04 -12.12
C ALA D 20 11.65 -5.00 -11.14
N ASP D 21 10.82 -4.01 -10.85
CA ASP D 21 11.17 -2.97 -9.88
C ASP D 21 11.10 -3.55 -8.46
N LEU D 22 12.24 -4.02 -7.95
CA LEU D 22 12.23 -4.63 -6.62
C LEU D 22 12.00 -3.60 -5.53
N GLY D 23 12.43 -2.36 -5.75
CA GLY D 23 12.18 -1.32 -4.75
C GLY D 23 10.71 -1.04 -4.56
N ALA D 24 9.95 -1.01 -5.66
CA ALA D 24 8.51 -0.80 -5.55
C ALA D 24 7.84 -1.95 -4.82
N ALA D 25 8.29 -3.18 -5.06
CA ALA D 25 7.73 -4.33 -4.36
C ALA D 25 8.00 -4.24 -2.87
N VAL D 26 9.23 -3.88 -2.48
CA VAL D 26 9.58 -3.76 -1.08
C VAL D 26 8.72 -2.72 -0.38
N HIS D 27 8.44 -1.61 -1.07
CA HIS D 27 7.57 -0.60 -0.49
C HIS D 27 6.15 -1.13 -0.30
N ALA D 28 5.62 -1.83 -1.31
CA ALA D 28 4.25 -2.35 -1.24
C ALA D 28 4.12 -3.37 -0.13
N VAL D 29 5.03 -4.35 -0.05
CA VAL D 29 4.95 -5.33 1.01
C VAL D 29 5.28 -4.70 2.37
N GLY D 30 6.09 -3.64 2.38
CA GLY D 30 6.34 -2.95 3.62
C GLY D 30 5.10 -2.30 4.19
N GLN D 31 4.24 -1.74 3.33
CA GLN D 31 2.98 -1.17 3.78
C GLN D 31 2.06 -2.24 4.35
N THR D 32 1.97 -3.39 3.68
CA THR D 32 1.06 -4.45 4.13
C THR D 32 1.42 -4.93 5.53
N LEU D 33 2.71 -5.16 5.79
CA LEU D 33 3.14 -5.60 7.11
C LEU D 33 2.85 -4.53 8.17
N ALA D 34 3.12 -3.27 7.84
CA ALA D 34 2.93 -2.20 8.81
C ALA D 34 1.44 -1.99 9.10
N ALA D 35 0.63 -1.84 8.05
CA ALA D 35 -0.79 -1.58 8.24
C ALA D 35 -1.49 -2.72 8.96
N GLY D 36 -0.98 -3.94 8.82
CA GLY D 36 -1.57 -5.09 9.48
C GLY D 36 -1.07 -5.37 10.88
N GLY D 37 -0.20 -4.52 11.43
CA GLY D 37 0.41 -4.80 12.71
C GLY D 37 1.27 -6.06 12.75
N LEU D 38 1.58 -6.65 11.60
CA LEU D 38 2.37 -7.89 11.58
C LEU D 38 3.78 -7.66 12.10
N VAL D 39 4.35 -6.48 11.84
CA VAL D 39 5.74 -6.19 12.14
C VAL D 39 5.82 -4.73 12.60
N PRO D 40 6.61 -4.41 13.62
CA PRO D 40 6.78 -3.01 14.03
C PRO D 40 7.24 -2.16 12.87
N PRO D 41 6.65 -0.98 12.68
CA PRO D 41 6.92 -0.20 11.46
C PRO D 41 8.37 0.20 11.27
N ASP D 42 9.19 0.18 12.33
CA ASP D 42 10.60 0.56 12.19
C ASP D 42 11.44 -0.55 11.56
N GLU D 43 10.94 -1.78 11.53
CA GLU D 43 11.63 -2.89 10.88
C GLU D 43 10.81 -3.48 9.74
N ALA D 44 9.81 -2.74 9.26
CA ALA D 44 8.99 -3.23 8.15
C ALA D 44 9.76 -3.25 6.83
N GLY D 45 10.80 -2.43 6.70
CA GLY D 45 11.57 -2.39 5.47
C GLY D 45 12.55 -3.53 5.34
N THR D 46 13.18 -3.92 6.45
CA THR D 46 14.12 -5.04 6.42
C THR D 46 13.41 -6.37 6.23
N THR D 47 12.27 -6.55 6.92
CA THR D 47 11.47 -7.75 6.72
C THR D 47 10.95 -7.82 5.29
N ALA D 48 10.52 -6.68 4.75
CA ALA D 48 9.97 -6.64 3.40
C ALA D 48 11.00 -7.06 2.36
N ARG D 49 12.27 -6.71 2.57
CA ARG D 49 13.30 -7.09 1.60
C ARG D 49 13.54 -8.59 1.62
N HIS D 50 13.54 -9.20 2.81
CA HIS D 50 13.68 -10.66 2.90
C HIS D 50 12.50 -11.36 2.25
N LEU D 51 11.28 -10.87 2.50
CA LEU D 51 10.09 -11.49 1.92
C LEU D 51 10.11 -11.41 0.40
N VAL D 52 10.55 -10.28 -0.15
CA VAL D 52 10.58 -10.13 -1.59
C VAL D 52 11.67 -11.00 -2.20
N ARG D 53 12.80 -11.13 -1.51
CA ARG D 53 13.86 -12.02 -2.01
C ARG D 53 13.37 -13.46 -2.04
N LEU D 54 12.60 -13.88 -1.03
CA LEU D 54 12.02 -15.23 -1.05
C LEU D 54 11.09 -15.39 -2.24
N ALA D 55 10.27 -14.37 -2.54
CA ALA D 55 9.33 -14.45 -3.65
C ALA D 55 10.06 -14.49 -4.99
N VAL D 56 11.14 -13.73 -5.12
CA VAL D 56 11.93 -13.75 -6.36
C VAL D 56 12.57 -15.10 -6.56
N ARG D 57 13.09 -15.70 -5.49
CA ARG D 57 13.77 -16.99 -5.60
C ARG D 57 12.79 -18.09 -6.01
N TYR D 58 11.69 -18.24 -5.27
CA TYR D 58 10.76 -19.32 -5.55
C TYR D 58 9.88 -19.05 -6.76
N GLY D 59 9.81 -17.81 -7.22
CA GLY D 59 9.17 -17.54 -8.49
C GLY D 59 10.02 -17.88 -9.69
N ASN D 60 11.28 -18.23 -9.47
CA ASN D 60 12.20 -18.62 -10.54
C ASN D 60 12.80 -20.01 -10.35
N SER D 61 13.02 -20.45 -9.10
CA SER D 61 13.57 -21.76 -8.79
C SER D 61 12.67 -22.41 -7.75
N PRO D 62 11.64 -23.13 -8.18
CA PRO D 62 10.63 -23.63 -7.22
C PRO D 62 11.14 -24.72 -6.29
N PHE D 63 12.26 -25.38 -6.58
CA PHE D 63 12.70 -26.54 -5.81
C PHE D 63 13.78 -26.20 -4.79
N THR D 64 14.09 -24.92 -4.60
CA THR D 64 15.14 -24.52 -3.66
C THR D 64 14.82 -25.00 -2.24
N PRO D 65 15.70 -25.77 -1.62
CA PRO D 65 15.47 -26.17 -0.23
C PRO D 65 15.40 -24.96 0.69
N LEU D 66 14.57 -25.07 1.73
CA LEU D 66 14.36 -23.95 2.64
C LEU D 66 15.65 -23.51 3.31
N GLU D 67 16.52 -24.47 3.63
CA GLU D 67 17.79 -24.14 4.26
C GLU D 67 18.69 -23.36 3.31
N GLU D 68 18.61 -23.63 2.01
CA GLU D 68 19.38 -22.86 1.03
C GLU D 68 18.87 -21.42 0.97
N ALA D 69 17.54 -21.24 0.98
CA ALA D 69 17.00 -19.88 0.98
C ALA D 69 17.33 -19.14 2.27
N ARG D 70 17.32 -19.86 3.40
CA ARG D 70 17.69 -19.22 4.67
C ARG D 70 19.15 -18.80 4.68
N HIS D 71 20.04 -19.65 4.15
CA HIS D 71 21.46 -19.32 4.12
C HIS D 71 21.71 -18.10 3.24
N ASP D 72 21.01 -17.99 2.11
CA ASP D 72 21.18 -16.83 1.25
C ASP D 72 20.64 -15.55 1.89
N LEU D 73 19.61 -15.68 2.75
CA LEU D 73 19.13 -14.52 3.50
C LEU D 73 20.07 -14.17 4.65
N GLY D 74 20.80 -15.14 5.18
CA GLY D 74 21.70 -14.89 6.28
C GLY D 74 21.05 -14.75 7.63
N VAL D 75 19.86 -15.30 7.82
CA VAL D 75 19.15 -15.22 9.09
C VAL D 75 19.20 -16.59 9.76
N ASP D 76 19.01 -16.59 11.08
CA ASP D 76 19.06 -17.83 11.84
C ASP D 76 17.73 -18.58 11.72
N ARG D 77 17.66 -19.75 12.37
CA ARG D 77 16.53 -20.65 12.18
C ARG D 77 15.23 -20.03 12.68
N ASP D 78 15.23 -19.47 13.89
CA ASP D 78 14.00 -18.90 14.43
C ASP D 78 13.55 -17.68 13.61
N ALA D 79 14.50 -16.88 13.13
CA ALA D 79 14.11 -15.73 12.30
C ALA D 79 13.52 -16.19 10.98
N PHE D 80 14.00 -17.30 10.42
CA PHE D 80 13.43 -17.81 9.18
C PHE D 80 12.02 -18.32 9.39
N ARG D 81 11.76 -18.96 10.52
CA ARG D 81 10.41 -19.43 10.81
C ARG D 81 9.43 -18.27 10.84
N ARG D 82 9.82 -17.15 11.48
CA ARG D 82 8.96 -15.97 11.49
C ARG D 82 8.76 -15.43 10.08
N LEU D 83 9.80 -15.46 9.25
CA LEU D 83 9.68 -14.95 7.89
C LEU D 83 8.73 -15.81 7.06
N LEU D 84 8.75 -17.13 7.26
CA LEU D 84 7.84 -18.00 6.52
C LEU D 84 6.39 -17.75 6.92
N ALA D 85 6.15 -17.47 8.20
CA ALA D 85 4.78 -17.16 8.65
C ALA D 85 4.34 -15.80 8.12
N LEU D 86 5.22 -14.81 8.15
CA LEU D 86 4.88 -13.49 7.62
C LEU D 86 4.62 -13.57 6.12
N PHE D 87 5.38 -14.40 5.41
CA PHE D 87 5.17 -14.54 3.98
C PHE D 87 3.75 -14.99 3.66
N GLY D 88 3.20 -15.89 4.48
CA GLY D 88 1.83 -16.30 4.34
C GLY D 88 0.79 -15.23 4.60
N GLN D 89 1.21 -14.04 5.04
CA GLN D 89 0.32 -12.92 5.28
C GLN D 89 0.33 -11.88 4.17
N VAL D 90 1.12 -12.08 3.13
CA VAL D 90 1.20 -11.11 2.04
C VAL D 90 0.72 -11.81 0.77
N PRO D 91 -0.57 -11.73 0.45
CA PRO D 91 -1.09 -12.46 -0.72
C PRO D 91 -0.42 -12.08 -2.03
N GLU D 92 0.08 -10.85 -2.14
CA GLU D 92 0.71 -10.42 -3.38
C GLU D 92 2.01 -11.16 -3.64
N LEU D 93 2.69 -11.64 -2.59
CA LEU D 93 3.94 -12.36 -2.79
C LEU D 93 3.70 -13.80 -3.22
N ARG D 94 2.67 -14.45 -2.67
CA ARG D 94 2.31 -15.78 -3.17
C ARG D 94 1.92 -15.71 -4.65
N THR D 95 1.18 -14.67 -5.02
CA THR D 95 0.89 -14.42 -6.43
C THR D 95 2.17 -14.24 -7.24
N ALA D 96 3.15 -13.52 -6.67
CA ALA D 96 4.41 -13.32 -7.37
C ALA D 96 5.13 -14.64 -7.63
N VAL D 97 4.96 -15.61 -6.74
CA VAL D 97 5.59 -16.92 -6.93
C VAL D 97 4.79 -17.75 -7.93
N GLU D 98 3.47 -17.80 -7.78
CA GLU D 98 2.64 -18.67 -8.62
C GLU D 98 2.54 -18.16 -10.05
N THR D 99 2.75 -16.86 -10.28
CA THR D 99 2.73 -16.30 -11.63
C THR D 99 4.10 -15.82 -12.08
N GLY D 100 5.16 -16.23 -11.39
CA GLY D 100 6.49 -15.87 -11.79
C GLY D 100 6.93 -16.62 -13.02
N PRO D 101 8.19 -16.41 -13.43
CA PRO D 101 8.73 -17.13 -14.59
C PRO D 101 8.60 -18.64 -14.47
N ALA D 102 8.68 -19.19 -13.25
CA ALA D 102 8.51 -20.61 -13.01
C ALA D 102 7.11 -20.95 -12.50
N GLY D 103 6.12 -20.13 -12.85
CA GLY D 103 4.78 -20.32 -12.32
C GLY D 103 4.09 -21.57 -12.84
N ALA D 104 4.47 -22.02 -14.05
CA ALA D 104 3.87 -23.22 -14.61
C ALA D 104 4.15 -24.45 -13.74
N TYR D 105 5.33 -24.51 -13.11
CA TYR D 105 5.60 -25.59 -12.17
C TYR D 105 4.58 -25.60 -11.04
N TRP D 106 4.34 -24.43 -10.43
CA TRP D 106 3.43 -24.36 -9.29
C TRP D 106 1.99 -24.65 -9.71
N LYS D 107 1.51 -23.97 -10.76
CA LYS D 107 0.09 -24.00 -11.08
C LYS D 107 -0.31 -25.29 -11.80
N ASN D 108 0.55 -25.80 -12.68
CA ASN D 108 0.18 -26.94 -13.52
C ASN D 108 0.57 -28.29 -12.94
N THR D 109 1.45 -28.33 -11.93
CA THR D 109 1.90 -29.64 -11.44
C THR D 109 2.00 -29.70 -9.93
N LEU D 110 2.85 -28.85 -9.34
CA LEU D 110 3.19 -29.01 -7.93
C LEU D 110 1.97 -28.84 -7.02
N LEU D 111 1.30 -27.69 -7.13
CA LEU D 111 0.17 -27.43 -6.21
C LEU D 111 -1.00 -28.37 -6.43
N PRO D 112 -1.45 -28.65 -7.67
CA PRO D 112 -2.56 -29.61 -7.82
C PRO D 112 -2.25 -30.98 -7.24
N LEU D 113 -1.04 -31.49 -7.45
CA LEU D 113 -0.69 -32.81 -6.92
C LEU D 113 -0.57 -32.77 -5.39
N GLU D 114 -0.02 -31.69 -4.84
CA GLU D 114 0.02 -31.54 -3.39
C GLU D 114 -1.38 -31.55 -2.81
N GLN D 115 -2.33 -30.92 -3.51
CA GLN D 115 -3.71 -30.88 -3.02
C GLN D 115 -4.31 -32.29 -2.94
N ARG D 116 -3.99 -33.14 -3.91
CA ARG D 116 -4.53 -34.49 -3.95
C ARG D 116 -3.77 -35.46 -3.06
N GLY D 117 -2.73 -34.99 -2.36
CA GLY D 117 -1.93 -35.87 -1.52
C GLY D 117 -1.04 -36.83 -2.26
N VAL D 118 -0.72 -36.54 -3.53
CA VAL D 118 0.04 -37.48 -4.35
C VAL D 118 1.48 -37.59 -3.85
N PHE D 119 2.08 -36.47 -3.44
CA PHE D 119 3.47 -36.52 -2.98
C PHE D 119 3.59 -37.16 -1.61
N ASP D 120 2.55 -37.06 -0.77
CA ASP D 120 2.66 -37.48 0.62
C ASP D 120 2.88 -38.98 0.73
N ALA D 121 2.25 -39.78 -0.13
CA ALA D 121 2.42 -41.22 -0.07
C ALA D 121 3.85 -41.63 -0.40
N ALA D 122 4.47 -40.93 -1.36
CA ALA D 122 5.87 -41.20 -1.68
C ALA D 122 6.78 -40.75 -0.55
N LEU D 123 6.45 -39.62 0.10
CA LEU D 123 7.27 -39.16 1.21
C LEU D 123 7.21 -40.12 2.39
N ALA D 124 6.04 -40.64 2.70
CA ALA D 124 5.88 -41.56 3.83
C ALA D 124 6.27 -42.98 3.48
N ARG D 125 6.67 -43.26 2.23
CA ARG D 125 7.04 -44.59 1.78
C ARG D 125 5.93 -45.60 2.07
N LYS D 126 4.71 -45.20 1.72
CA LYS D 126 3.55 -46.04 2.01
C LYS D 126 2.94 -46.59 0.73
N PRO D 127 2.35 -47.79 0.78
CA PRO D 127 1.77 -48.40 -0.42
C PRO D 127 0.41 -47.81 -0.73
N VAL D 128 0.30 -47.14 -1.88
CA VAL D 128 -0.98 -46.68 -2.41
C VAL D 128 -1.03 -47.03 -3.90
N PHE D 129 -2.22 -47.01 -4.46
CA PHE D 129 -2.36 -47.23 -5.89
C PHE D 129 -1.83 -46.02 -6.65
N PRO D 130 -1.07 -46.24 -7.74
CA PRO D 130 -0.42 -45.12 -8.43
C PRO D 130 -1.41 -44.07 -8.90
N TYR D 131 -1.03 -42.80 -8.71
CA TYR D 131 -1.86 -41.70 -9.16
C TYR D 131 -2.00 -41.69 -10.67
N SER D 132 -0.93 -42.06 -11.39
CA SER D 132 -0.93 -42.04 -12.85
C SER D 132 -0.44 -43.39 -13.36
N VAL D 133 -1.26 -44.05 -14.16
CA VAL D 133 -0.94 -45.38 -14.68
C VAL D 133 -0.87 -45.29 -16.20
N GLY D 134 0.34 -45.46 -16.74
CA GLY D 134 0.52 -45.55 -18.18
C GLY D 134 0.46 -46.99 -18.64
N LEU D 135 -0.32 -47.24 -19.67
CA LEU D 135 -0.40 -48.55 -20.31
C LEU D 135 0.27 -48.49 -21.66
N TYR D 136 1.23 -49.39 -21.89
CA TYR D 136 2.05 -49.45 -23.09
C TYR D 136 1.72 -50.69 -23.90
N PRO D 137 0.64 -50.68 -24.70
CA PRO D 137 0.18 -51.92 -25.33
C PRO D 137 0.76 -52.23 -26.71
N GLY D 138 1.60 -51.36 -27.28
CA GLY D 138 2.12 -51.59 -28.61
C GLY D 138 3.30 -52.53 -28.64
N PRO D 139 3.21 -53.59 -29.47
CA PRO D 139 4.33 -54.53 -29.59
C PRO D 139 5.49 -54.00 -30.42
N THR D 140 5.22 -53.11 -31.38
CA THR D 140 6.22 -52.62 -32.30
C THR D 140 5.98 -51.13 -32.58
N CYS D 141 6.84 -50.56 -33.42
CA CYS D 141 6.59 -49.26 -34.00
C CYS D 141 7.20 -49.22 -35.39
N MET D 142 6.52 -48.50 -36.29
CA MET D 142 6.96 -48.39 -37.68
C MET D 142 7.89 -47.21 -37.93
N PHE D 143 8.17 -46.41 -36.89
CA PHE D 143 9.12 -45.31 -37.00
C PHE D 143 10.44 -45.69 -36.35
N ARG D 144 11.45 -44.86 -36.59
CA ARG D 144 12.77 -44.98 -35.98
C ARG D 144 13.26 -43.55 -35.71
N CYS D 145 12.61 -42.89 -34.76
CA CYS D 145 12.89 -41.49 -34.48
C CYS D 145 14.28 -41.34 -33.89
N HIS D 146 15.04 -40.37 -34.40
CA HIS D 146 16.42 -40.21 -33.95
C HIS D 146 16.51 -39.73 -32.51
N PHE D 147 15.45 -39.14 -31.96
CA PHE D 147 15.45 -38.69 -30.57
C PHE D 147 14.97 -39.77 -29.60
N CYS D 148 14.36 -40.84 -30.09
CA CYS D 148 13.74 -41.83 -29.23
C CYS D 148 14.74 -42.88 -28.78
N VAL D 149 14.55 -43.37 -27.54
CA VAL D 149 15.47 -44.33 -26.94
C VAL D 149 15.17 -45.77 -27.33
N ARG D 150 14.14 -46.02 -28.13
CA ARG D 150 13.81 -47.38 -28.50
C ARG D 150 14.96 -48.02 -29.27
N VAL D 151 15.17 -49.31 -29.02
CA VAL D 151 16.30 -50.04 -29.58
C VAL D 151 15.93 -50.53 -30.98
N THR D 152 16.72 -50.12 -31.97
CA THR D 152 16.54 -50.65 -33.32
C THR D 152 16.66 -52.17 -33.29
N GLY D 153 15.67 -52.84 -33.86
CA GLY D 153 15.62 -54.29 -33.86
C GLY D 153 14.91 -54.90 -32.67
N ALA D 154 14.48 -54.10 -31.70
CA ALA D 154 13.78 -54.59 -30.52
C ALA D 154 12.27 -54.48 -30.70
N ARG D 155 11.56 -55.54 -30.30
CA ARG D 155 10.11 -55.55 -30.37
C ARG D 155 9.60 -56.62 -29.41
N TYR D 156 8.29 -56.61 -29.18
CA TYR D 156 7.66 -57.62 -28.34
C TYR D 156 7.25 -58.81 -29.17
N ASP D 157 7.41 -60.00 -28.61
CA ASP D 157 6.94 -61.23 -29.22
C ASP D 157 5.48 -61.08 -29.63
N PRO D 158 5.11 -61.40 -30.87
CA PRO D 158 3.70 -61.29 -31.28
C PRO D 158 2.77 -62.21 -30.51
N SER D 159 3.30 -63.25 -29.88
CA SER D 159 2.47 -64.15 -29.07
C SER D 159 2.16 -63.57 -27.70
N ALA D 160 2.73 -62.42 -27.35
CA ALA D 160 2.47 -61.79 -26.07
C ALA D 160 1.18 -60.99 -26.05
N LEU D 161 0.61 -60.71 -27.22
CA LEU D 161 -0.55 -59.82 -27.34
C LEU D 161 -1.73 -60.28 -26.50
N ASP D 162 -2.50 -61.23 -27.00
CA ASP D 162 -3.61 -61.76 -26.22
C ASP D 162 -3.06 -62.71 -25.16
N ALA D 163 -3.28 -62.33 -23.89
CA ALA D 163 -2.56 -62.69 -22.68
C ALA D 163 -2.14 -61.36 -22.05
N GLY D 164 -1.43 -60.54 -22.82
CA GLY D 164 -1.12 -59.20 -22.37
C GLY D 164 -2.32 -58.27 -22.43
N ASN D 165 -3.20 -58.46 -23.43
CA ASN D 165 -4.43 -57.67 -23.48
C ASN D 165 -5.38 -58.05 -22.36
N ALA D 166 -5.40 -59.33 -21.96
CA ALA D 166 -6.17 -59.72 -20.79
C ALA D 166 -5.55 -59.17 -19.51
N MET D 167 -4.21 -59.15 -19.45
CA MET D 167 -3.54 -58.53 -18.32
C MET D 167 -3.89 -57.04 -18.24
N PHE D 168 -3.87 -56.36 -19.37
CA PHE D 168 -4.23 -54.94 -19.40
C PHE D 168 -5.64 -54.73 -18.88
N ARG D 169 -6.58 -55.58 -19.30
CA ARG D 169 -7.95 -55.47 -18.81
C ARG D 169 -8.02 -55.66 -17.30
N SER D 170 -7.25 -56.62 -16.77
CA SER D 170 -7.22 -56.83 -15.32
C SER D 170 -6.63 -55.62 -14.60
N VAL D 171 -5.67 -54.93 -15.21
CA VAL D 171 -5.12 -53.73 -14.61
C VAL D 171 -6.14 -52.60 -14.62
N ILE D 172 -6.89 -52.47 -15.71
CA ILE D 172 -7.94 -51.46 -15.78
C ILE D 172 -8.98 -51.69 -14.68
N ASP D 173 -9.33 -52.96 -14.43
CA ASP D 173 -10.28 -53.28 -13.37
C ASP D 173 -9.78 -52.84 -12.00
N GLU D 174 -8.47 -52.69 -11.81
CA GLU D 174 -7.90 -52.29 -10.53
C GLU D 174 -8.02 -50.80 -10.25
N ILE D 175 -8.29 -49.99 -11.26
CA ILE D 175 -8.21 -48.54 -11.11
C ILE D 175 -9.37 -48.02 -10.26
N PRO D 176 -9.09 -47.31 -9.17
CA PRO D 176 -10.17 -46.83 -8.31
C PRO D 176 -10.92 -45.67 -8.95
N ALA D 177 -12.09 -45.39 -8.40
CA ALA D 177 -12.87 -44.23 -8.82
C ALA D 177 -12.23 -42.96 -8.27
N GLY D 178 -12.67 -41.82 -8.82
CA GLY D 178 -12.25 -40.52 -8.34
C GLY D 178 -11.41 -39.74 -9.32
N ASN D 179 -10.79 -40.38 -10.31
CA ASN D 179 -9.98 -39.71 -11.31
C ASN D 179 -10.16 -40.40 -12.65
N PRO D 180 -11.17 -40.00 -13.42
CA PRO D 180 -11.42 -40.65 -14.71
C PRO D 180 -10.26 -40.54 -15.71
N SER D 181 -9.24 -39.73 -15.44
CA SER D 181 -8.07 -39.66 -16.31
C SER D 181 -6.82 -40.24 -15.66
N ALA D 182 -6.98 -41.16 -14.70
CA ALA D 182 -5.83 -41.75 -14.03
C ALA D 182 -4.99 -42.60 -14.97
N MET D 183 -5.61 -43.21 -15.98
CA MET D 183 -4.92 -44.09 -16.92
C MET D 183 -4.86 -43.44 -18.30
N TYR D 184 -3.79 -43.72 -19.03
CA TYR D 184 -3.63 -43.26 -20.39
C TYR D 184 -2.94 -44.34 -21.22
N PHE D 185 -3.18 -44.29 -22.53
CA PHE D 185 -2.52 -45.19 -23.48
C PHE D 185 -1.42 -44.41 -24.17
N SER D 186 -0.17 -44.77 -23.88
CA SER D 186 0.96 -44.21 -24.62
C SER D 186 1.92 -45.34 -24.90
N GLY D 187 3.21 -45.10 -24.79
CA GLY D 187 4.10 -46.25 -24.85
C GLY D 187 5.55 -45.88 -24.74
N GLY D 188 6.34 -46.94 -24.66
CA GLY D 188 7.61 -46.94 -25.33
C GLY D 188 7.31 -46.97 -26.81
N LEU D 189 6.62 -48.00 -27.31
CA LEU D 189 6.40 -48.11 -28.74
C LEU D 189 5.02 -47.58 -29.11
N GLU D 190 4.62 -47.80 -30.36
CA GLU D 190 3.40 -47.20 -30.90
C GLU D 190 2.17 -47.99 -30.46
N PRO D 191 1.22 -47.36 -29.76
CA PRO D 191 0.06 -48.13 -29.26
C PRO D 191 -0.81 -48.72 -30.35
N LEU D 192 -0.98 -48.02 -31.47
CA LEU D 192 -1.89 -48.46 -32.52
C LEU D 192 -1.47 -49.77 -33.19
N THR D 193 -0.25 -50.26 -32.94
CA THR D 193 0.15 -51.55 -33.48
C THR D 193 -0.45 -52.72 -32.72
N ASN D 194 -1.12 -52.48 -31.59
CA ASN D 194 -1.88 -53.52 -30.91
C ASN D 194 -3.26 -53.62 -31.54
N PRO D 195 -3.63 -54.75 -32.13
CA PRO D 195 -4.97 -54.86 -32.75
C PRO D 195 -6.10 -54.74 -31.75
N GLY D 196 -5.85 -55.00 -30.46
CA GLY D 196 -6.89 -54.95 -29.46
C GLY D 196 -6.93 -53.67 -28.64
N LEU D 197 -6.29 -52.62 -29.15
CA LEU D 197 -6.28 -51.35 -28.41
C LEU D 197 -7.68 -50.75 -28.32
N GLY D 198 -8.48 -50.89 -29.36
CA GLY D 198 -9.86 -50.42 -29.30
C GLY D 198 -10.66 -51.15 -28.24
N SER D 199 -10.42 -52.45 -28.09
CA SER D 199 -11.12 -53.22 -27.06
C SER D 199 -10.68 -52.78 -25.66
N LEU D 200 -9.40 -52.47 -25.49
CA LEU D 200 -8.93 -51.93 -24.21
C LEU D 200 -9.55 -50.57 -23.93
N ALA D 201 -9.72 -49.76 -24.97
CA ALA D 201 -10.37 -48.46 -24.80
C ALA D 201 -11.82 -48.62 -24.35
N ALA D 202 -12.54 -49.52 -25.00
CA ALA D 202 -13.93 -49.76 -24.62
C ALA D 202 -14.04 -50.34 -23.22
N HIS D 203 -13.10 -51.22 -22.84
CA HIS D 203 -13.08 -51.76 -21.48
C HIS D 203 -12.87 -50.66 -20.45
N ALA D 204 -12.03 -49.67 -20.76
CA ALA D 204 -11.81 -48.58 -19.82
C ALA D 204 -13.03 -47.66 -19.75
N THR D 205 -13.67 -47.40 -20.90
CA THR D 205 -14.87 -46.57 -20.90
C THR D 205 -15.98 -47.20 -20.07
N ASP D 206 -16.14 -48.52 -20.16
CA ASP D 206 -17.13 -49.21 -19.34
C ASP D 206 -16.78 -49.14 -17.85
N HIS D 207 -15.49 -49.13 -17.53
CA HIS D 207 -15.04 -48.97 -16.15
C HIS D 207 -15.35 -47.59 -15.58
N GLY D 208 -15.76 -46.64 -16.44
CA GLY D 208 -15.97 -45.27 -16.03
C GLY D 208 -14.80 -44.34 -16.29
N LEU D 209 -13.80 -44.78 -17.03
CA LEU D 209 -12.61 -43.98 -17.30
C LEU D 209 -12.74 -43.20 -18.60
N ARG D 210 -11.93 -42.15 -18.71
CA ARG D 210 -11.90 -41.30 -19.91
C ARG D 210 -10.43 -41.16 -20.31
N PRO D 211 -9.88 -42.15 -20.99
CA PRO D 211 -8.44 -42.16 -21.27
C PRO D 211 -8.07 -41.44 -22.56
N THR D 212 -6.81 -41.00 -22.59
CA THR D 212 -6.21 -40.38 -23.77
C THR D 212 -5.19 -41.35 -24.35
N VAL D 213 -5.10 -41.39 -25.67
CA VAL D 213 -4.08 -42.17 -26.37
C VAL D 213 -3.05 -41.21 -26.94
N TYR D 214 -1.77 -41.55 -26.75
CA TYR D 214 -0.66 -40.79 -27.31
C TYR D 214 -0.02 -41.64 -28.39
N THR D 215 -0.05 -41.14 -29.64
CA THR D 215 0.25 -41.97 -30.79
C THR D 215 0.89 -41.11 -31.88
N ASN D 216 1.65 -41.75 -32.76
CA ASN D 216 2.14 -41.06 -33.94
C ASN D 216 1.10 -41.03 -35.06
N SER D 217 -0.03 -41.72 -34.89
CA SER D 217 -1.20 -41.67 -35.76
C SER D 217 -0.90 -42.14 -37.19
N PHE D 218 0.28 -42.71 -37.46
CA PHE D 218 0.56 -43.26 -38.78
C PHE D 218 -0.39 -44.39 -39.11
N ALA D 219 -0.80 -45.18 -38.10
CA ALA D 219 -1.70 -46.30 -38.29
C ALA D 219 -3.15 -45.96 -37.97
N LEU D 220 -3.48 -44.67 -37.88
CA LEU D 220 -4.84 -44.24 -37.62
C LEU D 220 -5.63 -44.15 -38.92
N THR D 221 -5.66 -45.27 -39.63
CA THR D 221 -6.33 -45.39 -40.91
C THR D 221 -7.80 -45.78 -40.71
N GLU D 222 -8.60 -45.60 -41.77
CA GLU D 222 -9.99 -46.03 -41.71
C GLU D 222 -10.09 -47.54 -41.48
N ARG D 223 -9.16 -48.31 -42.04
CA ARG D 223 -9.13 -49.74 -41.76
C ARG D 223 -8.93 -50.01 -40.28
N THR D 224 -8.02 -49.26 -39.63
CA THR D 224 -7.81 -49.41 -38.20
C THR D 224 -9.06 -49.03 -37.41
N LEU D 225 -9.75 -47.97 -37.85
CA LEU D 225 -10.96 -47.54 -37.17
C LEU D 225 -12.05 -48.62 -37.24
N GLU D 226 -12.17 -49.30 -38.38
CA GLU D 226 -13.14 -50.38 -38.49
C GLU D 226 -12.73 -51.58 -37.65
N ARG D 227 -11.43 -51.87 -37.59
CA ARG D 227 -10.99 -53.02 -36.79
C ARG D 227 -11.04 -52.72 -35.30
N GLN D 228 -10.86 -51.46 -34.91
CA GLN D 228 -10.82 -51.05 -33.51
C GLN D 228 -11.80 -49.91 -33.28
N PRO D 229 -13.11 -50.18 -33.43
CA PRO D 229 -14.09 -49.09 -33.26
C PRO D 229 -14.14 -48.51 -31.86
N GLY D 230 -13.68 -49.24 -30.85
CA GLY D 230 -13.61 -48.73 -29.49
C GLY D 230 -12.73 -47.50 -29.32
N LEU D 231 -11.86 -47.21 -30.29
CA LEU D 231 -11.05 -45.99 -30.25
C LEU D 231 -11.90 -44.74 -30.24
N TRP D 232 -13.13 -44.79 -30.76
CA TRP D 232 -14.00 -43.63 -30.79
C TRP D 232 -14.48 -43.24 -29.39
N GLY D 233 -14.47 -44.19 -28.44
CA GLY D 233 -14.90 -43.89 -27.09
C GLY D 233 -13.86 -43.23 -26.23
N LEU D 234 -12.64 -43.07 -26.73
CA LEU D 234 -11.58 -42.44 -25.97
C LEU D 234 -11.91 -40.97 -25.70
N HIS D 235 -11.34 -40.44 -24.63
CA HIS D 235 -11.53 -39.02 -24.33
C HIS D 235 -10.85 -38.13 -25.37
N ALA D 236 -9.65 -38.52 -25.80
CA ALA D 236 -8.89 -37.67 -26.71
C ALA D 236 -7.81 -38.49 -27.40
N ILE D 237 -7.40 -38.02 -28.56
CA ILE D 237 -6.26 -38.56 -29.29
C ILE D 237 -5.27 -37.41 -29.49
N ARG D 238 -4.07 -37.57 -28.95
CA ARG D 238 -2.99 -36.60 -29.14
C ARG D 238 -1.95 -37.20 -30.07
N THR D 239 -1.79 -36.60 -31.24
CA THR D 239 -0.84 -37.05 -32.23
C THR D 239 0.50 -36.37 -32.00
N SER D 240 1.57 -37.17 -31.94
CA SER D 240 2.93 -36.64 -31.89
C SER D 240 3.32 -36.19 -33.29
N LEU D 241 3.35 -34.88 -33.50
CA LEU D 241 3.60 -34.30 -34.82
C LEU D 241 5.09 -34.07 -35.00
N TYR D 242 5.72 -34.88 -35.85
CA TYR D 242 7.17 -34.88 -36.06
C TYR D 242 7.60 -34.10 -37.29
N GLY D 243 6.82 -33.11 -37.71
CA GLY D 243 7.16 -32.32 -38.89
C GLY D 243 5.92 -31.80 -39.56
N LEU D 244 6.13 -31.00 -40.61
CA LEU D 244 5.04 -30.35 -41.33
C LEU D 244 5.07 -30.59 -42.83
N ASN D 245 6.03 -31.38 -43.33
CA ASN D 245 6.00 -31.88 -44.69
C ASN D 245 6.71 -33.24 -44.72
N ASP D 246 6.71 -33.86 -45.89
CA ASP D 246 7.27 -35.21 -46.02
C ASP D 246 8.76 -35.22 -45.67
N GLU D 247 9.50 -34.19 -46.09
CA GLU D 247 10.94 -34.19 -45.87
C GLU D 247 11.30 -34.15 -44.40
N GLU D 248 10.66 -33.25 -43.65
CA GLU D 248 10.96 -33.15 -42.21
C GLU D 248 10.61 -34.45 -41.47
N TYR D 249 9.50 -35.09 -41.84
CA TYR D 249 9.10 -36.33 -41.18
C TYR D 249 10.08 -37.46 -41.47
N GLU D 250 10.55 -37.56 -42.71
CA GLU D 250 11.60 -38.53 -43.01
C GLU D 250 12.89 -38.18 -42.27
N GLN D 251 13.19 -36.89 -42.16
CA GLN D 251 14.35 -36.46 -41.39
C GLN D 251 14.23 -36.93 -39.95
N THR D 252 13.03 -36.84 -39.37
CA THR D 252 12.85 -37.15 -37.96
C THR D 252 12.66 -38.65 -37.73
N THR D 253 11.70 -39.24 -38.45
CA THR D 253 11.29 -40.61 -38.20
C THR D 253 12.03 -41.64 -39.05
N GLY D 254 12.62 -41.22 -40.16
CA GLY D 254 13.26 -42.16 -41.07
C GLY D 254 12.32 -42.84 -42.05
N LYS D 255 11.05 -42.45 -42.08
CA LYS D 255 10.07 -43.06 -42.97
C LYS D 255 9.68 -42.09 -44.07
N LYS D 256 9.52 -42.62 -45.28
CA LYS D 256 9.18 -41.81 -46.44
C LYS D 256 7.68 -41.61 -46.53
N ALA D 257 7.28 -40.41 -46.98
CA ALA D 257 5.87 -40.07 -47.19
C ALA D 257 5.04 -40.29 -45.93
N ALA D 258 5.66 -40.10 -44.76
CA ALA D 258 4.94 -40.29 -43.52
C ALA D 258 4.04 -39.11 -43.18
N PHE D 259 4.42 -37.89 -43.57
CA PHE D 259 3.54 -36.75 -43.32
C PHE D 259 2.27 -36.85 -44.14
N ARG D 260 2.37 -37.29 -45.40
CA ARG D 260 1.21 -37.46 -46.24
C ARG D 260 0.23 -38.42 -45.59
N ARG D 261 0.73 -39.53 -45.04
CA ARG D 261 -0.13 -40.51 -44.40
C ARG D 261 -0.78 -39.93 -43.14
N VAL D 262 -0.01 -39.21 -42.32
CA VAL D 262 -0.55 -38.71 -41.05
C VAL D 262 -1.62 -37.66 -41.32
N ARG D 263 -1.34 -36.68 -42.19
CA ARG D 263 -2.34 -35.68 -42.51
C ARG D 263 -3.58 -36.33 -43.14
N GLU D 264 -3.37 -37.27 -44.05
CA GLU D 264 -4.49 -38.00 -44.65
C GLU D 264 -5.34 -38.68 -43.59
N ASN D 265 -4.69 -39.34 -42.62
CA ASN D 265 -5.43 -39.98 -41.54
C ASN D 265 -6.22 -38.96 -40.73
N LEU D 266 -5.60 -37.82 -40.42
CA LEU D 266 -6.22 -36.86 -39.51
C LEU D 266 -7.35 -36.10 -40.21
N ARG D 267 -7.18 -35.79 -41.50
CA ARG D 267 -8.28 -35.17 -42.25
C ARG D 267 -9.44 -36.15 -42.40
N ARG D 268 -9.14 -37.42 -42.66
CA ARG D 268 -10.18 -38.45 -42.66
C ARG D 268 -10.84 -38.54 -41.29
N PHE D 269 -10.03 -38.54 -40.22
CA PHE D 269 -10.59 -38.61 -38.87
C PHE D 269 -11.49 -37.41 -38.60
N GLN D 270 -11.13 -36.23 -39.11
CA GLN D 270 -11.95 -35.04 -38.91
C GLN D 270 -13.32 -35.19 -39.57
N GLN D 271 -13.35 -35.70 -40.81
CA GLN D 271 -14.61 -35.95 -41.47
C GLN D 271 -15.45 -36.95 -40.68
N LEU D 272 -14.86 -38.09 -40.32
CA LEU D 272 -15.59 -39.13 -39.61
C LEU D 272 -16.05 -38.64 -38.25
N ARG D 273 -15.22 -37.85 -37.57
CA ARG D 273 -15.60 -37.33 -36.25
C ARG D 273 -16.86 -36.49 -36.34
N ALA D 274 -16.98 -35.67 -37.40
CA ALA D 274 -18.13 -34.78 -37.51
C ALA D 274 -19.39 -35.54 -37.92
N GLU D 275 -19.25 -36.56 -38.77
CA GLU D 275 -20.40 -37.36 -39.16
C GLU D 275 -20.99 -38.12 -37.99
N ARG D 276 -20.13 -38.72 -37.15
CA ARG D 276 -20.60 -39.42 -35.97
C ARG D 276 -21.05 -38.46 -34.87
N GLU D 277 -20.76 -37.17 -35.00
CA GLU D 277 -20.92 -36.20 -33.91
C GLU D 277 -20.27 -36.73 -32.64
N SER D 278 -19.04 -37.24 -32.80
CA SER D 278 -18.26 -37.84 -31.73
C SER D 278 -17.67 -36.75 -30.83
N PRO D 279 -17.76 -36.92 -29.51
CA PRO D 279 -17.20 -35.91 -28.59
C PRO D 279 -15.69 -36.01 -28.39
N ILE D 280 -15.01 -36.91 -29.10
CA ILE D 280 -13.59 -37.15 -28.86
C ILE D 280 -12.79 -35.89 -29.18
N ASN D 281 -11.78 -35.62 -28.36
CA ASN D 281 -10.91 -34.46 -28.55
C ASN D 281 -9.70 -34.85 -29.38
N LEU D 282 -9.18 -33.88 -30.13
CA LEU D 282 -7.99 -34.06 -30.94
C LEU D 282 -6.93 -33.04 -30.52
N GLY D 283 -5.70 -33.51 -30.34
CA GLY D 283 -4.59 -32.65 -29.96
C GLY D 283 -3.34 -33.00 -30.73
N PHE D 284 -2.30 -32.20 -30.51
CA PHE D 284 -1.03 -32.41 -31.18
C PHE D 284 0.10 -31.96 -30.26
N ALA D 285 1.18 -32.71 -30.26
CA ALA D 285 2.43 -32.33 -29.62
C ALA D 285 3.42 -31.93 -30.69
N TYR D 286 4.12 -30.82 -30.48
CA TYR D 286 5.04 -30.25 -31.46
C TYR D 286 6.27 -29.72 -30.76
N ILE D 287 7.45 -30.07 -31.28
CA ILE D 287 8.72 -29.65 -30.72
C ILE D 287 9.29 -28.53 -31.59
N VAL D 288 9.48 -27.36 -31.00
CA VAL D 288 10.12 -26.24 -31.70
C VAL D 288 11.63 -26.45 -31.68
N LEU D 289 12.24 -26.36 -32.84
CA LEU D 289 13.67 -26.60 -32.99
C LEU D 289 14.44 -25.29 -32.86
N PRO D 290 15.71 -25.34 -32.48
CA PRO D 290 16.45 -24.10 -32.19
C PRO D 290 16.57 -23.21 -33.43
N GLY D 291 16.05 -21.98 -33.30
CA GLY D 291 16.06 -21.03 -34.38
C GLY D 291 14.94 -21.16 -35.38
N ARG D 292 14.24 -22.29 -35.39
CA ARG D 292 13.18 -22.54 -36.36
C ARG D 292 11.79 -22.28 -35.80
N ALA D 293 11.69 -21.43 -34.77
CA ALA D 293 10.41 -21.16 -34.12
C ALA D 293 9.42 -20.42 -35.03
N SER D 294 9.84 -20.01 -36.23
CA SER D 294 8.89 -19.44 -37.18
C SER D 294 7.98 -20.49 -37.79
N ARG D 295 8.35 -21.77 -37.70
CA ARG D 295 7.49 -22.85 -38.18
C ARG D 295 6.24 -23.04 -37.33
N LEU D 296 6.15 -22.36 -36.18
CA LEU D 296 4.91 -22.38 -35.41
C LEU D 296 3.76 -21.80 -36.20
N LEU D 297 4.04 -20.84 -37.10
CA LEU D 297 2.98 -20.28 -37.93
C LEU D 297 2.48 -21.29 -38.94
N ASP D 298 3.39 -22.09 -39.51
CA ASP D 298 2.98 -23.14 -40.42
C ASP D 298 2.17 -24.21 -39.71
N LEU D 299 2.44 -24.43 -38.42
CA LEU D 299 1.62 -25.35 -37.63
C LEU D 299 0.17 -24.88 -37.60
N VAL D 300 -0.05 -23.57 -37.43
CA VAL D 300 -1.41 -23.03 -37.43
C VAL D 300 -2.08 -23.30 -38.78
N ASP D 301 -1.32 -23.18 -39.88
CA ASP D 301 -1.87 -23.52 -41.19
C ASP D 301 -2.24 -25.01 -41.24
N PHE D 302 -1.39 -25.86 -40.68
CA PHE D 302 -1.70 -27.29 -40.62
C PHE D 302 -2.99 -27.55 -39.86
N ILE D 303 -3.19 -26.87 -38.74
CA ILE D 303 -4.40 -27.06 -37.95
C ILE D 303 -5.62 -26.49 -38.69
N ALA D 304 -5.44 -25.38 -39.39
CA ALA D 304 -6.56 -24.76 -40.10
C ALA D 304 -7.09 -25.65 -41.21
N ASP D 305 -6.19 -26.24 -42.00
CA ASP D 305 -6.62 -27.19 -43.03
C ASP D 305 -7.32 -28.39 -42.42
N LEU D 306 -6.89 -28.83 -41.23
CA LEU D 306 -7.60 -29.90 -40.54
C LEU D 306 -8.99 -29.45 -40.12
N ASN D 307 -9.13 -28.20 -39.68
CA ASN D 307 -10.43 -27.69 -39.29
C ASN D 307 -11.39 -27.66 -40.47
N ASP D 308 -10.90 -27.28 -41.65
CA ASP D 308 -11.76 -27.23 -42.83
C ASP D 308 -12.27 -28.60 -43.24
N ALA D 309 -11.59 -29.67 -42.81
CA ALA D 309 -12.03 -31.03 -43.12
C ALA D 309 -13.00 -31.59 -42.10
N GLY D 310 -13.25 -30.88 -41.00
CA GLY D 310 -14.14 -31.36 -39.95
C GLY D 310 -15.48 -30.67 -39.83
N GLN D 311 -15.89 -29.89 -40.84
CA GLN D 311 -17.11 -29.08 -40.85
C GLN D 311 -17.47 -28.50 -39.49
N GLY D 312 -16.78 -27.43 -39.08
CA GLY D 312 -17.10 -26.77 -37.84
C GLY D 312 -16.70 -27.53 -36.59
N ARG D 313 -15.97 -28.63 -36.74
CA ARG D 313 -15.43 -29.39 -35.62
C ARG D 313 -13.92 -29.20 -35.62
N THR D 314 -13.42 -28.46 -34.64
CA THR D 314 -12.04 -27.97 -34.67
C THR D 314 -11.12 -28.81 -33.80
N ILE D 315 -9.82 -28.70 -34.08
CA ILE D 315 -8.80 -29.28 -33.23
C ILE D 315 -8.84 -28.58 -31.87
N ASP D 316 -8.70 -29.37 -30.80
CA ASP D 316 -8.97 -28.85 -29.47
C ASP D 316 -7.73 -28.26 -28.79
N PHE D 317 -6.56 -28.86 -28.93
CA PHE D 317 -5.41 -28.37 -28.20
C PHE D 317 -4.11 -28.71 -28.93
N VAL D 318 -3.06 -27.98 -28.56
CA VAL D 318 -1.70 -28.27 -29.00
C VAL D 318 -0.79 -28.20 -27.78
N ASN D 319 0.21 -29.07 -27.75
CA ASN D 319 1.25 -29.04 -26.73
C ASN D 319 2.56 -28.66 -27.42
N ILE D 320 3.06 -27.46 -27.13
CA ILE D 320 4.27 -26.94 -27.74
C ILE D 320 5.38 -27.03 -26.71
N ARG D 321 6.43 -27.79 -27.03
CA ARG D 321 7.53 -28.01 -26.09
C ARG D 321 8.86 -27.82 -26.79
N GLU D 322 9.92 -27.83 -25.99
CA GLU D 322 11.25 -27.40 -26.39
C GLU D 322 12.17 -28.59 -26.67
N ASP D 323 13.29 -28.30 -27.30
CA ASP D 323 14.35 -29.30 -27.51
C ASP D 323 15.41 -29.17 -26.42
N GLU D 336 21.13 -15.92 -27.96
CA GLU D 336 19.96 -15.11 -27.63
C GLU D 336 18.69 -15.81 -28.07
N ARG D 337 17.61 -15.59 -27.32
CA ARG D 337 16.34 -16.25 -27.60
C ARG D 337 15.17 -15.28 -27.69
N ALA D 338 15.44 -14.05 -28.15
CA ALA D 338 14.37 -13.11 -28.46
C ALA D 338 13.73 -13.39 -29.82
N GLU D 339 14.41 -14.17 -30.67
CA GLU D 339 13.76 -14.68 -31.87
C GLU D 339 12.66 -15.67 -31.51
N LEU D 340 12.80 -16.35 -30.37
CA LEU D 340 11.77 -17.25 -29.87
C LEU D 340 10.62 -16.49 -29.24
N GLN D 341 10.92 -15.43 -28.47
CA GLN D 341 9.92 -14.77 -27.66
C GLN D 341 8.80 -14.17 -28.51
N GLU D 342 9.15 -13.53 -29.63
CA GLU D 342 8.13 -12.98 -30.52
C GLU D 342 7.64 -14.01 -31.54
N ALA D 343 8.40 -15.08 -31.78
CA ALA D 343 7.87 -16.19 -32.54
C ALA D 343 6.64 -16.79 -31.86
N LEU D 344 6.60 -16.74 -30.53
CA LEU D 344 5.45 -17.24 -29.81
C LEU D 344 4.32 -16.22 -29.73
N ASN D 345 4.64 -14.93 -29.68
CA ASN D 345 3.60 -13.92 -29.78
C ASN D 345 2.94 -13.95 -31.14
N ALA D 346 3.72 -14.12 -32.21
CA ALA D 346 3.16 -14.25 -33.54
C ALA D 346 2.29 -15.50 -33.63
N PHE D 347 2.79 -16.62 -33.10
CA PHE D 347 2.00 -17.85 -33.06
C PHE D 347 0.71 -17.65 -32.26
N GLU D 348 0.82 -17.02 -31.08
CA GLU D 348 -0.37 -16.76 -30.27
C GLU D 348 -1.37 -15.88 -31.01
N GLU D 349 -0.89 -14.90 -31.76
CA GLU D 349 -1.80 -14.00 -32.47
C GLU D 349 -2.44 -14.68 -33.67
N ARG D 350 -1.65 -15.45 -34.43
CA ARG D 350 -2.22 -16.14 -35.58
C ARG D 350 -3.26 -17.17 -35.16
N VAL D 351 -3.09 -17.77 -33.98
CA VAL D 351 -4.11 -18.67 -33.45
C VAL D 351 -5.44 -17.93 -33.31
N ARG D 352 -5.40 -16.71 -32.74
CA ARG D 352 -6.62 -15.93 -32.61
C ARG D 352 -7.18 -15.53 -33.97
N GLU D 353 -6.31 -15.37 -34.96
CA GLU D 353 -6.78 -15.01 -36.30
C GLU D 353 -7.38 -16.20 -37.02
N ARG D 354 -6.82 -17.39 -36.83
CA ARG D 354 -7.13 -18.55 -37.65
C ARG D 354 -7.79 -19.70 -36.92
N THR D 355 -7.45 -19.93 -35.65
CA THR D 355 -7.95 -21.07 -34.88
C THR D 355 -8.30 -20.61 -33.47
N PRO D 356 -9.30 -19.74 -33.32
CA PRO D 356 -9.47 -19.01 -32.05
C PRO D 356 -9.85 -19.89 -30.87
N GLY D 357 -10.29 -21.13 -31.11
CA GLY D 357 -10.63 -22.03 -30.04
C GLY D 357 -9.53 -22.98 -29.61
N LEU D 358 -8.35 -22.91 -30.22
CA LEU D 358 -7.29 -23.85 -29.94
C LEU D 358 -6.66 -23.56 -28.58
N HIS D 359 -6.68 -24.54 -27.69
CA HIS D 359 -6.02 -24.40 -26.40
C HIS D 359 -4.52 -24.60 -26.56
N ILE D 360 -3.74 -23.63 -26.08
CA ILE D 360 -2.29 -23.66 -26.19
C ILE D 360 -1.70 -23.96 -24.82
N ASP D 361 -0.76 -24.88 -24.77
CA ASP D 361 -0.05 -25.20 -23.55
C ASP D 361 1.43 -25.33 -23.89
N TYR D 362 2.28 -24.70 -23.09
CA TYR D 362 3.72 -24.74 -23.26
C TYR D 362 4.35 -25.60 -22.18
N GLY D 363 5.57 -26.04 -22.45
CA GLY D 363 6.36 -26.71 -21.45
C GLY D 363 6.83 -25.74 -20.38
N TYR D 364 7.57 -26.30 -19.42
CA TYR D 364 8.08 -25.47 -18.32
C TYR D 364 9.08 -24.45 -18.83
N ALA D 365 10.08 -24.89 -19.60
CA ALA D 365 11.12 -23.97 -20.08
C ALA D 365 10.54 -22.94 -21.03
N LEU D 366 9.76 -23.38 -22.02
CA LEU D 366 9.17 -22.46 -22.97
C LEU D 366 8.29 -21.43 -22.27
N ASN D 367 7.59 -21.83 -21.21
CA ASN D 367 6.77 -20.90 -20.46
C ASN D 367 7.61 -19.85 -19.75
N SER D 368 8.84 -20.21 -19.33
CA SER D 368 9.72 -19.24 -18.72
C SER D 368 10.48 -18.41 -19.74
N LEU D 369 10.66 -18.91 -20.96
CA LEU D 369 11.33 -18.13 -21.99
C LEU D 369 10.46 -16.97 -22.46
N ARG D 370 9.16 -17.21 -22.61
CA ARG D 370 8.21 -16.10 -22.59
C ARG D 370 8.34 -15.40 -21.24
N THR D 371 8.31 -14.06 -21.27
CA THR D 371 8.65 -13.13 -20.19
C THR D 371 10.15 -12.85 -20.15
N GLY D 372 10.94 -13.49 -21.00
CA GLY D 372 12.36 -13.18 -21.10
C GLY D 372 13.22 -13.72 -19.99
N ALA D 373 12.70 -14.59 -19.14
CA ALA D 373 13.49 -15.14 -18.05
C ALA D 373 14.53 -16.13 -18.56
N ASP D 374 15.66 -16.18 -17.87
CA ASP D 374 16.76 -17.06 -18.23
C ASP D 374 16.69 -18.32 -17.38
N ALA D 375 15.81 -19.23 -17.77
CA ALA D 375 15.65 -20.49 -17.06
C ALA D 375 15.75 -21.66 -18.02
N GLU D 376 16.26 -22.77 -17.49
CA GLU D 376 16.47 -24.02 -18.19
C GLU D 376 15.43 -25.04 -17.72
N LEU D 377 15.47 -26.23 -18.30
CA LEU D 377 14.75 -27.37 -17.76
C LEU D 377 15.60 -28.04 -16.68
N LEU D 378 14.96 -28.94 -15.92
CA LEU D 378 15.69 -29.73 -14.96
C LEU D 378 16.59 -30.74 -15.68
N ARG D 379 17.71 -31.08 -15.05
CA ARG D 379 18.61 -32.12 -15.56
C ARG D 379 19.02 -32.98 -14.35
N ILE D 380 18.12 -33.88 -13.95
CA ILE D 380 18.43 -34.81 -12.88
C ILE D 380 19.57 -35.73 -13.32
N LYS D 381 20.52 -35.94 -12.42
CA LYS D 381 21.66 -36.82 -12.62
C LYS D 381 21.49 -38.07 -11.78
N PRO D 382 22.30 -39.11 -12.02
CA PRO D 382 22.25 -40.29 -11.15
C PRO D 382 22.33 -39.98 -9.66
N ALA D 383 23.19 -39.05 -9.26
CA ALA D 383 23.38 -38.74 -7.85
C ALA D 383 22.14 -38.14 -7.20
N THR D 384 21.24 -37.51 -7.97
CA THR D 384 20.04 -36.92 -7.42
C THR D 384 18.80 -37.74 -7.66
N MET D 385 18.91 -38.87 -8.35
CA MET D 385 17.77 -39.78 -8.47
C MET D 385 17.50 -40.45 -7.13
N ARG D 386 16.23 -40.63 -6.82
CA ARG D 386 15.84 -41.27 -5.57
C ARG D 386 15.72 -42.77 -5.78
N PRO D 387 16.45 -43.60 -5.01
CA PRO D 387 16.45 -45.05 -5.28
C PRO D 387 15.08 -45.69 -5.21
N THR D 388 14.17 -45.19 -4.38
CA THR D 388 12.85 -45.78 -4.28
C THR D 388 11.97 -45.48 -5.49
N ALA D 389 12.38 -44.54 -6.35
CA ALA D 389 11.52 -43.98 -7.38
C ALA D 389 10.23 -43.47 -6.75
N HIS D 390 9.15 -43.38 -7.52
CA HIS D 390 7.88 -42.82 -7.04
C HIS D 390 6.70 -43.60 -7.61
N PRO D 391 6.61 -44.89 -7.31
CA PRO D 391 5.48 -45.66 -7.86
C PRO D 391 4.13 -45.16 -7.37
N GLN D 392 4.07 -44.54 -6.19
CA GLN D 392 2.83 -43.94 -5.72
C GLN D 392 2.34 -42.84 -6.65
N VAL D 393 3.26 -42.20 -7.39
CA VAL D 393 2.89 -41.12 -8.31
C VAL D 393 2.61 -41.65 -9.70
N ALA D 394 3.49 -42.50 -10.26
CA ALA D 394 3.34 -42.94 -11.63
C ALA D 394 4.06 -44.25 -11.85
N VAL D 395 3.41 -45.17 -12.57
CA VAL D 395 4.04 -46.40 -13.06
C VAL D 395 3.57 -46.63 -14.49
N GLN D 396 4.25 -47.56 -15.16
CA GLN D 396 3.94 -47.91 -16.54
C GLN D 396 4.04 -49.42 -16.71
N VAL D 397 3.11 -49.99 -17.48
CA VAL D 397 3.03 -51.43 -17.70
C VAL D 397 3.07 -51.70 -19.20
N ASP D 398 3.93 -52.63 -19.61
CA ASP D 398 4.04 -53.00 -21.01
C ASP D 398 3.31 -54.32 -21.27
N LEU D 399 3.43 -54.82 -22.50
CA LEU D 399 2.62 -55.97 -22.93
C LEU D 399 2.92 -57.22 -22.12
N LEU D 400 4.12 -57.33 -21.54
CA LEU D 400 4.49 -58.48 -20.73
C LEU D 400 4.05 -58.36 -19.28
N GLY D 401 3.36 -57.28 -18.92
CA GLY D 401 3.00 -57.02 -17.54
C GLY D 401 4.10 -56.39 -16.70
N ASP D 402 5.26 -56.13 -17.28
CA ASP D 402 6.36 -55.53 -16.51
C ASP D 402 6.02 -54.10 -16.13
N VAL D 403 6.20 -53.77 -14.86
CA VAL D 403 5.84 -52.47 -14.29
C VAL D 403 7.11 -51.63 -14.18
N TYR D 404 7.22 -50.61 -15.02
CA TYR D 404 8.40 -49.76 -15.04
C TYR D 404 8.21 -48.54 -14.15
N LEU D 405 9.30 -48.11 -13.50
CA LEU D 405 9.23 -47.01 -12.54
C LEU D 405 9.41 -45.64 -13.18
N TYR D 406 9.90 -45.57 -14.42
CA TYR D 406 10.04 -44.32 -15.13
C TYR D 406 9.54 -44.48 -16.55
N ARG D 407 9.05 -43.37 -17.12
CA ARG D 407 8.31 -43.42 -18.38
C ARG D 407 9.19 -43.88 -19.55
N GLU D 408 10.43 -43.40 -19.60
CA GLU D 408 11.33 -43.72 -20.71
C GLU D 408 12.13 -44.99 -20.47
N ALA D 409 11.77 -45.79 -19.46
CA ALA D 409 12.40 -47.09 -19.28
C ALA D 409 11.59 -48.22 -19.91
N GLY D 410 10.33 -48.00 -20.22
CA GLY D 410 9.50 -49.05 -20.79
C GLY D 410 9.72 -49.27 -22.28
N PHE D 411 10.90 -49.80 -22.64
CA PHE D 411 11.26 -50.09 -24.02
C PHE D 411 11.95 -51.44 -24.00
N PRO D 412 11.54 -52.37 -24.88
CA PRO D 412 12.18 -53.69 -24.89
C PRO D 412 13.66 -53.59 -25.25
N ASP D 413 14.48 -54.35 -24.51
CA ASP D 413 15.92 -54.49 -24.73
C ASP D 413 16.70 -53.20 -24.50
N LEU D 414 16.09 -52.17 -23.94
CA LEU D 414 16.83 -50.95 -23.62
C LEU D 414 17.90 -51.25 -22.58
N ASP D 415 19.14 -50.84 -22.87
CA ASP D 415 20.28 -51.15 -22.03
C ASP D 415 20.06 -50.64 -20.60
N GLY D 416 20.03 -51.57 -19.64
CA GLY D 416 19.91 -51.24 -18.24
C GLY D 416 18.50 -50.99 -17.74
N ALA D 417 17.49 -51.02 -18.61
CA ALA D 417 16.14 -50.62 -18.23
C ALA D 417 15.45 -51.67 -17.35
N THR D 418 15.83 -52.94 -17.48
CA THR D 418 15.18 -53.98 -16.70
C THR D 418 15.42 -53.82 -15.20
N ARG D 419 16.45 -53.09 -14.80
CA ARG D 419 16.70 -52.86 -13.38
C ARG D 419 15.62 -52.00 -12.74
N TYR D 420 14.79 -51.31 -13.54
CA TYR D 420 13.76 -50.43 -13.01
C TYR D 420 12.35 -51.03 -13.19
N ILE D 421 12.27 -52.36 -13.21
CA ILE D 421 11.00 -53.08 -13.23
C ILE D 421 10.68 -53.43 -11.78
N ALA D 422 9.62 -52.82 -11.24
CA ALA D 422 9.25 -53.09 -9.86
C ALA D 422 8.62 -54.47 -9.69
N GLY D 423 8.18 -55.08 -10.79
CA GLY D 423 7.47 -56.33 -10.73
C GLY D 423 6.71 -56.54 -12.03
N ARG D 424 5.96 -57.65 -12.07
CA ARG D 424 5.24 -58.03 -13.27
C ARG D 424 3.80 -58.38 -12.91
N VAL D 425 2.85 -57.81 -13.65
CA VAL D 425 1.43 -58.12 -13.45
C VAL D 425 1.12 -59.43 -14.15
N THR D 426 0.64 -60.40 -13.39
CA THR D 426 0.25 -61.73 -13.86
C THR D 426 -1.14 -62.04 -13.34
N PRO D 427 -1.76 -63.12 -13.82
CA PRO D 427 -3.05 -63.53 -13.22
C PRO D 427 -2.98 -63.78 -11.72
N ASP D 428 -1.79 -64.01 -11.16
CA ASP D 428 -1.63 -64.21 -9.73
C ASP D 428 -1.10 -63.00 -9.00
N THR D 429 -0.82 -61.90 -9.71
CA THR D 429 -0.18 -60.73 -9.09
C THR D 429 -0.73 -59.48 -9.76
N SER D 430 -1.47 -58.68 -9.00
CA SER D 430 -2.07 -57.47 -9.53
C SER D 430 -1.06 -56.33 -9.55
N LEU D 431 -1.43 -55.24 -10.23
CA LEU D 431 -0.62 -54.02 -10.16
C LEU D 431 -0.55 -53.51 -8.73
N THR D 432 -1.70 -53.47 -8.06
CA THR D 432 -1.75 -53.08 -6.65
C THR D 432 -0.74 -53.87 -5.83
N GLU D 433 -0.62 -55.17 -6.08
CA GLU D 433 0.31 -55.98 -5.31
C GLU D 433 1.76 -55.76 -5.74
N VAL D 434 2.00 -55.53 -7.04
CA VAL D 434 3.35 -55.22 -7.49
C VAL D 434 3.87 -53.97 -6.80
N VAL D 435 3.04 -52.92 -6.77
CA VAL D 435 3.47 -51.66 -6.15
C VAL D 435 3.59 -51.81 -4.64
N ARG D 436 2.68 -52.57 -4.02
CA ARG D 436 2.69 -52.69 -2.57
C ARG D 436 3.93 -53.43 -2.09
N ASP D 437 4.26 -54.56 -2.73
CA ASP D 437 5.43 -55.32 -2.31
C ASP D 437 6.71 -54.51 -2.47
N PHE D 438 6.85 -53.81 -3.60
CA PHE D 438 8.06 -53.04 -3.85
C PHE D 438 8.24 -51.95 -2.79
N VAL D 439 7.16 -51.24 -2.47
CA VAL D 439 7.25 -50.16 -1.49
C VAL D 439 7.51 -50.71 -0.09
N GLU D 440 6.72 -51.70 0.34
CA GLU D 440 6.78 -52.16 1.73
C GLU D 440 8.11 -52.83 2.05
N ARG D 441 8.71 -53.52 1.07
CA ARG D 441 10.03 -54.10 1.29
C ARG D 441 11.16 -53.09 1.11
N GLY D 442 10.84 -51.83 0.85
CA GLY D 442 11.85 -50.82 0.64
C GLY D 442 12.69 -51.05 -0.60
N GLY D 443 12.08 -51.51 -1.68
CA GLY D 443 12.83 -51.77 -2.90
C GLY D 443 13.52 -50.51 -3.40
N GLU D 444 14.74 -50.69 -3.90
CA GLU D 444 15.58 -49.59 -4.35
C GLU D 444 16.37 -50.01 -5.57
N VAL D 445 16.80 -49.03 -6.36
CA VAL D 445 17.65 -49.24 -7.52
C VAL D 445 18.77 -48.21 -7.48
N ALA D 446 20.01 -48.67 -7.35
CA ALA D 446 21.15 -47.77 -7.32
C ALA D 446 21.41 -47.26 -8.74
N ALA D 447 21.40 -45.93 -8.89
CA ALA D 447 21.49 -45.34 -10.23
C ALA D 447 22.90 -45.49 -10.80
N VAL D 448 22.96 -45.85 -12.07
CA VAL D 448 24.22 -45.87 -12.82
C VAL D 448 24.12 -44.82 -13.92
N ASP D 449 25.29 -44.42 -14.42
CA ASP D 449 25.35 -43.44 -15.50
C ASP D 449 24.54 -43.92 -16.69
N GLY D 450 23.62 -43.07 -17.15
CA GLY D 450 22.70 -43.42 -18.22
C GLY D 450 21.28 -43.69 -17.74
N ASP D 451 21.09 -44.01 -16.46
CA ASP D 451 19.76 -44.24 -15.94
C ASP D 451 18.92 -42.97 -15.97
N GLU D 452 19.56 -41.80 -15.94
CA GLU D 452 18.81 -40.55 -15.94
C GLU D 452 18.00 -40.38 -17.22
N TYR D 453 18.39 -41.03 -18.30
CA TYR D 453 17.62 -40.97 -19.54
C TYR D 453 16.28 -41.71 -19.44
N PHE D 454 16.08 -42.54 -18.42
CA PHE D 454 14.82 -43.24 -18.26
C PHE D 454 13.70 -42.32 -17.79
N MET D 455 14.03 -41.13 -17.28
CA MET D 455 13.04 -40.23 -16.72
C MET D 455 12.57 -39.22 -17.78
N ASP D 456 11.25 -39.11 -17.94
CA ASP D 456 10.68 -38.09 -18.79
C ASP D 456 10.59 -36.78 -18.01
N GLY D 457 9.98 -35.76 -18.60
CA GLY D 457 9.92 -34.47 -17.93
C GLY D 457 9.13 -34.51 -16.64
N PHE D 458 8.02 -35.27 -16.63
CA PHE D 458 7.23 -35.41 -15.43
C PHE D 458 8.02 -36.12 -14.31
N ASP D 459 8.76 -37.17 -14.68
CA ASP D 459 9.55 -37.91 -13.69
C ASP D 459 10.58 -37.01 -13.04
N GLN D 460 11.20 -36.11 -13.82
CA GLN D 460 12.21 -35.22 -13.26
C GLN D 460 11.59 -34.16 -12.35
N VAL D 461 10.39 -33.70 -12.68
CA VAL D 461 9.69 -32.77 -11.80
C VAL D 461 9.33 -33.46 -10.49
N VAL D 462 8.80 -34.68 -10.57
CA VAL D 462 8.43 -35.41 -9.36
C VAL D 462 9.66 -35.73 -8.52
N THR D 463 10.75 -36.16 -9.17
CA THR D 463 11.99 -36.39 -8.43
C THR D 463 12.46 -35.12 -7.74
N ALA D 464 12.47 -33.99 -8.47
CA ALA D 464 12.96 -32.74 -7.90
C ALA D 464 12.10 -32.28 -6.73
N ARG D 465 10.78 -32.47 -6.84
CA ARG D 465 9.90 -32.08 -5.74
C ARG D 465 10.09 -32.99 -4.53
N LEU D 466 10.21 -34.29 -4.76
CA LEU D 466 10.38 -35.21 -3.64
C LEU D 466 11.73 -35.00 -2.94
N ASN D 467 12.79 -34.75 -3.72
CA ASN D 467 14.07 -34.40 -3.11
C ASN D 467 13.94 -33.15 -2.25
N GLN D 468 13.23 -32.13 -2.76
CA GLN D 468 13.03 -30.91 -2.01
C GLN D 468 12.20 -31.15 -0.75
N LEU D 469 11.10 -31.90 -0.89
CA LEU D 469 10.25 -32.19 0.26
C LEU D 469 10.98 -33.04 1.30
N GLU D 470 11.77 -34.01 0.86
CA GLU D 470 12.51 -34.85 1.80
C GLU D 470 13.61 -34.04 2.50
N ARG D 471 14.27 -33.15 1.75
CA ARG D 471 15.30 -32.31 2.36
C ARG D 471 14.70 -31.37 3.40
N ASP D 472 13.62 -30.67 3.03
CA ASP D 472 12.97 -29.74 3.96
C ASP D 472 12.50 -30.44 5.23
N ALA D 473 11.91 -31.63 5.09
CA ALA D 473 11.43 -32.36 6.27
C ALA D 473 12.59 -32.80 7.17
N ALA D 474 13.66 -33.32 6.56
CA ALA D 474 14.82 -33.73 7.36
C ALA D 474 15.46 -32.55 8.06
N ASP D 475 15.39 -31.36 7.45
CA ASP D 475 15.98 -30.16 8.03
C ASP D 475 15.15 -29.59 9.18
N GLY D 476 14.02 -30.20 9.50
CA GLY D 476 13.17 -29.67 10.54
C GLY D 476 12.11 -28.69 10.07
N TRP D 477 11.84 -28.65 8.76
CA TRP D 477 10.78 -27.81 8.22
C TRP D 477 9.67 -28.67 7.63
N GLU D 478 9.15 -29.62 8.41
CA GLU D 478 8.19 -30.57 7.85
C GLU D 478 6.90 -29.89 7.42
N GLU D 479 6.47 -28.84 8.13
CA GLU D 479 5.20 -28.20 7.80
C GLU D 479 5.37 -27.17 6.68
N ALA D 480 6.49 -26.49 6.61
CA ALA D 480 6.76 -25.54 5.54
C ALA D 480 7.34 -26.20 4.30
N ARG D 481 7.44 -27.53 4.28
CA ARG D 481 8.10 -28.25 3.18
C ARG D 481 7.53 -27.83 1.83
N GLY D 482 8.43 -27.60 0.88
CA GLY D 482 8.04 -27.17 -0.45
C GLY D 482 7.72 -25.70 -0.58
N PHE D 483 7.84 -24.91 0.50
CA PHE D 483 7.57 -23.48 0.52
C PHE D 483 6.09 -23.18 0.32
N LEU D 484 5.52 -23.61 -0.81
CA LEU D 484 4.08 -23.52 -1.07
C LEU D 484 3.53 -24.93 -1.20
N ARG D 485 2.35 -25.16 -0.63
CA ARG D 485 1.76 -26.49 -0.67
C ARG D 485 0.24 -26.47 -0.82
N LEU D 486 -0.47 -26.07 0.23
CA LEU D 486 -1.90 -26.29 0.31
C LEU D 486 -2.67 -24.97 0.31
N GLU D 487 -4.00 -25.11 0.20
CA GLU D 487 -4.94 -24.01 0.37
C GLU D 487 -6.05 -24.45 1.34
N HIS D 488 -7.07 -23.62 1.53
CA HIS D 488 -8.13 -23.89 2.49
C HIS D 488 -9.42 -24.16 1.74
N HIS D 489 -9.87 -25.42 1.75
CA HIS D 489 -11.06 -25.86 1.03
C HIS D 489 -12.09 -26.37 2.04
N HIS D 490 -13.22 -25.65 2.16
CA HIS D 490 -14.30 -26.06 3.05
C HIS D 490 -15.67 -25.68 2.49
N HIS D 491 -15.83 -25.64 1.18
CA HIS D 491 -17.06 -25.12 0.59
C HIS D 491 -18.22 -26.11 0.63
N HIS D 492 -17.95 -27.40 0.75
CA HIS D 492 -18.99 -28.37 1.07
C HIS D 492 -19.18 -28.54 2.57
N HIS D 493 -18.40 -27.80 3.38
CA HIS D 493 -18.39 -27.88 4.84
C HIS D 493 -18.44 -29.31 5.37
FE1 SF4 E . -12.84 29.76 32.57
FE2 SF4 E . -11.10 31.69 33.19
FE3 SF4 E . -13.63 32.33 32.67
FE4 SF4 E . -11.97 31.50 30.64
S1 SF4 E . -11.75 33.42 31.90
S2 SF4 E . -14.13 30.79 31.05
S3 SF4 E . -10.74 29.99 31.71
S4 SF4 E . -12.96 31.12 34.41
N SAM F . -12.76 33.05 28.86
CA SAM F . -12.12 32.70 27.60
C SAM F . -11.94 31.18 27.48
O SAM F . -11.80 30.63 26.38
OXT SAM F . -11.95 30.44 28.46
CB SAM F . -10.77 33.42 27.50
CG SAM F . -9.63 32.46 27.29
SD SAM F . -8.19 32.62 28.37
CE SAM F . -8.58 31.79 29.93
C5' SAM F . -6.97 31.62 27.45
C4' SAM F . -6.98 30.08 27.43
O4' SAM F . -6.24 29.55 28.49
C3' SAM F . -8.34 29.37 27.43
O3' SAM F . -8.43 28.57 26.29
C2' SAM F . -8.32 28.51 28.68
O2' SAM F . -8.96 27.27 28.44
C1' SAM F . -6.83 28.34 28.92
N9 SAM F . -6.43 28.12 30.31
C8 SAM F . -6.69 28.92 31.39
N7 SAM F . -6.11 28.36 32.48
C5 SAM F . -5.46 27.23 32.10
C6 SAM F . -4.72 26.29 32.80
N6 SAM F . -4.52 26.42 34.10
N1 SAM F . -4.17 25.21 32.12
C2 SAM F . -4.38 25.08 30.77
N3 SAM F . -5.13 26.01 30.07
C4 SAM F . -5.66 27.08 30.74
N MET G . 28.10 42.35 -8.47
CA MET G . 27.56 40.99 -8.43
C MET G . 28.67 39.96 -8.56
O MET G . 29.59 40.11 -9.37
CB MET G . 26.53 40.79 -9.54
CG MET G . 25.79 42.06 -9.90
SD MET G . 25.11 42.11 -11.56
CE MET G . 23.51 41.35 -11.30
OXT MET G . 28.66 38.94 -7.88
FE1 SF4 H . 29.14 41.93 -11.16
FE2 SF4 H . 28.63 43.04 -13.61
FE3 SF4 H . 30.65 41.44 -13.43
FE4 SF4 H . 30.77 43.86 -12.23
S1 SF4 H . 30.65 43.50 -14.49
S2 SF4 H . 31.39 41.85 -11.32
S3 SF4 H . 28.66 44.14 -11.61
S4 SF4 H . 28.54 40.82 -13.07
S SO4 I . -18.86 27.73 -11.46
O1 SO4 I . -17.79 27.29 -10.57
O2 SO4 I . -18.47 28.96 -12.15
O3 SO4 I . -19.16 26.67 -12.42
O4 SO4 I . -20.06 28.02 -10.67
C1 GOL J . 21.69 38.06 -6.74
O1 GOL J . 22.09 39.17 -6.01
C2 GOL J . 20.98 37.08 -5.77
O2 GOL J . 20.49 35.94 -6.42
C3 GOL J . 19.85 37.90 -5.12
O3 GOL J . 19.26 37.07 -4.16
C1 GOL K . 13.43 32.82 -2.13
O1 GOL K . 12.70 32.49 -0.99
C2 GOL K . 13.78 34.33 -2.01
O2 GOL K . 14.16 34.66 -0.71
C3 GOL K . 14.93 34.57 -3.02
O3 GOL K . 15.28 35.93 -2.93
FE1 SF4 L . -27.03 -27.16 16.08
FE2 SF4 L . -24.29 -26.99 16.14
FE3 SF4 L . -25.74 -27.25 18.43
FE4 SF4 L . -25.92 -24.93 17.02
S1 SF4 L . -24.04 -25.74 18.01
S2 SF4 L . -27.66 -26.10 17.95
S3 SF4 L . -25.73 -25.68 14.93
S4 SF4 L . -25.58 -28.76 16.82
N SAM M . -22.14 -28.48 16.33
CA SAM M . -21.16 -28.29 15.27
C SAM M . -21.10 -26.84 14.81
O SAM M . -20.26 -26.46 13.99
OXT SAM M . -21.90 -26.01 15.25
CB SAM M . -21.46 -29.22 14.09
CG SAM M . -22.93 -29.54 13.89
SD SAM M . -23.80 -28.29 12.92
CE SAM M . -25.31 -29.18 12.45
C5' SAM M . -22.86 -28.36 11.36
C4' SAM M . -22.76 -27.00 10.67
O4' SAM M . -23.99 -26.68 10.05
C3' SAM M . -22.46 -25.90 11.68
O3' SAM M . -21.35 -25.17 11.22
C2' SAM M . -23.70 -25.03 11.69
O2' SAM M . -23.36 -23.67 11.84
C1' SAM M . -24.29 -25.31 10.33
N9 SAM M . -25.74 -25.09 10.23
C8 SAM M . -26.73 -25.67 10.97
N7 SAM M . -27.92 -25.17 10.54
C5 SAM M . -27.68 -24.29 9.54
C6 SAM M . -28.53 -23.51 8.76
N6 SAM M . -29.85 -23.53 8.92
N1 SAM M . -27.98 -22.68 7.78
C2 SAM M . -26.62 -22.64 7.60
N3 SAM M . -25.79 -23.42 8.38
C4 SAM M . -26.32 -24.23 9.33
S SO4 N . -13.55 -29.31 30.90
O1 SO4 N . -12.84 -30.35 31.63
O2 SO4 N . -13.13 -27.99 31.36
O3 SO4 N . -13.24 -29.42 29.47
O4 SO4 N . -14.98 -29.44 31.11
N MET O . 4.39 -43.71 -30.26
CA MET O . 4.34 -42.61 -29.31
C MET O . 4.84 -41.33 -29.96
O MET O . 4.76 -40.24 -29.39
CB MET O . 5.17 -42.94 -28.05
CG MET O . 6.61 -42.38 -28.07
SD MET O . 7.78 -43.11 -26.88
CE MET O . 7.63 -42.01 -25.49
OXT MET O . 5.34 -41.33 -31.09
FE1 SF4 P . 7.23 -42.99 -30.87
FE2 SF4 P . 8.22 -44.89 -32.52
FE3 SF4 P . 9.82 -43.82 -30.66
FE4 SF4 P . 9.06 -42.34 -32.82
S1 SF4 P . 10.35 -44.24 -32.87
S2 SF4 P . 9.03 -41.67 -30.62
S3 SF4 P . 6.98 -43.07 -33.15
S4 SF4 P . 8.02 -45.06 -30.25
NA NA Q . 0.29 -29.82 -50.17
C1 GOL R . 1.03 -32.79 -13.82
O1 GOL R . 1.28 -32.23 -15.08
C2 GOL R . -0.46 -33.24 -13.78
O2 GOL R . -0.59 -34.52 -13.27
C3 GOL R . -1.18 -32.18 -12.90
O3 GOL R . -2.57 -32.39 -13.03
C1 GOL S . 2.42 -39.61 -22.35
O1 GOL S . 3.57 -40.01 -23.05
C2 GOL S . 2.88 -38.63 -21.22
O2 GOL S . 3.95 -37.84 -21.64
C3 GOL S . 1.62 -37.78 -20.90
O3 GOL S . 1.21 -38.15 -19.61
#